data_5EUV
#
_entry.id   5EUV
#
_cell.length_a   78.490
_cell.length_b   106.240
_cell.length_c   199.390
_cell.angle_alpha   90.00
_cell.angle_beta   90.00
_cell.angle_gamma   90.00
#
_symmetry.space_group_name_H-M   'P 21 21 21'
#
loop_
_entity.id
_entity.type
_entity.pdbx_description
1 polymer Beta-D-galactosidase
2 non-polymer 'ACETATE ION'
3 non-polymer 2-[BIS-(2-HYDROXY-ETHYL)-AMINO]-2-HYDROXYMETHYL-PROPANE-1,3-DIOL
4 non-polymer DI(HYDROXYETHYL)ETHER
5 water water
#
_entity_poly.entity_id   1
_entity_poly.type   'polypeptide(L)'
_entity_poly.pdbx_seq_one_letter_code
;MRVTQKLNHGWIFAEGAADPATPLAGETVTLPHNAVDLPLSYFDETSYQRAFTYQRVIAWDDAWQGRRVQLRFDGAMADN
VVWVNGVQVVAHPDGYTPFVADLTDHLRPGDNLVTVRIDGSENPAIPPFGAQIDYLTYAGIYRDVWLMVLPERHLTNARI
LTPDALSDAKTVVIRPEVTAPGPVRARLLDGDREIAATEGEGELTLAGLTGLSLWSTDNPQLYTVELTLPDSGDVTTHRF
GFRTAEWTPQGFLLNGQPMKLRGLNRHQSWAHQGYAAGRHAQERDAEIVRHDLCCNMVRTSHYPQSTWFLDRCDEIGLLV
FEEIPGWQHIGDQAWQDRSVDNVRAMITRDWNHPSIVIWGVRINESPDNHDFYVRTNALARELDPTRAIGGVRCITDSEM
LEDVYTMNDFILDESELPLINRPRTALRPTEEVTGIKKPVPYLVTEYNGHMFPTKAQDPELRQMEHVIRHLEVLNAAHGD
PAISGCIGWCMFDYNTHKDFGAGDRICHHGVMDIWREPKFAAHAYGSQKPPSEGIVMEPVTFWARGERNIGGVLPLIVLT
NCDEVEFECAGVTRRVGPDRERFPHLPRPPVIIDHRHISAEELGQWGMSWHPGRITGWLNGEQVALREYVADPLPTTLQI
APDRDTLPADGDIDLRVMLRALDQVGNRLPFLDAGIAVTVDGPARLIGPDLRMLQGGTTGMLLRLTGDAGTIRITARHPQ
FPEAVATVTVG
;
_entity_poly.pdbx_strand_id   A,B
#
loop_
_chem_comp.id
_chem_comp.type
_chem_comp.name
_chem_comp.formula
ACT non-polymer 'ACETATE ION' 'C2 H3 O2 -1'
BTB non-polymer 2-[BIS-(2-HYDROXY-ETHYL)-AMINO]-2-HYDROXYMETHYL-PROPANE-1,3-DIOL 'C8 H19 N O5'
PEG non-polymer DI(HYDROXYETHYL)ETHER 'C4 H10 O3'
#
# COMPACT_ATOMS: atom_id res chain seq x y z
N MET A 1 -34.00 26.39 -41.60
CA MET A 1 -33.17 26.69 -40.36
C MET A 1 -33.39 25.51 -39.40
N ARG A 2 -32.36 24.69 -39.12
CA ARG A 2 -32.47 23.58 -38.13
C ARG A 2 -32.35 24.02 -36.66
N VAL A 3 -32.86 23.22 -35.76
CA VAL A 3 -32.65 23.46 -34.34
C VAL A 3 -32.17 22.19 -33.67
N THR A 4 -31.00 22.33 -33.06
CA THR A 4 -30.35 21.25 -32.29
C THR A 4 -30.37 21.62 -30.81
N GLN A 5 -30.68 20.63 -29.98
CA GLN A 5 -30.67 20.82 -28.54
C GLN A 5 -30.39 19.50 -27.88
N LYS A 6 -29.48 19.54 -26.91
CA LYS A 6 -29.03 18.41 -26.14
C LYS A 6 -30.26 17.89 -25.38
N LEU A 7 -30.41 16.58 -25.34
CA LEU A 7 -31.59 16.01 -24.75
C LEU A 7 -31.18 14.92 -23.76
N ASN A 8 -30.30 15.28 -22.84
CA ASN A 8 -29.79 14.38 -21.85
C ASN A 8 -30.60 14.26 -20.59
N HIS A 9 -31.39 15.28 -20.33
CA HIS A 9 -32.15 15.45 -19.11
C HIS A 9 -33.47 14.70 -19.27
N GLY A 10 -33.92 14.03 -18.22
CA GLY A 10 -35.32 13.56 -18.17
C GLY A 10 -35.59 12.16 -18.62
N TRP A 11 -34.53 11.37 -18.77
CA TRP A 11 -34.69 9.97 -19.19
C TRP A 11 -35.13 9.21 -17.96
N ILE A 12 -35.65 8.03 -18.21
CA ILE A 12 -36.05 7.09 -17.18
C ILE A 12 -35.22 5.85 -17.44
N PHE A 13 -34.70 5.26 -16.38
CA PHE A 13 -33.82 4.10 -16.51
C PHE A 13 -34.41 2.96 -15.69
N ALA A 14 -34.34 1.73 -16.21
CA ALA A 14 -34.72 0.51 -15.42
C ALA A 14 -33.88 -0.66 -15.78
N GLU A 15 -33.66 -1.55 -14.84
CA GLU A 15 -33.00 -2.82 -15.16
C GLU A 15 -33.91 -3.64 -16.07
N GLY A 16 -33.29 -4.46 -16.94
CA GLY A 16 -33.98 -5.48 -17.68
C GLY A 16 -34.44 -5.03 -19.03
N ALA A 17 -35.31 -5.82 -19.63
CA ALA A 17 -35.82 -5.56 -20.99
C ALA A 17 -37.31 -5.30 -20.99
N ALA A 18 -37.71 -4.04 -20.89
CA ALA A 18 -39.13 -3.66 -20.69
C ALA A 18 -39.86 -3.54 -22.01
N ASP A 19 -41.19 -3.73 -21.96
CA ASP A 19 -42.07 -3.46 -23.09
C ASP A 19 -41.88 -2.02 -23.71
N PRO A 20 -41.39 -1.94 -24.99
CA PRO A 20 -41.01 -0.65 -25.59
C PRO A 20 -42.12 0.36 -25.73
N ALA A 21 -43.36 -0.11 -25.70
CA ALA A 21 -44.51 0.70 -26.12
C ALA A 21 -45.32 1.29 -24.96
N THR A 22 -45.02 0.87 -23.73
CA THR A 22 -45.75 1.32 -22.54
C THR A 22 -44.79 2.16 -21.73
N PRO A 23 -45.36 3.06 -20.90
CA PRO A 23 -44.54 3.84 -19.95
C PRO A 23 -43.64 2.94 -19.07
N LEU A 24 -42.37 3.31 -18.93
CA LEU A 24 -41.38 2.51 -18.19
C LEU A 24 -41.38 3.01 -16.77
N ALA A 25 -41.18 2.12 -15.83
CA ALA A 25 -41.13 2.56 -14.43
C ALA A 25 -39.69 2.41 -14.05
N GLY A 26 -39.12 3.49 -13.54
CA GLY A 26 -37.72 3.43 -13.13
C GLY A 26 -37.28 4.76 -12.60
N GLU A 27 -35.96 4.97 -12.44
CA GLU A 27 -35.51 6.25 -11.88
C GLU A 27 -35.30 7.25 -13.00
N THR A 28 -35.62 8.54 -12.74
CA THR A 28 -35.25 9.66 -13.55
C THR A 28 -33.71 9.83 -13.50
N VAL A 29 -33.10 9.95 -14.69
CA VAL A 29 -31.68 10.14 -14.80
C VAL A 29 -31.38 11.19 -15.84
N THR A 30 -30.17 11.76 -15.70
CA THR A 30 -29.62 12.68 -16.65
C THR A 30 -28.39 12.05 -17.30
N LEU A 31 -28.49 11.88 -18.63
CA LEU A 31 -27.38 11.35 -19.45
C LEU A 31 -26.19 12.40 -19.46
N PRO A 32 -24.93 11.98 -19.47
CA PRO A 32 -24.50 10.57 -19.59
C PRO A 32 -24.84 9.72 -18.34
N HIS A 33 -25.06 8.43 -18.55
CA HIS A 33 -25.54 7.49 -17.51
C HIS A 33 -24.83 6.14 -17.60
N ASN A 34 -24.35 5.67 -16.46
CA ASN A 34 -23.71 4.36 -16.34
C ASN A 34 -24.72 3.45 -15.64
N ALA A 35 -25.03 2.31 -16.23
CA ALA A 35 -26.08 1.40 -15.70
C ALA A 35 -25.84 0.89 -14.25
N VAL A 36 -24.61 0.44 -14.00
CA VAL A 36 -24.24 -0.14 -12.73
C VAL A 36 -22.94 0.47 -12.25
N ASP A 37 -23.06 1.30 -11.23
CA ASP A 37 -21.90 1.99 -10.63
C ASP A 37 -21.11 0.93 -9.90
N LEU A 38 -19.80 0.89 -10.08
CA LEU A 38 -18.99 -0.16 -9.48
C LEU A 38 -18.21 0.37 -8.34
N PRO A 39 -17.86 -0.51 -7.41
CA PRO A 39 -16.83 -0.18 -6.48
C PRO A 39 -15.54 0.11 -7.21
N LEU A 40 -14.56 0.67 -6.50
CA LEU A 40 -13.22 0.89 -7.03
C LEU A 40 -12.48 -0.40 -7.39
N SER A 41 -12.65 -1.42 -6.56
CA SER A 41 -11.83 -2.59 -6.62
C SER A 41 -12.61 -3.87 -6.20
N TYR A 42 -12.06 -5.03 -6.50
CA TYR A 42 -12.66 -6.28 -6.14
C TYR A 42 -14.17 -6.39 -6.32
N PHE A 43 -14.60 -6.27 -7.57
CA PHE A 43 -15.98 -6.39 -7.96
C PHE A 43 -16.14 -7.39 -9.09
N ASP A 44 -17.41 -7.70 -9.30
CA ASP A 44 -17.88 -8.70 -10.23
C ASP A 44 -18.19 -7.91 -11.46
N GLU A 45 -17.24 -7.93 -12.42
CA GLU A 45 -17.38 -7.16 -13.65
C GLU A 45 -18.53 -7.63 -14.51
N THR A 46 -19.14 -8.79 -14.24
CA THR A 46 -20.35 -9.18 -14.95
C THR A 46 -21.62 -8.52 -14.45
N SER A 47 -21.60 -7.81 -13.34
CA SER A 47 -22.80 -7.18 -12.87
C SER A 47 -23.52 -6.30 -13.94
N TYR A 48 -22.76 -5.69 -14.90
CA TYR A 48 -23.40 -4.89 -15.98
C TYR A 48 -23.71 -5.66 -17.26
N GLN A 49 -23.37 -6.94 -17.29
CA GLN A 49 -23.47 -7.73 -18.50
C GLN A 49 -24.88 -8.24 -18.62
N ARG A 50 -25.81 -7.32 -18.82
CA ARG A 50 -27.24 -7.69 -18.87
C ARG A 50 -28.00 -6.52 -19.47
N ALA A 51 -29.28 -6.72 -19.71
CA ALA A 51 -30.11 -5.77 -20.41
C ALA A 51 -30.62 -4.65 -19.48
N PHE A 52 -30.68 -3.44 -20.04
CA PHE A 52 -31.33 -2.31 -19.43
C PHE A 52 -32.19 -1.55 -20.42
N THR A 53 -33.10 -0.75 -19.88
CA THR A 53 -34.03 0.00 -20.71
C THR A 53 -34.14 1.46 -20.26
N TYR A 54 -34.08 2.36 -21.25
CA TYR A 54 -34.26 3.78 -21.04
C TYR A 54 -35.48 4.27 -21.84
N GLN A 55 -36.15 5.30 -21.34
CA GLN A 55 -37.31 5.89 -22.02
C GLN A 55 -37.34 7.41 -21.93
N ARG A 56 -37.75 8.08 -23.02
CA ARG A 56 -37.93 9.51 -22.99
C ARG A 56 -39.29 9.87 -23.55
N VAL A 57 -40.04 10.70 -22.81
CA VAL A 57 -41.29 11.27 -23.30
C VAL A 57 -40.88 12.49 -24.07
N ILE A 58 -41.39 12.64 -25.29
CA ILE A 58 -41.13 13.79 -26.09
C ILE A 58 -42.45 14.31 -26.60
N ALA A 59 -42.81 15.52 -26.17
CA ALA A 59 -44.05 16.10 -26.63
C ALA A 59 -43.87 16.58 -28.11
N TRP A 60 -44.87 16.26 -28.95
CA TRP A 60 -44.98 16.80 -30.31
C TRP A 60 -45.06 18.31 -30.28
N ASP A 61 -44.32 18.97 -31.14
CA ASP A 61 -44.32 20.42 -31.24
C ASP A 61 -44.76 20.82 -32.66
N ASP A 62 -45.79 21.66 -32.74
CA ASP A 62 -46.32 22.11 -34.03
C ASP A 62 -45.26 22.86 -34.89
N ALA A 63 -44.22 23.42 -34.28
CA ALA A 63 -43.12 23.98 -35.05
C ALA A 63 -42.29 22.92 -35.82
N TRP A 64 -42.49 21.62 -35.56
CA TRP A 64 -41.86 20.55 -36.36
C TRP A 64 -42.62 20.11 -37.62
N GLN A 65 -43.76 20.74 -37.91
CA GLN A 65 -44.61 20.36 -39.02
C GLN A 65 -43.83 20.38 -40.33
N GLY A 66 -43.76 19.22 -40.99
CA GLY A 66 -43.04 19.04 -42.27
C GLY A 66 -41.52 19.06 -42.19
N ARG A 67 -40.98 18.74 -41.04
CA ARG A 67 -39.54 18.71 -40.81
C ARG A 67 -39.20 17.35 -40.28
N ARG A 68 -37.94 16.94 -40.43
CA ARG A 68 -37.51 15.63 -39.87
C ARG A 68 -37.21 15.86 -38.40
N VAL A 69 -37.58 14.91 -37.56
CA VAL A 69 -37.30 14.96 -36.13
C VAL A 69 -36.45 13.73 -35.87
N GLN A 70 -35.24 13.95 -35.41
CA GLN A 70 -34.22 12.92 -35.22
C GLN A 70 -33.61 12.96 -33.81
N LEU A 71 -33.17 11.79 -33.30
CA LEU A 71 -32.27 11.71 -32.16
C LEU A 71 -30.92 11.16 -32.59
N ARG A 72 -29.86 11.95 -32.39
CA ARG A 72 -28.50 11.47 -32.50
C ARG A 72 -28.03 10.97 -31.14
N PHE A 73 -27.57 9.73 -31.12
CA PHE A 73 -26.96 9.16 -29.96
C PHE A 73 -25.49 9.17 -30.21
N ASP A 74 -24.72 9.85 -29.34
CA ASP A 74 -23.30 9.95 -29.55
C ASP A 74 -22.60 8.67 -29.13
N GLY A 75 -23.19 7.92 -28.22
CA GLY A 75 -22.70 6.56 -27.96
C GLY A 75 -23.45 5.82 -26.89
N ALA A 76 -23.64 4.52 -27.03
CA ALA A 76 -24.23 3.68 -25.98
C ALA A 76 -23.76 2.23 -26.01
N MET A 77 -23.48 1.69 -24.82
CA MET A 77 -22.88 0.35 -24.71
C MET A 77 -23.93 -0.61 -24.17
N ALA A 78 -24.36 -1.63 -24.88
CA ALA A 78 -24.14 -1.83 -26.29
C ALA A 78 -25.40 -2.55 -26.81
N ASP A 79 -25.35 -3.01 -28.04
CA ASP A 79 -26.48 -3.69 -28.67
C ASP A 79 -27.74 -2.84 -28.66
N ASN A 80 -27.58 -1.62 -29.11
CA ASN A 80 -28.65 -0.64 -28.99
C ASN A 80 -29.80 -0.89 -30.01
N VAL A 81 -31.02 -0.63 -29.56
CA VAL A 81 -32.23 -0.67 -30.37
C VAL A 81 -33.13 0.45 -29.80
N VAL A 82 -33.76 1.17 -30.71
CA VAL A 82 -34.57 2.36 -30.41
C VAL A 82 -35.94 2.25 -31.06
N TRP A 83 -36.96 2.61 -30.28
CA TRP A 83 -38.38 2.46 -30.66
C TRP A 83 -39.06 3.82 -30.41
N VAL A 84 -40.14 4.11 -31.17
CA VAL A 84 -40.88 5.38 -31.09
C VAL A 84 -42.32 4.94 -31.17
N ASN A 85 -43.03 5.12 -30.08
CA ASN A 85 -44.35 4.55 -29.94
C ASN A 85 -44.41 3.03 -30.33
N GLY A 86 -43.51 2.24 -29.77
CA GLY A 86 -43.44 0.80 -30.04
C GLY A 86 -42.87 0.40 -31.38
N VAL A 87 -42.62 1.34 -32.31
CA VAL A 87 -42.11 0.97 -33.62
C VAL A 87 -40.62 1.16 -33.59
N GLN A 88 -39.87 0.10 -33.96
CA GLN A 88 -38.40 0.12 -33.97
C GLN A 88 -37.93 0.91 -35.17
N VAL A 89 -36.88 1.70 -34.98
CA VAL A 89 -36.45 2.62 -36.04
C VAL A 89 -34.95 2.62 -36.36
N VAL A 90 -34.13 2.11 -35.45
CA VAL A 90 -32.74 1.85 -35.67
C VAL A 90 -32.29 0.87 -34.62
N ALA A 91 -31.27 0.11 -35.00
CA ALA A 91 -30.52 -0.69 -34.07
C ALA A 91 -29.04 -0.62 -34.44
N HIS A 92 -28.14 -0.55 -33.45
CA HIS A 92 -26.74 -0.19 -33.68
C HIS A 92 -25.83 -0.90 -32.68
N PRO A 93 -25.29 -2.06 -33.04
CA PRO A 93 -24.68 -2.87 -31.97
C PRO A 93 -23.47 -2.27 -31.30
N ASP A 94 -22.65 -1.54 -32.06
CA ASP A 94 -21.37 -1.05 -31.51
C ASP A 94 -21.56 -0.02 -30.35
N GLY A 95 -20.67 -0.15 -29.35
CA GLY A 95 -20.63 0.68 -28.14
C GLY A 95 -19.82 1.99 -28.12
N TYR A 96 -19.19 2.33 -29.21
CA TYR A 96 -18.34 3.48 -29.30
C TYR A 96 -18.70 4.46 -30.42
N THR A 97 -19.81 4.28 -31.09
CA THR A 97 -20.01 5.02 -32.31
C THR A 97 -21.46 5.48 -32.46
N PRO A 98 -21.63 6.60 -33.16
CA PRO A 98 -22.94 7.28 -33.12
C PRO A 98 -23.97 6.63 -33.95
N PHE A 99 -25.24 6.91 -33.65
CA PHE A 99 -26.34 6.38 -34.43
C PHE A 99 -27.55 7.30 -34.32
N VAL A 100 -28.42 7.24 -35.31
CA VAL A 100 -29.53 8.19 -35.48
C VAL A 100 -30.86 7.43 -35.53
N ALA A 101 -31.85 7.93 -34.80
CA ALA A 101 -33.15 7.35 -34.79
C ALA A 101 -34.00 8.43 -35.39
N ASP A 102 -34.50 8.16 -36.61
CA ASP A 102 -35.45 9.08 -37.21
C ASP A 102 -36.82 8.82 -36.69
N LEU A 103 -37.37 9.80 -35.98
CA LEU A 103 -38.67 9.66 -35.32
C LEU A 103 -39.86 10.09 -36.22
N THR A 104 -39.53 10.88 -37.26
CA THR A 104 -40.48 11.75 -38.00
C THR A 104 -41.80 11.11 -38.41
N ASP A 105 -41.72 9.96 -39.05
CA ASP A 105 -42.92 9.28 -39.52
C ASP A 105 -43.69 8.51 -38.42
N HIS A 106 -43.26 8.55 -37.15
CA HIS A 106 -43.95 7.80 -36.11
C HIS A 106 -44.44 8.69 -34.96
N LEU A 107 -44.49 10.00 -35.17
CA LEU A 107 -44.82 10.89 -34.08
C LEU A 107 -46.31 11.25 -34.15
N ARG A 108 -46.94 11.42 -32.98
CA ARG A 108 -48.38 11.66 -32.83
C ARG A 108 -48.57 12.93 -32.02
N PRO A 109 -49.77 13.53 -32.11
CA PRO A 109 -49.96 14.89 -31.55
C PRO A 109 -49.74 15.12 -30.05
N GLY A 110 -49.64 14.08 -29.21
CA GLY A 110 -49.36 14.37 -27.79
C GLY A 110 -47.94 14.04 -27.37
N ASP A 111 -47.86 13.27 -26.29
CA ASP A 111 -46.61 12.68 -25.81
C ASP A 111 -46.22 11.48 -26.65
N ASN A 112 -44.93 11.24 -26.82
CA ASN A 112 -44.42 10.14 -27.62
C ASN A 112 -43.37 9.38 -26.83
N LEU A 113 -43.32 8.05 -26.94
CA LEU A 113 -42.40 7.26 -26.12
C LEU A 113 -41.31 6.82 -26.97
N VAL A 114 -40.12 7.23 -26.59
CA VAL A 114 -38.95 6.79 -27.23
C VAL A 114 -38.33 5.92 -26.20
N THR A 115 -38.15 4.65 -26.55
CA THR A 115 -37.56 3.64 -25.72
C THR A 115 -36.26 3.12 -26.37
N VAL A 116 -35.23 2.98 -25.53
CA VAL A 116 -33.94 2.51 -25.96
C VAL A 116 -33.63 1.32 -25.12
N ARG A 117 -33.38 0.21 -25.78
CA ARG A 117 -32.91 -0.97 -25.10
C ARG A 117 -31.44 -1.17 -25.41
N ILE A 118 -30.69 -1.40 -24.33
CA ILE A 118 -29.31 -1.75 -24.41
C ILE A 118 -29.03 -3.04 -23.59
N ASP A 119 -27.82 -3.56 -23.78
CA ASP A 119 -27.34 -4.72 -23.06
C ASP A 119 -25.85 -4.59 -23.03
N GLY A 120 -25.24 -4.78 -21.86
CA GLY A 120 -23.79 -4.71 -21.69
C GLY A 120 -23.15 -6.09 -21.80
N SER A 121 -23.93 -7.12 -22.10
CA SER A 121 -23.31 -8.45 -22.34
C SER A 121 -22.17 -8.36 -23.33
N GLU A 122 -21.16 -9.15 -23.08
CA GLU A 122 -20.04 -9.29 -23.94
C GLU A 122 -20.43 -10.21 -25.08
N ASN A 123 -21.30 -9.70 -25.93
CA ASN A 123 -21.89 -10.42 -27.05
C ASN A 123 -20.83 -10.78 -28.12
N PRO A 124 -20.57 -12.09 -28.45
CA PRO A 124 -19.42 -12.34 -29.32
C PRO A 124 -19.56 -11.79 -30.75
N ALA A 125 -20.76 -11.51 -31.21
CA ALA A 125 -21.00 -10.87 -32.52
C ALA A 125 -20.69 -9.34 -32.58
N ILE A 126 -20.39 -8.73 -31.44
CA ILE A 126 -20.14 -7.27 -31.33
C ILE A 126 -18.68 -7.05 -30.92
N PRO A 127 -17.84 -6.59 -31.84
CA PRO A 127 -16.48 -6.30 -31.42
C PRO A 127 -16.49 -5.24 -30.29
N PRO A 128 -15.54 -5.28 -29.32
CA PRO A 128 -14.32 -6.12 -29.32
C PRO A 128 -14.48 -7.47 -28.62
N PHE A 129 -15.73 -7.87 -28.38
CA PHE A 129 -16.02 -9.02 -27.55
C PHE A 129 -15.74 -10.34 -28.30
N GLY A 130 -15.70 -11.38 -27.51
CA GLY A 130 -15.55 -12.68 -28.01
C GLY A 130 -14.63 -13.42 -27.10
N ALA A 131 -13.69 -12.72 -26.46
CA ALA A 131 -12.75 -13.38 -25.56
C ALA A 131 -12.26 -12.44 -24.46
N GLN A 132 -11.00 -12.56 -24.09
CA GLN A 132 -10.43 -11.72 -23.07
C GLN A 132 -10.39 -10.27 -23.53
N ILE A 133 -10.40 -9.36 -22.56
CA ILE A 133 -10.20 -7.94 -22.79
C ILE A 133 -9.60 -7.37 -21.57
N ASP A 134 -8.52 -6.59 -21.75
CA ASP A 134 -7.81 -5.94 -20.64
C ASP A 134 -8.38 -4.54 -20.50
N TYR A 135 -9.70 -4.48 -20.38
CA TYR A 135 -10.41 -3.28 -19.96
C TYR A 135 -11.85 -3.71 -19.82
N LEU A 136 -12.66 -2.79 -19.28
CA LEU A 136 -14.07 -3.05 -19.15
C LEU A 136 -14.82 -2.09 -20.01
N THR A 137 -15.93 -2.53 -20.56
CA THR A 137 -16.83 -1.71 -21.37
C THR A 137 -18.07 -1.23 -20.64
N TYR A 138 -18.42 -1.80 -19.46
CA TYR A 138 -19.53 -1.26 -18.62
C TYR A 138 -20.84 -1.30 -19.39
N ALA A 139 -21.75 -0.36 -19.07
CA ALA A 139 -22.97 -0.20 -19.85
C ALA A 139 -23.65 1.11 -19.59
N GLY A 140 -24.48 1.53 -20.55
CA GLY A 140 -25.35 2.69 -20.41
C GLY A 140 -25.35 3.53 -21.66
N ILE A 141 -26.14 4.58 -21.63
CA ILE A 141 -26.15 5.61 -22.63
C ILE A 141 -25.22 6.69 -22.08
N TYR A 142 -23.95 6.42 -22.29
CA TYR A 142 -22.86 7.11 -21.57
C TYR A 142 -22.33 8.35 -22.30
N ARG A 143 -23.00 8.76 -23.39
CA ARG A 143 -22.63 9.91 -24.18
C ARG A 143 -23.86 10.71 -24.53
N ASP A 144 -23.70 11.88 -25.08
CA ASP A 144 -24.85 12.72 -25.32
C ASP A 144 -25.89 12.12 -26.25
N VAL A 145 -27.07 12.67 -26.13
CA VAL A 145 -28.15 12.50 -27.05
C VAL A 145 -28.72 13.89 -27.46
N TRP A 146 -28.92 14.05 -28.75
CA TRP A 146 -29.29 15.30 -29.37
C TRP A 146 -30.64 15.15 -30.10
N LEU A 147 -31.57 16.08 -29.85
CA LEU A 147 -32.82 16.20 -30.62
C LEU A 147 -32.53 17.17 -31.73
N MET A 148 -32.67 16.72 -32.97
CA MET A 148 -32.40 17.49 -34.13
C MET A 148 -33.68 17.56 -34.92
N VAL A 149 -34.10 18.79 -35.22
CA VAL A 149 -35.21 19.06 -36.11
C VAL A 149 -34.69 19.71 -37.38
N LEU A 150 -34.79 18.99 -38.46
CA LEU A 150 -34.10 19.32 -39.70
C LEU A 150 -35.10 19.62 -40.79
N PRO A 151 -34.78 20.60 -41.63
CA PRO A 151 -35.52 20.69 -42.90
C PRO A 151 -35.30 19.42 -43.77
N GLU A 152 -36.26 19.07 -44.64
CA GLU A 152 -36.19 17.79 -45.39
C GLU A 152 -34.86 17.62 -46.11
N ARG A 153 -34.48 18.59 -46.91
CA ARG A 153 -33.19 18.65 -47.57
C ARG A 153 -32.24 19.19 -46.49
N HIS A 154 -31.29 18.40 -46.01
CA HIS A 154 -30.36 18.85 -45.00
C HIS A 154 -28.98 18.19 -45.09
N LEU A 155 -27.97 18.88 -44.52
CA LEU A 155 -26.61 18.35 -44.42
C LEU A 155 -26.48 17.19 -43.43
N THR A 156 -25.83 16.08 -43.83
CA THR A 156 -25.53 15.04 -42.87
C THR A 156 -24.05 15.01 -42.43
N ASN A 157 -23.19 15.66 -43.20
CA ASN A 157 -21.75 15.60 -42.95
C ASN A 157 -21.05 16.46 -43.96
N ALA A 158 -19.77 16.68 -43.73
CA ALA A 158 -18.92 17.39 -44.66
C ALA A 158 -17.49 17.01 -44.36
N ARG A 159 -16.66 17.11 -45.40
CA ARG A 159 -15.23 16.88 -45.31
C ARG A 159 -14.55 18.12 -45.79
N ILE A 160 -13.53 18.54 -45.04
CA ILE A 160 -12.72 19.74 -45.35
C ILE A 160 -11.35 19.24 -45.59
N LEU A 161 -10.82 19.56 -46.76
CA LEU A 161 -9.49 19.10 -47.17
C LEU A 161 -8.65 20.36 -47.30
N THR A 162 -7.38 20.24 -46.99
CA THR A 162 -6.50 21.37 -47.08
C THR A 162 -5.35 20.97 -47.98
N PRO A 163 -5.58 20.98 -49.30
CA PRO A 163 -4.46 20.69 -50.19
C PRO A 163 -3.40 21.79 -50.13
N ASP A 164 -2.17 21.35 -50.13
CA ASP A 164 -1.06 22.27 -50.12
C ASP A 164 -1.17 23.31 -49.01
N ALA A 165 -1.30 22.79 -47.78
CA ALA A 165 -1.51 23.60 -46.53
C ALA A 165 -0.33 24.45 -46.09
N LEU A 166 0.89 24.02 -46.45
CA LEU A 166 2.09 24.72 -46.10
C LEU A 166 2.36 25.90 -47.02
N SER A 167 1.46 26.20 -47.96
CA SER A 167 1.67 27.32 -48.88
C SER A 167 1.19 28.67 -48.30
N ASP A 168 1.84 29.78 -48.70
CA ASP A 168 1.39 31.15 -48.33
C ASP A 168 -0.03 31.46 -48.87
N ALA A 169 -0.44 30.78 -49.93
CA ALA A 169 -1.80 30.90 -50.49
C ALA A 169 -2.40 29.55 -50.31
N LYS A 170 -3.42 29.50 -49.45
CA LYS A 170 -4.00 28.22 -49.06
C LYS A 170 -5.31 27.96 -49.75
N THR A 171 -5.68 26.67 -49.72
CA THR A 171 -6.87 26.13 -50.37
C THR A 171 -7.69 25.32 -49.39
N VAL A 172 -8.99 25.50 -49.46
CA VAL A 172 -9.93 24.80 -48.64
C VAL A 172 -10.83 24.16 -49.67
N VAL A 173 -10.94 22.84 -49.56
CA VAL A 173 -11.83 22.11 -50.42
C VAL A 173 -12.78 21.40 -49.52
N ILE A 174 -14.06 21.54 -49.83
CA ILE A 174 -15.15 21.05 -49.00
C ILE A 174 -16.04 20.16 -49.85
N ARG A 175 -16.39 19.00 -49.32
CA ARG A 175 -17.30 18.02 -49.94
C ARG A 175 -18.46 17.77 -49.02
N PRO A 176 -19.57 18.51 -49.21
CA PRO A 176 -20.72 18.28 -48.35
C PRO A 176 -21.46 16.97 -48.67
N GLU A 177 -22.15 16.45 -47.67
CA GLU A 177 -23.05 15.36 -47.82
C GLU A 177 -24.42 15.88 -47.49
N VAL A 178 -25.32 15.73 -48.47
CA VAL A 178 -26.69 16.25 -48.37
C VAL A 178 -27.70 15.16 -48.76
N THR A 179 -28.94 15.36 -48.38
CA THR A 179 -30.01 14.37 -48.52
C THR A 179 -30.62 14.49 -49.87
N ALA A 180 -30.53 15.63 -50.52
CA ALA A 180 -31.03 15.77 -51.89
C ALA A 180 -30.21 16.83 -52.63
N PRO A 181 -30.22 16.83 -53.99
CA PRO A 181 -29.54 17.83 -54.84
C PRO A 181 -29.88 19.29 -54.62
N GLY A 182 -28.91 20.14 -54.77
CA GLY A 182 -29.14 21.62 -54.71
C GLY A 182 -27.91 22.40 -54.25
N PRO A 183 -27.99 23.76 -54.27
CA PRO A 183 -26.82 24.59 -53.87
C PRO A 183 -26.45 24.43 -52.38
N VAL A 184 -25.16 24.61 -52.11
CA VAL A 184 -24.61 24.69 -50.77
C VAL A 184 -23.72 25.88 -50.82
N ARG A 185 -23.96 26.89 -49.97
CA ARG A 185 -23.00 27.99 -49.80
C ARG A 185 -22.09 27.71 -48.58
N ALA A 186 -20.79 28.00 -48.74
CA ALA A 186 -19.75 27.92 -47.68
C ALA A 186 -19.19 29.30 -47.24
N ARG A 187 -18.93 29.48 -45.95
CA ARG A 187 -18.14 30.62 -45.49
C ARG A 187 -17.01 30.10 -44.63
N LEU A 188 -15.78 30.52 -44.94
CA LEU A 188 -14.61 30.30 -44.11
C LEU A 188 -14.59 31.42 -43.06
N LEU A 189 -14.50 31.02 -41.79
CA LEU A 189 -14.52 31.95 -40.67
C LEU A 189 -13.26 31.85 -39.79
N ASP A 190 -12.76 32.98 -39.28
CA ASP A 190 -11.72 32.95 -38.22
C ASP A 190 -12.37 33.55 -36.98
N GLY A 191 -12.89 32.64 -36.15
CA GLY A 191 -13.81 33.01 -35.09
C GLY A 191 -15.01 33.67 -35.72
N ASP A 192 -15.03 34.99 -35.60
CA ASP A 192 -16.16 35.82 -36.06
C ASP A 192 -15.93 36.61 -37.35
N ARG A 193 -14.68 36.62 -37.85
CA ARG A 193 -14.30 37.31 -39.07
C ARG A 193 -14.56 36.37 -40.27
N GLU A 194 -15.20 36.86 -41.32
CA GLU A 194 -15.50 36.06 -42.53
C GLU A 194 -14.33 36.19 -43.50
N ILE A 195 -13.63 35.08 -43.80
CA ILE A 195 -12.40 35.14 -44.61
C ILE A 195 -12.74 35.11 -46.09
N ALA A 196 -13.58 34.17 -46.50
CA ALA A 196 -14.02 33.99 -47.90
C ALA A 196 -15.29 33.13 -47.97
N ALA A 197 -15.89 33.13 -49.16
CA ALA A 197 -17.17 32.46 -49.46
C ALA A 197 -17.21 31.89 -50.88
N THR A 198 -18.03 30.88 -51.10
CA THR A 198 -18.24 30.24 -52.40
C THR A 198 -19.57 29.53 -52.30
N GLU A 199 -20.21 29.34 -53.44
CA GLU A 199 -21.56 28.77 -53.53
C GLU A 199 -21.44 27.73 -54.62
N GLY A 200 -22.16 26.63 -54.57
CA GLY A 200 -22.07 25.65 -55.64
C GLY A 200 -22.71 24.35 -55.29
N GLU A 201 -23.13 23.63 -56.32
CA GLU A 201 -23.55 22.24 -56.13
C GLU A 201 -22.23 21.59 -56.13
N GLY A 202 -22.10 20.39 -55.60
CA GLY A 202 -20.79 19.71 -55.74
C GLY A 202 -19.64 20.31 -54.94
N GLU A 203 -18.41 19.92 -55.31
CA GLU A 203 -17.18 20.23 -54.54
C GLU A 203 -16.95 21.74 -54.54
N LEU A 204 -16.60 22.29 -53.37
CA LEU A 204 -16.58 23.73 -53.17
C LEU A 204 -15.17 24.11 -52.81
N THR A 205 -14.57 25.04 -53.54
CA THR A 205 -13.17 25.33 -53.40
C THR A 205 -13.07 26.77 -52.98
N LEU A 206 -12.21 27.04 -52.00
CA LEU A 206 -11.71 28.37 -51.68
C LEU A 206 -10.20 28.36 -51.84
N ALA A 207 -9.64 29.18 -52.73
CA ALA A 207 -8.19 29.21 -53.04
C ALA A 207 -7.64 30.59 -52.84
N GLY A 208 -6.33 30.71 -52.79
CA GLY A 208 -5.68 32.01 -52.73
C GLY A 208 -5.88 32.68 -51.38
N LEU A 209 -5.88 31.85 -50.35
CA LEU A 209 -6.15 32.33 -49.00
C LEU A 209 -4.83 32.71 -48.35
N THR A 210 -4.62 34.01 -48.21
CA THR A 210 -3.38 34.58 -47.65
C THR A 210 -3.58 34.91 -46.16
N GLY A 211 -2.47 35.06 -45.44
CA GLY A 211 -2.44 35.40 -44.02
C GLY A 211 -3.03 34.45 -42.97
N LEU A 212 -3.31 33.19 -43.31
CA LEU A 212 -3.89 32.26 -42.36
C LEU A 212 -2.76 31.57 -41.63
N SER A 213 -3.06 30.93 -40.50
CA SER A 213 -2.03 30.25 -39.74
C SER A 213 -2.18 28.72 -39.66
N LEU A 214 -1.04 28.05 -39.49
CA LEU A 214 -0.99 26.57 -39.41
C LEU A 214 -1.47 26.14 -38.07
N TRP A 215 -2.23 25.04 -38.03
CA TRP A 215 -2.47 24.31 -36.78
C TRP A 215 -1.20 23.56 -36.41
N SER A 216 -0.74 23.73 -35.19
CA SER A 216 0.29 22.90 -34.63
C SER A 216 0.09 22.61 -33.14
N THR A 217 1.02 21.86 -32.57
CA THR A 217 0.99 21.56 -31.18
C THR A 217 1.26 22.81 -30.36
N ASP A 218 2.03 23.77 -30.87
CA ASP A 218 2.27 25.03 -30.17
C ASP A 218 1.23 26.06 -30.45
N ASN A 219 0.82 26.18 -31.71
CA ASN A 219 -0.23 27.14 -32.10
C ASN A 219 -1.44 26.42 -32.66
N PRO A 220 -2.39 26.03 -31.81
CA PRO A 220 -3.54 25.26 -32.29
C PRO A 220 -4.61 26.07 -33.03
N GLN A 221 -4.25 26.60 -34.19
CA GLN A 221 -5.12 27.50 -34.92
C GLN A 221 -6.19 26.73 -35.66
N LEU A 222 -7.43 27.13 -35.45
CA LEU A 222 -8.62 26.49 -36.01
C LEU A 222 -9.41 27.49 -36.82
N TYR A 223 -10.18 27.03 -37.81
CA TYR A 223 -11.07 27.86 -38.65
C TYR A 223 -12.30 27.01 -38.68
N THR A 224 -13.38 27.62 -39.16
CA THR A 224 -14.67 27.02 -39.19
C THR A 224 -15.23 27.15 -40.58
N VAL A 225 -15.88 26.14 -41.09
CA VAL A 225 -16.59 26.33 -42.33
C VAL A 225 -18.09 26.28 -42.07
N GLU A 226 -18.81 27.34 -42.40
CA GLU A 226 -20.22 27.34 -42.18
C GLU A 226 -20.87 26.98 -43.49
N LEU A 227 -21.72 25.94 -43.46
CA LEU A 227 -22.43 25.50 -44.66
C LEU A 227 -23.92 25.80 -44.51
N THR A 228 -24.48 26.35 -45.59
CA THR A 228 -25.85 26.76 -45.64
C THR A 228 -26.47 26.24 -46.92
N LEU A 229 -27.63 25.62 -46.83
CA LEU A 229 -28.41 25.27 -47.99
C LEU A 229 -29.46 26.40 -48.19
N PRO A 230 -29.21 27.29 -49.20
CA PRO A 230 -30.07 28.48 -49.36
C PRO A 230 -31.54 28.17 -49.60
N ASP A 231 -31.83 27.06 -50.29
CA ASP A 231 -33.19 26.57 -50.47
C ASP A 231 -33.85 26.00 -49.20
N SER A 232 -33.18 25.19 -48.40
CA SER A 232 -33.85 24.64 -47.22
C SER A 232 -33.63 25.44 -45.89
N GLY A 233 -32.63 26.29 -45.86
CA GLY A 233 -32.37 27.07 -44.66
C GLY A 233 -31.38 26.46 -43.67
N ASP A 234 -30.96 25.22 -43.93
CA ASP A 234 -30.08 24.45 -43.06
C ASP A 234 -28.70 25.02 -42.88
N VAL A 235 -28.14 24.96 -41.69
CA VAL A 235 -26.79 25.47 -41.43
C VAL A 235 -26.01 24.54 -40.56
N THR A 236 -24.74 24.35 -40.87
CA THR A 236 -23.86 23.51 -40.03
C THR A 236 -22.49 24.15 -40.15
N THR A 237 -21.62 23.84 -39.20
CA THR A 237 -20.27 24.36 -39.09
C THR A 237 -19.33 23.20 -38.80
N HIS A 238 -18.11 23.23 -39.30
CA HIS A 238 -17.14 22.16 -39.11
C HIS A 238 -15.85 22.84 -38.92
N ARG A 239 -15.25 22.67 -37.78
CA ARG A 239 -13.94 23.18 -37.57
C ARG A 239 -12.95 22.25 -38.20
N PHE A 240 -11.86 22.86 -38.65
CA PHE A 240 -10.70 22.13 -39.13
C PHE A 240 -9.52 23.03 -38.83
N GLY A 241 -8.32 22.55 -39.16
CA GLY A 241 -7.14 23.38 -39.20
C GLY A 241 -6.26 23.02 -40.38
N PHE A 242 -5.36 23.90 -40.73
CA PHE A 242 -4.39 23.73 -41.80
C PHE A 242 -3.09 23.17 -41.24
N ARG A 243 -2.69 21.98 -41.63
CA ARG A 243 -1.55 21.31 -41.07
C ARG A 243 -1.08 20.10 -41.92
N THR A 244 0.21 19.81 -41.93
CA THR A 244 0.69 18.58 -42.58
C THR A 244 1.40 17.62 -41.58
N ALA A 245 1.18 16.31 -41.80
CA ALA A 245 1.57 15.26 -40.90
C ALA A 245 2.01 14.04 -41.68
N GLU A 246 3.31 13.91 -41.83
CA GLU A 246 3.88 12.93 -42.72
C GLU A 246 4.73 11.95 -41.94
N TRP A 247 4.46 10.67 -42.14
CA TRP A 247 5.26 9.64 -41.52
C TRP A 247 6.20 9.16 -42.61
N THR A 248 7.45 9.58 -42.49
CA THR A 248 8.47 9.22 -43.45
C THR A 248 9.40 8.25 -42.69
N PRO A 249 10.20 7.42 -43.41
CA PRO A 249 11.22 6.56 -42.70
C PRO A 249 12.23 7.35 -41.85
N GLN A 250 12.49 8.62 -42.23
CA GLN A 250 13.33 9.56 -41.46
C GLN A 250 12.60 10.15 -40.22
N GLY A 251 11.30 9.95 -40.11
CA GLY A 251 10.58 10.42 -38.95
C GLY A 251 9.25 11.01 -39.23
N PHE A 252 8.54 11.29 -38.15
CA PHE A 252 7.30 12.01 -38.24
C PHE A 252 7.65 13.47 -38.47
N LEU A 253 6.89 14.16 -39.34
CA LEU A 253 7.05 15.62 -39.54
C LEU A 253 5.76 16.31 -39.42
N LEU A 254 5.73 17.37 -38.66
CA LEU A 254 4.57 18.23 -38.55
C LEU A 254 4.88 19.56 -39.22
N ASN A 255 3.95 20.03 -40.04
CA ASN A 255 4.14 21.24 -40.81
C ASN A 255 5.53 21.35 -41.41
N GLY A 256 6.04 20.22 -41.90
CA GLY A 256 7.41 20.11 -42.45
C GLY A 256 8.53 20.00 -41.44
N GLN A 257 8.32 20.40 -40.20
CA GLN A 257 9.37 20.31 -39.20
C GLN A 257 9.43 18.90 -38.51
N PRO A 258 10.65 18.31 -38.32
CA PRO A 258 10.65 17.02 -37.62
C PRO A 258 10.12 17.13 -36.21
N MET A 259 9.35 16.15 -35.77
CA MET A 259 8.92 16.02 -34.38
C MET A 259 9.02 14.58 -33.85
N LYS A 260 9.85 14.38 -32.83
CA LYS A 260 9.87 13.15 -32.06
C LYS A 260 8.59 13.08 -31.18
N LEU A 261 7.79 12.03 -31.41
CA LEU A 261 6.56 11.79 -30.70
C LEU A 261 6.74 11.16 -29.31
N ARG A 262 5.97 11.71 -28.40
CA ARG A 262 6.12 11.41 -27.01
C ARG A 262 4.69 11.43 -26.46
N GLY A 263 4.16 10.23 -26.20
CA GLY A 263 2.75 10.08 -25.89
C GLY A 263 2.41 9.12 -24.77
N LEU A 264 1.15 9.11 -24.40
CA LEU A 264 0.59 8.08 -23.60
C LEU A 264 -0.75 7.65 -24.21
N ASN A 265 -1.07 6.38 -23.94
CA ASN A 265 -2.38 5.81 -24.08
C ASN A 265 -3.27 6.28 -22.95
N ARG A 266 -4.53 6.44 -23.28
CA ARG A 266 -5.53 6.99 -22.44
C ARG A 266 -6.83 6.21 -22.74
N HIS A 267 -7.35 5.57 -21.70
CA HIS A 267 -8.69 5.08 -21.71
C HIS A 267 -9.76 6.20 -21.45
N GLN A 268 -11.01 5.84 -21.67
CA GLN A 268 -12.12 6.76 -21.44
C GLN A 268 -12.95 6.40 -20.21
N SER A 269 -12.38 5.58 -19.34
CA SER A 269 -13.04 5.15 -18.12
C SER A 269 -12.63 5.95 -16.93
N TRP A 270 -13.55 5.97 -15.94
CA TRP A 270 -13.31 6.44 -14.61
C TRP A 270 -13.84 5.39 -13.60
N ALA A 271 -13.23 5.44 -12.42
CA ALA A 271 -13.69 4.70 -11.25
C ALA A 271 -15.17 4.93 -11.01
N HIS A 272 -15.87 3.90 -10.58
CA HIS A 272 -17.30 3.94 -10.32
C HIS A 272 -18.29 4.14 -11.51
N GLN A 273 -18.15 5.22 -12.25
CA GLN A 273 -19.12 5.62 -13.29
C GLN A 273 -18.81 5.08 -14.71
N GLY A 274 -17.78 4.24 -14.87
CA GLY A 274 -17.39 3.65 -16.13
C GLY A 274 -17.02 4.68 -17.18
N TYR A 275 -17.74 4.68 -18.27
CA TYR A 275 -17.47 5.62 -19.37
C TYR A 275 -18.36 6.90 -19.28
N ALA A 276 -19.28 6.95 -18.32
CA ALA A 276 -20.32 8.01 -18.30
C ALA A 276 -19.80 9.21 -17.57
N ALA A 277 -19.00 9.98 -18.28
CA ALA A 277 -18.43 11.25 -17.84
C ALA A 277 -18.55 12.24 -19.04
N GLY A 278 -19.06 13.43 -18.80
CA GLY A 278 -19.44 14.35 -19.83
C GLY A 278 -18.30 15.21 -20.34
N ARG A 279 -18.70 16.27 -21.02
CA ARG A 279 -17.79 17.10 -21.85
C ARG A 279 -16.55 17.58 -21.08
N HIS A 280 -16.85 18.17 -19.94
CA HIS A 280 -15.86 18.71 -19.03
C HIS A 280 -14.83 17.65 -18.65
N ALA A 281 -15.29 16.47 -18.24
CA ALA A 281 -14.31 15.41 -17.83
C ALA A 281 -13.43 14.92 -18.98
N GLN A 282 -14.07 14.80 -20.15
CA GLN A 282 -13.37 14.39 -21.37
C GLN A 282 -12.33 15.44 -21.69
N GLU A 283 -12.74 16.70 -21.71
CA GLU A 283 -11.83 17.76 -22.02
C GLU A 283 -10.61 17.81 -21.03
N ARG A 284 -10.85 17.48 -19.78
CA ARG A 284 -9.81 17.52 -18.77
C ARG A 284 -8.75 16.47 -19.05
N ASP A 285 -9.12 15.29 -19.48
CA ASP A 285 -8.09 14.27 -19.83
C ASP A 285 -7.13 14.77 -20.93
N ALA A 286 -7.70 15.37 -21.97
CA ALA A 286 -6.92 15.94 -23.06
C ALA A 286 -5.88 16.93 -22.53
N GLU A 287 -6.35 17.87 -21.71
CA GLU A 287 -5.52 18.90 -21.08
C GLU A 287 -4.40 18.35 -20.21
N ILE A 288 -4.70 17.33 -19.47
CA ILE A 288 -3.73 16.68 -18.61
C ILE A 288 -2.64 15.95 -19.42
N VAL A 289 -2.99 15.25 -20.48
CA VAL A 289 -1.96 14.63 -21.33
C VAL A 289 -1.10 15.72 -21.96
N ARG A 290 -1.73 16.81 -22.31
CA ARG A 290 -1.05 17.83 -23.09
C ARG A 290 -0.16 18.77 -22.23
N HIS A 291 -0.72 19.22 -21.11
CA HIS A 291 -0.07 20.14 -20.23
C HIS A 291 0.62 19.42 -19.12
N ASP A 292 -0.12 18.82 -18.18
CA ASP A 292 0.51 18.19 -17.01
C ASP A 292 1.61 17.20 -17.42
N LEU A 293 1.28 16.38 -18.42
CA LEU A 293 2.18 15.29 -18.89
C LEU A 293 3.02 15.64 -20.10
N CYS A 294 2.84 16.85 -20.63
CA CYS A 294 3.54 17.38 -21.81
C CYS A 294 3.85 16.38 -22.90
N CYS A 295 2.83 15.66 -23.31
CA CYS A 295 2.93 14.79 -24.45
C CYS A 295 2.49 15.56 -25.70
N ASN A 296 3.07 15.26 -26.84
CA ASN A 296 2.59 15.81 -28.12
C ASN A 296 1.60 14.86 -28.77
N MET A 297 1.46 13.64 -28.26
CA MET A 297 0.51 12.67 -28.80
C MET A 297 -0.25 11.85 -27.74
N VAL A 298 -1.50 11.54 -28.01
CA VAL A 298 -2.23 10.56 -27.24
C VAL A 298 -2.80 9.46 -28.20
N ARG A 299 -2.93 8.25 -27.66
CA ARG A 299 -3.65 7.18 -28.34
C ARG A 299 -4.93 6.84 -27.60
N THR A 300 -6.03 6.70 -28.34
CA THR A 300 -7.32 6.33 -27.84
C THR A 300 -7.38 4.81 -27.66
N SER A 301 -6.77 4.33 -26.59
CA SER A 301 -6.70 2.92 -26.31
C SER A 301 -8.06 2.59 -25.83
N HIS A 302 -8.82 1.70 -26.46
CA HIS A 302 -8.59 0.99 -27.75
C HIS A 302 -9.93 1.01 -28.50
N TYR A 303 -10.37 2.21 -28.79
CA TYR A 303 -11.63 2.42 -29.40
C TYR A 303 -11.78 3.88 -29.78
N PRO A 304 -12.74 4.18 -30.63
CA PRO A 304 -13.12 5.57 -30.79
C PRO A 304 -13.65 6.22 -29.49
N GLN A 305 -13.10 7.37 -29.15
CA GLN A 305 -13.44 8.08 -27.92
C GLN A 305 -14.31 9.27 -28.23
N SER A 306 -14.57 10.13 -27.23
CA SER A 306 -15.54 11.20 -27.34
C SER A 306 -15.09 12.32 -28.25
N THR A 307 -16.05 12.82 -29.02
CA THR A 307 -15.88 13.98 -29.83
C THR A 307 -15.39 15.15 -28.95
N TRP A 308 -15.87 15.27 -27.72
CA TRP A 308 -15.39 16.29 -26.82
C TRP A 308 -13.86 16.18 -26.56
N PHE A 309 -13.37 14.97 -26.44
CA PHE A 309 -11.94 14.77 -26.22
C PHE A 309 -11.18 15.22 -27.48
N LEU A 310 -11.70 14.85 -28.63
CA LEU A 310 -11.01 15.09 -29.89
C LEU A 310 -11.04 16.56 -30.22
N ASP A 311 -12.20 17.21 -30.03
CA ASP A 311 -12.35 18.68 -30.15
C ASP A 311 -11.37 19.33 -29.23
N ARG A 312 -11.26 18.84 -28.02
CA ARG A 312 -10.34 19.44 -27.11
C ARG A 312 -8.89 19.26 -27.54
N CYS A 313 -8.52 18.08 -28.08
CA CYS A 313 -7.19 17.95 -28.69
C CYS A 313 -7.01 18.99 -29.84
N ASP A 314 -8.04 19.28 -30.61
CA ASP A 314 -7.94 20.31 -31.63
C ASP A 314 -7.64 21.65 -31.04
N GLU A 315 -8.34 21.99 -29.97
CA GLU A 315 -8.19 23.29 -29.37
C GLU A 315 -6.86 23.52 -28.59
N ILE A 316 -6.11 22.50 -28.19
CA ILE A 316 -4.93 22.70 -27.38
C ILE A 316 -3.68 22.11 -27.95
N GLY A 317 -3.79 21.49 -29.10
CA GLY A 317 -2.62 21.05 -29.82
C GLY A 317 -2.07 19.73 -29.36
N LEU A 318 -2.92 18.73 -29.28
CA LEU A 318 -2.45 17.38 -28.96
C LEU A 318 -2.77 16.44 -30.13
N LEU A 319 -1.73 15.79 -30.66
CA LEU A 319 -1.92 14.89 -31.76
C LEU A 319 -2.61 13.64 -31.21
N VAL A 320 -3.32 12.94 -32.08
CA VAL A 320 -4.12 11.79 -31.69
C VAL A 320 -3.77 10.63 -32.62
N PHE A 321 -3.83 9.41 -32.07
CA PHE A 321 -3.84 8.12 -32.78
C PHE A 321 -5.15 7.49 -32.34
N GLU A 322 -6.11 7.32 -33.27
CA GLU A 322 -7.44 6.76 -32.94
C GLU A 322 -7.63 5.48 -33.70
N GLU A 323 -8.13 4.43 -33.02
CA GLU A 323 -8.27 3.11 -33.61
C GLU A 323 -9.66 2.56 -33.36
N ILE A 324 -9.97 1.51 -34.12
CA ILE A 324 -11.24 0.80 -33.97
C ILE A 324 -11.33 -0.06 -32.68
N PRO A 325 -12.57 -0.30 -32.22
CA PRO A 325 -12.69 -1.07 -30.99
C PRO A 325 -12.03 -2.46 -31.11
N GLY A 326 -11.17 -2.80 -30.17
CA GLY A 326 -10.43 -4.06 -30.20
C GLY A 326 -9.78 -4.43 -28.87
N TRP A 327 -9.52 -5.73 -28.70
CA TRP A 327 -8.48 -6.20 -27.81
C TRP A 327 -8.08 -7.63 -28.12
N GLN A 328 -7.09 -7.78 -29.00
CA GLN A 328 -6.51 -9.08 -29.52
C GLN A 328 -7.41 -9.94 -30.33
N HIS A 329 -8.62 -10.15 -29.84
CA HIS A 329 -9.50 -11.15 -30.39
C HIS A 329 -10.03 -10.75 -31.74
N ILE A 330 -9.98 -11.68 -32.70
CA ILE A 330 -10.68 -11.52 -33.98
C ILE A 330 -11.71 -12.60 -34.10
N GLY A 331 -12.95 -12.16 -34.10
CA GLY A 331 -14.07 -13.04 -34.39
C GLY A 331 -14.17 -13.55 -35.81
N ASP A 332 -15.39 -13.94 -36.18
CA ASP A 332 -15.64 -14.64 -37.46
C ASP A 332 -15.80 -13.66 -38.60
N GLN A 333 -16.32 -14.12 -39.73
CA GLN A 333 -16.58 -13.26 -40.87
C GLN A 333 -17.45 -12.04 -40.52
N ALA A 334 -18.60 -12.30 -39.91
CA ALA A 334 -19.59 -11.27 -39.58
C ALA A 334 -19.02 -10.21 -38.59
N TRP A 335 -18.34 -10.70 -37.54
CA TRP A 335 -17.57 -9.89 -36.61
C TRP A 335 -16.66 -8.94 -37.37
N GLN A 336 -15.86 -9.49 -38.29
CA GLN A 336 -14.96 -8.67 -39.12
C GLN A 336 -15.69 -7.67 -40.02
N ASP A 337 -16.86 -8.01 -40.54
CA ASP A 337 -17.73 -7.01 -41.20
C ASP A 337 -18.10 -5.82 -40.32
N ARG A 338 -18.48 -6.09 -39.07
CA ARG A 338 -18.77 -5.06 -38.09
C ARG A 338 -17.49 -4.27 -37.82
N SER A 339 -16.32 -4.92 -37.76
CA SER A 339 -15.09 -4.17 -37.46
C SER A 339 -14.80 -3.24 -38.64
N VAL A 340 -15.04 -3.73 -39.85
CA VAL A 340 -14.95 -2.90 -41.02
C VAL A 340 -16.03 -1.75 -40.98
N ASP A 341 -17.27 -2.03 -40.59
CA ASP A 341 -18.17 -0.92 -40.37
C ASP A 341 -17.59 0.09 -39.35
N ASN A 342 -16.92 -0.39 -38.31
CA ASN A 342 -16.40 0.49 -37.29
C ASN A 342 -15.36 1.50 -37.80
N VAL A 343 -14.48 1.04 -38.68
CA VAL A 343 -13.55 1.84 -39.44
C VAL A 343 -14.27 2.97 -40.11
N ARG A 344 -15.38 2.67 -40.77
CA ARG A 344 -16.11 3.68 -41.55
C ARG A 344 -16.71 4.70 -40.62
N ALA A 345 -17.33 4.23 -39.57
CA ALA A 345 -17.99 5.12 -38.64
C ALA A 345 -16.96 5.98 -37.87
N MET A 346 -15.77 5.41 -37.60
CA MET A 346 -14.72 6.17 -36.92
C MET A 346 -14.28 7.29 -37.84
N ILE A 347 -13.86 6.97 -39.05
CA ILE A 347 -13.33 8.00 -39.95
C ILE A 347 -14.37 8.99 -40.44
N THR A 348 -15.61 8.61 -40.65
CA THR A 348 -16.58 9.60 -41.18
C THR A 348 -16.98 10.63 -40.14
N ARG A 349 -17.02 10.23 -38.88
CA ARG A 349 -17.21 11.16 -37.77
C ARG A 349 -15.98 12.04 -37.55
N ASP A 350 -14.76 11.52 -37.74
CA ASP A 350 -13.58 12.24 -37.21
C ASP A 350 -12.59 12.80 -38.22
N TRP A 351 -12.95 12.82 -39.51
CA TRP A 351 -11.99 13.08 -40.58
C TRP A 351 -11.57 14.55 -40.67
N ASN A 352 -12.33 15.46 -40.03
CA ASN A 352 -11.98 16.87 -40.05
C ASN A 352 -11.07 17.36 -38.92
N HIS A 353 -10.70 16.46 -37.98
CA HIS A 353 -9.89 16.83 -36.77
C HIS A 353 -8.44 17.02 -37.14
N PRO A 354 -7.95 18.27 -37.14
CA PRO A 354 -6.53 18.38 -37.42
C PRO A 354 -5.67 17.61 -36.42
N SER A 355 -6.15 17.39 -35.18
CA SER A 355 -5.38 16.59 -34.22
C SER A 355 -5.13 15.16 -34.63
N ILE A 356 -6.03 14.58 -35.40
CA ILE A 356 -5.87 13.18 -35.80
C ILE A 356 -4.93 13.10 -36.95
N VAL A 357 -3.90 12.32 -36.77
CA VAL A 357 -2.84 12.18 -37.77
C VAL A 357 -2.49 10.72 -38.10
N ILE A 358 -3.23 9.77 -37.54
CA ILE A 358 -2.98 8.37 -37.87
C ILE A 358 -4.19 7.55 -37.45
N TRP A 359 -4.63 6.63 -38.31
CA TRP A 359 -5.75 5.73 -37.99
C TRP A 359 -5.28 4.33 -37.64
N GLY A 360 -5.86 3.78 -36.57
CA GLY A 360 -5.53 2.44 -36.15
C GLY A 360 -6.63 1.58 -36.72
N VAL A 361 -6.25 0.67 -37.66
CA VAL A 361 -7.18 -0.22 -38.42
C VAL A 361 -7.00 -1.69 -38.18
N ARG A 362 -6.07 -2.06 -37.32
CA ARG A 362 -6.00 -3.43 -36.82
C ARG A 362 -6.62 -3.49 -35.44
N ILE A 363 -7.18 -4.66 -35.09
CA ILE A 363 -7.55 -4.91 -33.71
C ILE A 363 -6.22 -4.88 -32.90
N ASN A 364 -6.24 -4.21 -31.76
CA ASN A 364 -5.05 -4.03 -30.90
C ASN A 364 -4.47 -5.41 -30.56
N GLU A 365 -3.21 -5.60 -30.92
CA GLU A 365 -2.43 -6.79 -30.56
C GLU A 365 -3.09 -8.00 -31.08
N SER A 366 -3.71 -7.92 -32.26
CA SER A 366 -4.22 -9.15 -32.93
C SER A 366 -3.06 -9.86 -33.64
N PRO A 367 -3.26 -11.14 -33.94
CA PRO A 367 -2.48 -11.79 -34.98
C PRO A 367 -2.77 -11.12 -36.31
N ASP A 368 -1.94 -11.41 -37.31
CA ASP A 368 -2.16 -10.97 -38.66
C ASP A 368 -3.42 -11.63 -39.22
N ASN A 369 -3.99 -10.99 -40.24
CA ASN A 369 -5.14 -11.58 -40.91
C ASN A 369 -5.29 -10.87 -42.24
N HIS A 370 -4.77 -11.54 -43.26
CA HIS A 370 -4.60 -10.92 -44.52
C HIS A 370 -5.94 -10.38 -45.04
N ASP A 371 -6.95 -11.23 -45.24
CA ASP A 371 -8.14 -10.74 -45.95
C ASP A 371 -8.92 -9.73 -45.11
N PHE A 372 -8.83 -9.83 -43.79
CA PHE A 372 -9.47 -8.88 -42.91
C PHE A 372 -8.82 -7.47 -42.99
N TYR A 373 -7.51 -7.41 -42.86
CA TYR A 373 -6.80 -6.15 -42.82
C TYR A 373 -6.63 -5.52 -44.24
N VAL A 374 -6.53 -6.34 -45.30
CA VAL A 374 -6.69 -5.82 -46.68
C VAL A 374 -7.93 -4.97 -46.71
N ARG A 375 -9.03 -5.47 -46.16
CA ARG A 375 -10.32 -4.74 -46.15
C ARG A 375 -10.28 -3.46 -45.34
N THR A 376 -9.83 -3.55 -44.11
CA THR A 376 -9.76 -2.34 -43.27
C THR A 376 -8.81 -1.27 -43.83
N ASN A 377 -7.66 -1.72 -44.32
CA ASN A 377 -6.71 -0.81 -44.96
C ASN A 377 -7.26 -0.15 -46.21
N ALA A 378 -7.97 -0.94 -47.04
CA ALA A 378 -8.56 -0.38 -48.28
C ALA A 378 -9.58 0.71 -47.95
N LEU A 379 -10.47 0.39 -47.01
CA LEU A 379 -11.55 1.26 -46.65
C LEU A 379 -11.03 2.56 -46.03
N ALA A 380 -10.06 2.46 -45.13
CA ALA A 380 -9.49 3.65 -44.53
C ALA A 380 -8.93 4.54 -45.61
N ARG A 381 -8.11 3.98 -46.50
CA ARG A 381 -7.54 4.79 -47.58
C ARG A 381 -8.52 5.42 -48.53
N GLU A 382 -9.67 4.81 -48.77
CA GLU A 382 -10.68 5.36 -49.69
C GLU A 382 -11.38 6.52 -49.02
N LEU A 383 -11.73 6.34 -47.75
CA LEU A 383 -12.52 7.32 -47.01
C LEU A 383 -11.68 8.53 -46.61
N ASP A 384 -10.37 8.30 -46.41
CA ASP A 384 -9.45 9.38 -46.03
C ASP A 384 -8.03 9.12 -46.51
N PRO A 385 -7.72 9.53 -47.77
CA PRO A 385 -6.34 9.42 -48.24
C PRO A 385 -5.34 10.42 -47.58
N THR A 386 -5.84 11.36 -46.77
CA THR A 386 -5.04 12.45 -46.22
C THR A 386 -4.26 12.03 -44.97
N ARG A 387 -4.60 10.91 -44.32
CA ARG A 387 -3.83 10.49 -43.13
C ARG A 387 -3.25 9.11 -43.27
N ALA A 388 -2.08 8.90 -42.66
CA ALA A 388 -1.41 7.62 -42.59
C ALA A 388 -2.22 6.56 -41.88
N ILE A 389 -1.86 5.31 -42.15
CA ILE A 389 -2.56 4.19 -41.59
C ILE A 389 -1.57 3.43 -40.75
N GLY A 390 -2.08 3.06 -39.56
CA GLY A 390 -1.34 2.22 -38.63
C GLY A 390 -2.27 1.14 -38.16
N GLY A 391 -1.73 0.28 -37.31
CA GLY A 391 -2.57 -0.67 -36.63
C GLY A 391 -1.75 -1.43 -35.67
N VAL A 392 -2.14 -1.42 -34.43
CA VAL A 392 -1.18 -1.79 -33.37
C VAL A 392 -0.96 -3.31 -33.21
N ARG A 393 0.29 -3.71 -33.20
CA ARG A 393 0.65 -5.12 -32.94
C ARG A 393 1.72 -5.28 -31.88
N CYS A 394 1.88 -6.49 -31.35
CA CYS A 394 2.93 -6.73 -30.38
C CYS A 394 3.84 -7.87 -30.82
N ILE A 395 3.90 -8.11 -32.14
CA ILE A 395 4.70 -9.18 -32.74
C ILE A 395 5.66 -8.61 -33.81
N THR A 396 6.75 -9.31 -33.99
CA THR A 396 7.70 -9.00 -35.01
C THR A 396 7.26 -9.61 -36.34
N ASP A 397 7.85 -9.14 -37.42
CA ASP A 397 7.64 -9.72 -38.75
C ASP A 397 6.20 -9.75 -39.25
N SER A 398 5.39 -8.82 -38.76
CA SER A 398 3.95 -8.66 -39.10
C SER A 398 3.81 -8.11 -40.48
N GLU A 399 2.74 -8.57 -41.12
CA GLU A 399 2.39 -8.17 -42.47
C GLU A 399 1.97 -6.67 -42.55
N MET A 400 2.82 -5.88 -43.19
CA MET A 400 2.72 -4.44 -43.13
C MET A 400 1.85 -3.89 -44.24
N LEU A 401 0.55 -3.97 -44.08
CA LEU A 401 -0.29 -3.42 -45.15
C LEU A 401 -0.42 -1.93 -44.91
N GLU A 402 -0.06 -1.51 -43.72
CA GLU A 402 -0.33 -0.18 -43.36
C GLU A 402 0.93 0.67 -43.62
N ASP A 403 0.77 1.99 -43.48
CA ASP A 403 1.85 2.93 -43.73
C ASP A 403 2.92 2.99 -42.63
N VAL A 404 2.55 2.72 -41.38
CA VAL A 404 3.47 2.81 -40.24
C VAL A 404 3.46 1.51 -39.41
N TYR A 405 4.63 0.95 -39.13
CA TYR A 405 4.68 -0.24 -38.30
C TYR A 405 4.61 0.24 -36.84
N THR A 406 3.38 0.23 -36.33
CA THR A 406 3.00 0.74 -35.05
C THR A 406 3.07 -0.45 -34.12
N MET A 407 4.07 -0.46 -33.24
CA MET A 407 4.42 -1.66 -32.52
C MET A 407 4.49 -1.48 -31.00
N ASN A 408 3.87 -2.39 -30.26
CA ASN A 408 4.01 -2.46 -28.85
C ASN A 408 5.20 -3.30 -28.53
N ASP A 409 6.24 -2.68 -27.98
CA ASP A 409 7.51 -3.31 -27.71
C ASP A 409 7.75 -3.40 -26.23
N PHE A 410 7.62 -4.62 -25.70
CA PHE A 410 7.67 -4.87 -24.26
C PHE A 410 8.96 -5.54 -23.85
N ILE A 411 10.04 -5.24 -24.55
CA ILE A 411 11.31 -5.89 -24.23
C ILE A 411 11.86 -5.45 -22.90
N LEU A 412 11.54 -4.24 -22.43
CA LEU A 412 11.98 -3.84 -21.10
C LEU A 412 11.03 -4.36 -19.98
N ASP A 413 11.47 -5.17 -19.01
CA ASP A 413 12.81 -5.83 -18.98
C ASP A 413 12.65 -7.36 -18.93
N GLU A 414 12.75 -7.94 -20.11
CA GLU A 414 12.66 -9.38 -20.26
C GLU A 414 13.80 -10.10 -19.67
N SER A 415 14.97 -9.46 -19.55
CA SER A 415 16.16 -10.12 -18.98
C SER A 415 16.01 -10.66 -17.55
N GLU A 416 14.95 -10.24 -16.84
CA GLU A 416 14.53 -10.83 -15.57
C GLU A 416 14.14 -12.30 -15.68
N LEU A 417 13.53 -12.67 -16.80
CA LEU A 417 13.13 -14.07 -17.01
C LEU A 417 14.33 -15.05 -16.90
N PRO A 418 14.05 -16.32 -16.55
CA PRO A 418 15.14 -17.23 -16.19
C PRO A 418 16.12 -17.65 -17.33
N LEU A 419 15.62 -18.08 -18.46
CA LEU A 419 16.57 -18.49 -19.49
C LEU A 419 16.79 -17.44 -20.61
N ILE A 420 16.95 -16.17 -20.23
CA ILE A 420 17.09 -15.05 -21.19
C ILE A 420 18.49 -14.45 -21.07
N ASN A 421 19.31 -14.66 -22.09
CA ASN A 421 20.73 -14.23 -22.11
C ASN A 421 20.93 -12.77 -22.48
N ARG A 422 19.86 -12.14 -22.96
CA ARG A 422 19.94 -10.84 -23.59
C ARG A 422 19.90 -9.72 -22.54
N PRO A 423 20.82 -8.75 -22.61
CA PRO A 423 20.81 -7.74 -21.59
C PRO A 423 19.62 -6.80 -21.65
N ARG A 424 19.43 -6.17 -20.50
CA ARG A 424 18.41 -5.16 -20.28
C ARG A 424 18.40 -4.23 -21.48
N THR A 425 17.29 -4.18 -22.20
CA THR A 425 17.18 -3.40 -23.40
C THR A 425 15.92 -2.59 -23.38
N ALA A 426 15.99 -1.27 -23.53
CA ALA A 426 14.78 -0.46 -23.43
C ALA A 426 13.85 -0.65 -24.63
N LEU A 427 14.42 -0.67 -25.82
CA LEU A 427 13.67 -0.82 -27.07
C LEU A 427 14.46 -1.65 -28.11
N ARG A 428 13.76 -2.48 -28.89
CA ARG A 428 14.46 -3.26 -29.98
C ARG A 428 14.86 -2.38 -31.17
N PRO A 429 15.87 -2.80 -31.96
CA PRO A 429 16.13 -2.10 -33.22
C PRO A 429 15.01 -2.38 -34.21
N THR A 430 14.63 -1.37 -34.97
CA THR A 430 13.53 -1.43 -35.91
C THR A 430 13.63 -2.56 -36.89
N GLU A 431 14.81 -2.80 -37.45
CA GLU A 431 14.95 -3.91 -38.43
C GLU A 431 14.59 -5.26 -37.81
N GLU A 432 15.00 -5.48 -36.56
CA GLU A 432 14.70 -6.73 -35.85
C GLU A 432 13.19 -6.96 -35.74
N VAL A 433 12.47 -5.92 -35.33
CA VAL A 433 11.03 -5.98 -35.14
C VAL A 433 10.26 -6.12 -36.46
N THR A 434 10.51 -5.23 -37.41
CA THR A 434 9.80 -5.25 -38.71
C THR A 434 10.14 -6.47 -39.61
N GLY A 435 11.38 -6.94 -39.57
CA GLY A 435 11.83 -7.97 -40.49
C GLY A 435 12.14 -7.43 -41.88
N ILE A 436 12.03 -6.11 -42.07
CA ILE A 436 12.20 -5.50 -43.37
C ILE A 436 13.55 -4.79 -43.29
N LYS A 437 14.46 -5.08 -44.22
CA LYS A 437 15.74 -4.33 -44.31
C LYS A 437 15.49 -2.84 -44.62
N LYS A 438 14.75 -2.56 -45.69
CA LYS A 438 14.33 -1.19 -46.03
C LYS A 438 13.74 -0.41 -44.80
N PRO A 439 14.24 0.79 -44.52
CA PRO A 439 13.58 1.65 -43.50
C PRO A 439 12.08 1.92 -43.80
N VAL A 440 11.22 1.73 -42.80
CA VAL A 440 9.77 1.97 -42.87
C VAL A 440 9.39 2.91 -41.67
N PRO A 441 8.30 3.69 -41.77
CA PRO A 441 7.91 4.47 -40.61
C PRO A 441 7.54 3.56 -39.47
N TYR A 442 7.93 3.97 -38.26
CA TYR A 442 7.87 3.10 -37.10
C TYR A 442 7.64 3.90 -35.84
N LEU A 443 6.63 3.48 -35.08
CA LEU A 443 6.17 4.17 -33.91
C LEU A 443 5.96 3.13 -32.86
N VAL A 444 6.59 3.27 -31.66
CA VAL A 444 6.36 2.33 -30.56
C VAL A 444 5.08 2.76 -29.89
N THR A 445 4.06 1.91 -29.83
CA THR A 445 2.75 2.43 -29.42
C THR A 445 2.36 2.07 -28.01
N GLU A 446 3.05 1.12 -27.40
CA GLU A 446 3.03 0.91 -25.99
C GLU A 446 4.37 0.34 -25.50
N TYR A 447 4.60 0.45 -24.20
CA TYR A 447 5.81 -0.04 -23.52
C TYR A 447 5.54 0.01 -21.99
N ASN A 448 6.36 -0.70 -21.21
CA ASN A 448 6.17 -0.77 -19.75
C ASN A 448 4.85 -1.42 -19.32
N GLY A 449 3.82 -0.69 -18.89
CA GLY A 449 2.57 -1.33 -18.47
C GLY A 449 2.75 -2.60 -17.64
N HIS A 450 2.09 -3.67 -18.05
CA HIS A 450 2.28 -5.00 -17.39
C HIS A 450 3.74 -5.47 -17.11
N MET A 451 4.72 -5.00 -17.85
CA MET A 451 6.10 -5.35 -17.54
C MET A 451 6.55 -4.83 -16.18
N PHE A 452 5.95 -3.72 -15.73
CA PHE A 452 6.33 -3.15 -14.42
C PHE A 452 5.21 -2.42 -13.67
N PRO A 453 4.22 -3.21 -13.16
CA PRO A 453 3.11 -2.63 -12.40
C PRO A 453 3.65 -1.89 -11.20
N THR A 454 3.15 -0.72 -10.95
CA THR A 454 3.63 0.04 -9.79
C THR A 454 2.39 0.71 -9.28
N LYS A 455 2.02 0.37 -8.06
CA LYS A 455 0.85 0.98 -7.38
C LYS A 455 1.22 2.35 -6.82
N ALA A 456 0.23 3.20 -6.58
CA ALA A 456 0.44 4.53 -6.03
C ALA A 456 1.23 4.51 -4.69
N GLN A 457 0.94 3.54 -3.83
CA GLN A 457 1.55 3.47 -2.53
C GLN A 457 2.70 2.50 -2.49
N ASP A 458 3.17 2.03 -3.65
CA ASP A 458 4.30 1.13 -3.62
C ASP A 458 5.57 1.80 -3.08
N PRO A 459 6.51 0.99 -2.64
CA PRO A 459 7.74 1.55 -2.06
C PRO A 459 8.49 2.54 -2.94
N GLU A 460 9.13 3.51 -2.26
CA GLU A 460 9.94 4.51 -2.90
C GLU A 460 10.87 3.82 -3.90
N LEU A 461 11.51 2.70 -3.54
CA LEU A 461 12.46 2.08 -4.43
C LEU A 461 11.79 1.59 -5.71
N ARG A 462 10.61 1.00 -5.57
CA ARG A 462 9.95 0.53 -6.74
C ARG A 462 9.56 1.70 -7.63
N GLN A 463 9.13 2.80 -7.05
CA GLN A 463 8.68 3.93 -7.84
C GLN A 463 9.82 4.63 -8.59
N MET A 464 10.96 4.64 -7.95
CA MET A 464 12.18 4.98 -8.61
C MET A 464 12.41 4.10 -9.88
N GLU A 465 12.25 2.80 -9.80
CA GLU A 465 12.57 1.96 -10.95
C GLU A 465 11.54 2.21 -12.06
N HIS A 466 10.31 2.41 -11.65
CA HIS A 466 9.17 2.82 -12.53
C HIS A 466 9.49 4.15 -13.25
N VAL A 467 9.93 5.14 -12.50
CA VAL A 467 10.42 6.37 -13.10
C VAL A 467 11.56 6.10 -14.11
N ILE A 468 12.62 5.47 -13.63
CA ILE A 468 13.73 5.08 -14.50
C ILE A 468 13.21 4.41 -15.80
N ARG A 469 12.24 3.52 -15.72
CA ARG A 469 11.79 2.76 -16.90
C ARG A 469 11.09 3.60 -17.94
N HIS A 470 10.30 4.57 -17.51
CA HIS A 470 9.70 5.50 -18.46
C HIS A 470 10.78 6.40 -19.14
N LEU A 471 11.73 6.81 -18.32
CA LEU A 471 12.88 7.56 -18.76
C LEU A 471 13.74 6.80 -19.75
N GLU A 472 14.02 5.53 -19.48
CA GLU A 472 14.85 4.73 -20.39
C GLU A 472 14.26 4.56 -21.76
N VAL A 473 12.99 4.19 -21.79
CA VAL A 473 12.27 4.05 -23.03
C VAL A 473 12.19 5.36 -23.79
N LEU A 474 11.70 6.42 -23.15
CA LEU A 474 11.69 7.75 -23.78
C LEU A 474 13.06 8.16 -24.34
N ASN A 475 14.10 7.77 -23.64
CA ASN A 475 15.47 8.10 -24.07
C ASN A 475 15.89 7.25 -25.26
N ALA A 476 15.55 5.97 -25.24
CA ALA A 476 15.91 5.15 -26.35
C ALA A 476 15.10 5.60 -27.59
N ALA A 477 13.83 5.96 -27.44
CA ALA A 477 13.05 6.50 -28.54
C ALA A 477 13.68 7.79 -29.12
N HIS A 478 14.03 8.74 -28.25
CA HIS A 478 14.64 10.00 -28.72
C HIS A 478 15.98 9.81 -29.37
N GLY A 479 16.67 8.77 -28.99
CA GLY A 479 17.96 8.39 -29.55
C GLY A 479 17.99 7.56 -30.80
N ASP A 480 16.92 6.89 -31.17
CA ASP A 480 16.96 6.08 -32.36
C ASP A 480 16.36 6.84 -33.53
N PRO A 481 17.18 7.21 -34.54
CA PRO A 481 16.62 8.03 -35.62
C PRO A 481 15.51 7.31 -36.39
N ALA A 482 15.53 5.97 -36.35
CA ALA A 482 14.57 5.11 -37.06
C ALA A 482 13.18 4.94 -36.32
N ILE A 483 13.07 5.57 -35.15
CA ILE A 483 11.91 5.50 -34.31
C ILE A 483 11.27 6.89 -34.30
N SER A 484 10.04 6.97 -34.82
CA SER A 484 9.32 8.23 -34.92
C SER A 484 8.93 8.77 -33.55
N GLY A 485 8.90 7.90 -32.53
CA GLY A 485 8.53 8.31 -31.18
C GLY A 485 7.97 7.14 -30.38
N CYS A 486 7.43 7.41 -29.20
CA CYS A 486 6.95 6.34 -28.35
C CYS A 486 5.83 6.78 -27.44
N ILE A 487 4.89 5.89 -27.18
CA ILE A 487 3.69 6.14 -26.43
C ILE A 487 3.61 5.16 -25.27
N GLY A 488 3.75 5.66 -24.05
CA GLY A 488 3.83 4.77 -22.89
C GLY A 488 2.55 4.05 -22.53
N TRP A 489 2.65 2.89 -21.89
CA TRP A 489 1.49 2.28 -21.23
C TRP A 489 1.58 2.50 -19.72
N CYS A 490 0.82 3.45 -19.16
CA CYS A 490 -0.27 4.18 -19.77
C CYS A 490 -0.60 5.40 -18.92
N MET A 491 -1.60 6.18 -19.28
CA MET A 491 -1.87 7.45 -18.55
C MET A 491 -2.31 7.24 -17.10
N PHE A 492 -3.29 6.39 -16.88
CA PHE A 492 -3.82 6.14 -15.55
C PHE A 492 -4.08 4.66 -15.30
N ASP A 493 -3.97 4.23 -14.05
CA ASP A 493 -4.54 2.94 -13.64
C ASP A 493 -6.04 2.81 -14.02
N TYR A 494 -6.41 1.66 -14.59
CA TYR A 494 -7.76 1.42 -15.15
C TYR A 494 -8.31 0.08 -14.65
N ASN A 495 -9.64 0.04 -14.49
CA ASN A 495 -10.36 -1.21 -14.13
C ASN A 495 -10.30 -2.21 -15.29
N THR A 496 -10.12 -3.49 -15.00
CA THR A 496 -9.96 -4.51 -16.04
C THR A 496 -10.72 -5.76 -15.64
N HIS A 497 -10.64 -6.77 -16.49
CA HIS A 497 -11.22 -8.10 -16.16
C HIS A 497 -10.35 -8.88 -15.17
N LYS A 498 -10.98 -9.88 -14.54
CA LYS A 498 -10.33 -10.78 -13.57
C LYS A 498 -9.05 -11.41 -14.16
N ASP A 499 -9.03 -11.50 -15.48
CA ASP A 499 -7.87 -12.04 -16.21
C ASP A 499 -6.64 -11.15 -16.17
N PHE A 500 -6.78 -9.87 -15.86
CA PHE A 500 -5.58 -8.94 -15.79
C PHE A 500 -5.47 -8.25 -14.44
N GLY A 501 -4.35 -7.53 -14.28
CA GLY A 501 -4.06 -6.70 -13.12
C GLY A 501 -3.79 -7.52 -11.89
N ALA A 502 -4.06 -6.91 -10.74
CA ALA A 502 -3.45 -7.37 -9.47
C ALA A 502 -4.38 -8.17 -8.59
N GLY A 503 -5.46 -8.68 -9.24
CA GLY A 503 -6.48 -9.44 -8.58
C GLY A 503 -7.62 -8.52 -8.13
N ASP A 504 -7.44 -7.21 -8.25
CA ASP A 504 -8.33 -6.23 -7.69
C ASP A 504 -9.20 -5.59 -8.73
N ARG A 505 -9.13 -6.12 -9.94
CA ARG A 505 -9.81 -5.54 -11.11
C ARG A 505 -9.13 -4.22 -11.56
N ILE A 506 -7.84 -4.06 -11.22
CA ILE A 506 -7.07 -2.89 -11.57
C ILE A 506 -5.71 -3.28 -12.19
N CYS A 507 -5.37 -2.64 -13.31
CA CYS A 507 -4.02 -2.67 -13.91
C CYS A 507 -3.29 -1.40 -13.43
N HIS A 508 -2.34 -1.60 -12.54
CA HIS A 508 -1.53 -0.54 -11.98
C HIS A 508 -0.42 -0.14 -12.94
N HIS A 509 -0.82 0.39 -14.09
CA HIS A 509 0.06 0.71 -15.21
C HIS A 509 0.20 2.19 -15.45
N GLY A 510 -0.66 3.01 -14.83
CA GLY A 510 -0.59 4.44 -15.02
C GLY A 510 0.67 5.06 -14.49
N VAL A 511 1.04 6.15 -15.17
CA VAL A 511 1.91 7.13 -14.58
C VAL A 511 1.04 8.03 -13.68
N MET A 512 -0.27 7.96 -13.79
CA MET A 512 -1.12 8.71 -12.90
C MET A 512 -1.99 7.66 -12.29
N ASP A 513 -2.56 7.94 -11.13
CA ASP A 513 -3.53 7.04 -10.59
C ASP A 513 -4.84 7.28 -11.36
N ILE A 514 -5.89 6.55 -10.98
CA ILE A 514 -7.18 6.54 -11.64
C ILE A 514 -7.99 7.84 -11.52
N TRP A 515 -7.57 8.72 -10.63
CA TRP A 515 -8.12 10.06 -10.57
C TRP A 515 -7.30 11.03 -11.42
N ARG A 516 -6.35 10.51 -12.20
CA ARG A 516 -5.40 11.35 -12.92
C ARG A 516 -4.56 12.28 -12.02
N GLU A 517 -4.32 11.86 -10.78
CA GLU A 517 -3.26 12.46 -9.97
C GLU A 517 -1.86 11.82 -10.26
N PRO A 518 -0.84 12.63 -10.53
CA PRO A 518 0.48 12.05 -10.85
C PRO A 518 1.07 11.17 -9.76
N LYS A 519 1.63 10.04 -10.13
CA LYS A 519 2.58 9.34 -9.31
C LYS A 519 3.90 9.90 -9.77
N PHE A 520 5.00 9.44 -9.19
CA PHE A 520 6.23 10.03 -9.58
C PHE A 520 6.51 9.83 -11.03
N ALA A 521 6.17 8.71 -11.61
CA ALA A 521 6.49 8.49 -13.07
C ALA A 521 5.89 9.56 -14.02
N ALA A 522 4.79 10.19 -13.60
CA ALA A 522 4.16 11.25 -14.43
C ALA A 522 5.10 12.39 -14.79
N HIS A 523 5.96 12.77 -13.87
CA HIS A 523 6.80 13.95 -14.10
C HIS A 523 7.98 13.61 -14.92
N ALA A 524 8.28 12.31 -15.16
CA ALA A 524 9.17 11.94 -16.29
C ALA A 524 8.64 12.58 -17.60
N TYR A 525 7.36 12.42 -17.89
CA TYR A 525 6.75 13.00 -19.08
C TYR A 525 6.64 14.51 -18.92
N GLY A 526 6.06 14.99 -17.81
CA GLY A 526 5.89 16.45 -17.55
C GLY A 526 7.23 17.25 -17.52
N SER A 527 8.31 16.59 -17.14
CA SER A 527 9.56 17.26 -16.99
C SER A 527 10.16 17.60 -18.36
N GLN A 528 9.66 17.01 -19.45
CA GLN A 528 10.15 17.35 -20.79
C GLN A 528 9.59 18.69 -21.33
N LYS A 529 8.66 19.28 -20.61
CA LYS A 529 8.20 20.60 -20.91
C LYS A 529 9.40 21.52 -21.16
N PRO A 530 9.31 22.39 -22.17
CA PRO A 530 10.24 23.55 -22.14
C PRO A 530 9.98 24.47 -20.90
N PRO A 531 11.04 25.01 -20.25
CA PRO A 531 10.90 25.87 -19.08
C PRO A 531 10.06 27.12 -19.27
N SER A 532 10.09 27.73 -20.45
CA SER A 532 9.17 28.84 -20.79
C SER A 532 7.71 28.47 -20.48
N GLU A 533 7.31 27.22 -20.71
CA GLU A 533 5.91 26.82 -20.47
C GLU A 533 5.61 26.41 -19.01
N GLY A 534 6.67 26.29 -18.18
CA GLY A 534 6.50 26.04 -16.73
C GLY A 534 7.68 25.29 -16.15
N ILE A 535 7.98 25.57 -14.87
CA ILE A 535 9.07 24.92 -14.18
C ILE A 535 8.49 23.69 -13.54
N VAL A 536 9.15 22.56 -13.77
CA VAL A 536 8.83 21.31 -13.20
C VAL A 536 10.08 20.90 -12.38
N MET A 537 9.86 20.55 -11.12
CA MET A 537 10.91 19.97 -10.32
C MET A 537 10.35 19.15 -9.19
N GLU A 538 10.41 17.83 -9.39
CA GLU A 538 9.85 16.86 -8.49
C GLU A 538 10.87 15.83 -8.15
N PRO A 539 11.36 15.88 -6.90
CA PRO A 539 12.19 14.80 -6.34
C PRO A 539 11.42 13.47 -6.14
N VAL A 540 12.06 12.35 -6.43
CA VAL A 540 11.41 11.04 -6.28
C VAL A 540 11.72 10.49 -4.89
N THR A 541 11.01 11.08 -3.93
CA THR A 541 11.17 10.71 -2.56
C THR A 541 10.00 11.15 -1.67
N PHE A 542 9.87 10.37 -0.61
CA PHE A 542 9.01 10.70 0.51
C PHE A 542 9.85 11.29 1.69
N TRP A 543 11.17 11.28 1.60
CA TRP A 543 12.06 11.90 2.61
C TRP A 543 11.79 11.29 4.01
N ALA A 544 12.05 10.00 4.13
CA ALA A 544 11.97 9.27 5.34
C ALA A 544 13.27 8.49 5.45
N ARG A 545 13.79 8.31 6.63
CA ARG A 545 15.11 7.76 6.82
C ARG A 545 15.17 6.29 6.48
N GLY A 546 14.16 5.55 6.91
CA GLY A 546 14.11 4.10 6.70
C GLY A 546 12.97 3.61 5.79
N GLU A 547 12.63 4.37 4.76
CA GLU A 547 11.67 3.84 3.77
C GLU A 547 12.35 2.79 2.87
N ARG A 548 13.49 3.19 2.34
CA ARG A 548 14.37 2.43 1.46
C ARG A 548 15.23 1.46 2.25
N ASN A 549 15.60 0.34 1.61
CA ASN A 549 16.66 -0.52 2.13
C ASN A 549 17.83 0.33 2.70
N ILE A 550 18.34 -0.02 3.86
CA ILE A 550 19.56 0.59 4.46
C ILE A 550 19.33 1.97 5.13
N GLY A 551 18.86 2.93 4.35
CA GLY A 551 18.30 4.20 4.85
C GLY A 551 18.67 5.27 3.83
N GLY A 552 18.18 6.48 3.98
CA GLY A 552 18.65 7.52 3.12
C GLY A 552 17.78 7.71 1.93
N VAL A 553 18.06 8.78 1.21
CA VAL A 553 17.30 9.12 0.00
C VAL A 553 18.22 9.19 -1.25
N LEU A 554 19.46 8.70 -1.13
CA LEU A 554 20.41 8.67 -2.21
C LEU A 554 20.42 7.26 -2.71
N PRO A 555 20.36 7.05 -4.02
CA PRO A 555 20.40 8.11 -5.03
C PRO A 555 19.09 8.83 -5.18
N LEU A 556 19.10 10.16 -5.34
CA LEU A 556 17.86 10.90 -5.46
C LEU A 556 17.68 11.35 -6.88
N ILE A 557 16.60 10.87 -7.46
CA ILE A 557 16.19 11.29 -8.78
C ILE A 557 15.38 12.58 -8.73
N VAL A 558 15.81 13.59 -9.46
CA VAL A 558 14.99 14.77 -9.57
C VAL A 558 14.56 15.04 -11.04
N LEU A 559 13.25 14.91 -11.28
CA LEU A 559 12.64 15.09 -12.58
C LEU A 559 12.43 16.59 -12.74
N THR A 560 13.04 17.16 -13.81
CA THR A 560 13.08 18.56 -13.86
C THR A 560 13.46 19.08 -15.24
N ASN A 561 12.92 20.27 -15.54
CA ASN A 561 13.36 21.04 -16.71
C ASN A 561 14.26 22.19 -16.34
N CYS A 562 14.78 22.16 -15.12
CA CYS A 562 15.80 23.12 -14.67
C CYS A 562 17.17 22.68 -15.20
N ASP A 563 18.09 23.64 -15.34
CA ASP A 563 19.44 23.32 -15.84
C ASP A 563 20.33 22.81 -14.72
N GLU A 564 20.02 23.10 -13.48
CA GLU A 564 20.70 22.38 -12.38
C GLU A 564 19.89 22.46 -11.09
N VAL A 565 20.15 21.52 -10.19
CA VAL A 565 19.37 21.34 -8.94
C VAL A 565 20.31 21.37 -7.75
N GLU A 566 19.93 22.12 -6.71
CA GLU A 566 20.72 22.18 -5.45
C GLU A 566 20.12 21.36 -4.31
N PHE A 567 20.98 20.67 -3.58
CA PHE A 567 20.60 19.77 -2.49
C PHE A 567 21.15 20.33 -1.16
N GLU A 568 20.25 20.66 -0.22
CA GLU A 568 20.70 21.09 1.11
C GLU A 568 20.15 20.13 2.13
N CYS A 569 21.02 19.46 2.86
CA CYS A 569 20.61 18.69 4.01
C CYS A 569 21.68 18.68 5.06
N ALA A 570 21.31 18.79 6.34
CA ALA A 570 22.29 18.54 7.43
C ALA A 570 23.57 19.35 7.21
N GLY A 571 23.42 20.63 6.88
CA GLY A 571 24.56 21.51 6.64
C GLY A 571 25.43 21.21 5.44
N VAL A 572 24.95 20.41 4.49
CA VAL A 572 25.68 20.11 3.27
C VAL A 572 24.87 20.75 2.15
N THR A 573 25.53 21.52 1.29
CA THR A 573 24.92 22.10 0.09
C THR A 573 25.72 21.55 -1.05
N ARG A 574 25.05 21.03 -2.08
CA ARG A 574 25.77 20.46 -3.22
C ARG A 574 24.95 20.67 -4.51
N ARG A 575 25.58 21.28 -5.51
CA ARG A 575 24.87 21.56 -6.73
C ARG A 575 25.19 20.53 -7.82
N VAL A 576 24.14 20.02 -8.47
CA VAL A 576 24.24 18.90 -9.39
C VAL A 576 23.42 19.21 -10.65
N GLY A 577 23.98 18.81 -11.79
CA GLY A 577 23.27 18.93 -13.06
C GLY A 577 22.59 17.67 -13.64
N PRO A 578 21.96 17.86 -14.80
CA PRO A 578 21.13 16.79 -15.33
C PRO A 578 22.03 15.68 -15.77
N ASP A 579 21.55 14.43 -15.66
CA ASP A 579 22.39 13.24 -15.93
C ASP A 579 22.36 12.85 -17.42
N ARG A 580 23.19 13.57 -18.16
CA ARG A 580 23.37 13.40 -19.60
C ARG A 580 24.12 12.16 -19.97
N GLU A 581 25.13 11.80 -19.20
CA GLU A 581 25.80 10.52 -19.43
CA GLU A 581 25.83 10.53 -19.39
C GLU A 581 24.73 9.43 -19.54
N ARG A 582 23.73 9.47 -18.69
CA ARG A 582 22.81 8.36 -18.62
C ARG A 582 21.62 8.45 -19.54
N PHE A 583 21.03 9.62 -19.70
CA PHE A 583 19.94 9.82 -20.61
C PHE A 583 20.37 10.85 -21.67
N PRO A 584 21.32 10.51 -22.54
CA PRO A 584 21.82 11.54 -23.45
C PRO A 584 20.83 12.15 -24.45
N HIS A 585 19.72 11.50 -24.78
CA HIS A 585 18.82 11.95 -25.84
C HIS A 585 17.55 12.61 -25.35
N LEU A 586 17.36 12.67 -24.03
CA LEU A 586 16.16 13.32 -23.50
C LEU A 586 16.24 14.80 -23.64
N PRO A 587 15.10 15.43 -23.96
CA PRO A 587 15.05 16.86 -23.94
C PRO A 587 15.41 17.38 -22.58
N ARG A 588 14.88 16.78 -21.53
CA ARG A 588 15.12 17.28 -20.16
C ARG A 588 15.51 16.16 -19.22
N PRO A 589 16.78 15.76 -19.31
CA PRO A 589 17.24 14.65 -18.55
C PRO A 589 17.23 15.04 -17.10
N PRO A 590 16.95 14.05 -16.24
CA PRO A 590 16.67 14.37 -14.87
C PRO A 590 17.99 14.61 -14.14
N VAL A 591 17.89 15.25 -12.98
CA VAL A 591 19.04 15.38 -12.10
C VAL A 591 19.04 14.17 -11.17
N ILE A 592 20.18 13.52 -11.02
CA ILE A 592 20.32 12.41 -10.13
C ILE A 592 21.50 12.73 -9.24
N ILE A 593 21.24 12.76 -7.95
CA ILE A 593 22.22 13.07 -6.96
C ILE A 593 22.61 11.77 -6.28
N ASP A 594 23.88 11.52 -6.05
CA ASP A 594 24.33 10.18 -5.65
C ASP A 594 25.78 10.26 -5.12
N HIS A 595 26.45 9.12 -4.98
CA HIS A 595 27.78 9.03 -4.36
C HIS A 595 28.90 9.87 -5.06
N ARG A 596 28.72 10.09 -6.36
CA ARG A 596 29.59 10.90 -7.20
C ARG A 596 29.58 12.36 -6.80
N HIS A 597 28.51 12.81 -6.17
CA HIS A 597 28.32 14.22 -5.80
C HIS A 597 28.42 14.46 -4.28
N ILE A 598 27.98 13.47 -3.48
CA ILE A 598 27.99 13.55 -2.02
C ILE A 598 28.44 12.20 -1.49
N SER A 599 29.23 12.17 -0.43
CA SER A 599 29.66 10.89 0.15
C SER A 599 28.73 10.49 1.35
N ALA A 600 29.02 9.33 1.94
CA ALA A 600 28.32 8.90 3.14
C ALA A 600 28.65 9.86 4.30
N GLU A 601 29.94 9.97 4.59
CA GLU A 601 30.48 10.81 5.68
C GLU A 601 29.88 12.23 5.74
N GLU A 602 29.73 12.88 4.58
CA GLU A 602 29.27 14.28 4.48
C GLU A 602 27.93 14.54 5.16
N LEU A 603 26.96 13.67 4.89
CA LEU A 603 25.61 13.77 5.43
C LEU A 603 25.40 13.03 6.75
N GLY A 604 26.50 12.80 7.49
CA GLY A 604 26.53 11.90 8.64
C GLY A 604 25.84 10.61 8.33
N GLN A 605 26.11 10.06 7.13
CA GLN A 605 25.25 9.04 6.54
C GLN A 605 25.18 7.83 7.46
N TRP A 606 23.95 7.48 7.82
CA TRP A 606 23.61 6.52 8.90
C TRP A 606 24.30 6.84 10.29
N GLY A 607 24.37 8.15 10.62
CA GLY A 607 24.71 8.71 11.96
C GLY A 607 23.43 9.27 12.63
N MET A 608 22.41 8.43 12.64
CA MET A 608 21.21 8.47 13.49
C MET A 608 20.11 9.56 13.41
N SER A 609 20.40 10.85 13.48
CA SER A 609 19.30 11.83 13.34
C SER A 609 18.89 12.13 11.89
N TRP A 610 17.58 12.04 11.62
CA TRP A 610 17.03 12.43 10.34
C TRP A 610 16.80 13.94 10.27
N HIS A 611 17.26 14.59 9.23
CA HIS A 611 17.14 16.03 9.08
C HIS A 611 16.17 16.45 8.00
N PRO A 612 15.62 17.62 8.13
CA PRO A 612 14.96 18.12 6.94
C PRO A 612 15.91 18.39 5.75
N GLY A 613 15.24 18.67 4.64
CA GLY A 613 15.90 18.88 3.37
C GLY A 613 15.26 19.99 2.57
N ARG A 614 16.09 20.53 1.70
CA ARG A 614 15.66 21.55 0.77
C ARG A 614 16.37 21.29 -0.51
N ILE A 615 15.57 21.42 -1.55
CA ILE A 615 15.90 21.11 -2.90
C ILE A 615 15.49 22.31 -3.73
N THR A 616 16.44 22.97 -4.34
CA THR A 616 16.11 24.14 -5.13
C THR A 616 16.47 23.91 -6.59
N GLY A 617 15.64 24.48 -7.44
CA GLY A 617 15.80 24.37 -8.90
C GLY A 617 16.36 25.66 -9.49
N TRP A 618 17.38 25.51 -10.35
CA TRP A 618 18.10 26.64 -10.93
C TRP A 618 17.97 26.67 -12.45
N LEU A 619 17.77 27.88 -12.99
CA LEU A 619 17.73 28.11 -14.45
C LEU A 619 18.49 29.39 -14.82
N ASN A 620 19.64 29.20 -15.46
CA ASN A 620 20.63 30.26 -15.65
C ASN A 620 21.10 30.91 -14.36
N GLY A 621 21.45 30.11 -13.37
CA GLY A 621 21.95 30.65 -12.11
C GLY A 621 20.92 31.44 -11.32
N GLU A 622 19.63 31.35 -11.71
CA GLU A 622 18.51 31.93 -10.98
C GLU A 622 17.56 30.83 -10.39
N GLN A 623 17.18 31.01 -9.12
CA GLN A 623 16.43 30.02 -8.39
C GLN A 623 14.98 30.06 -8.86
N VAL A 624 14.46 28.97 -9.41
CA VAL A 624 13.12 28.98 -9.98
C VAL A 624 12.17 27.99 -9.32
N ALA A 625 12.66 27.19 -8.38
CA ALA A 625 11.84 26.17 -7.71
C ALA A 625 12.44 25.83 -6.38
N LEU A 626 11.57 25.45 -5.45
CA LEU A 626 11.95 25.18 -4.04
C LEU A 626 11.07 24.08 -3.54
N ARG A 627 11.65 22.98 -3.11
CA ARG A 627 10.83 21.93 -2.48
C ARG A 627 11.45 21.62 -1.13
N GLU A 628 10.69 21.84 -0.06
CA GLU A 628 11.06 21.42 1.30
C GLU A 628 10.43 20.08 1.74
N TYR A 629 11.18 19.39 2.61
CA TYR A 629 10.82 18.15 3.25
C TYR A 629 11.20 18.27 4.73
N VAL A 630 10.22 17.97 5.57
CA VAL A 630 10.49 17.91 7.00
C VAL A 630 10.89 16.48 7.41
N ALA A 631 11.72 16.36 8.44
CA ALA A 631 12.07 15.06 9.03
C ALA A 631 10.88 14.37 9.73
N ASP A 632 9.92 15.17 10.19
CA ASP A 632 8.83 14.80 11.05
C ASP A 632 7.43 15.19 10.53
N PRO A 633 7.00 14.59 9.42
CA PRO A 633 5.74 14.98 8.87
C PRO A 633 4.59 14.67 9.79
N LEU A 634 3.63 15.59 9.88
CA LEU A 634 2.47 15.44 10.70
C LEU A 634 1.28 15.95 9.97
N PRO A 635 0.10 15.37 10.20
CA PRO A 635 -1.07 15.85 9.54
C PRO A 635 -1.36 17.30 9.89
N THR A 636 -1.22 18.15 8.87
CA THR A 636 -1.40 19.57 9.01
C THR A 636 -2.61 20.07 8.24
N THR A 637 -2.72 19.71 6.98
CA THR A 637 -3.83 20.15 6.13
C THR A 637 -4.43 19.00 5.36
N LEU A 638 -5.74 18.87 5.49
CA LEU A 638 -6.53 18.05 4.61
C LEU A 638 -7.05 18.87 3.45
N GLN A 639 -6.36 18.82 2.34
CA GLN A 639 -6.68 19.72 1.24
C GLN A 639 -7.74 19.15 0.30
N ILE A 640 -8.74 19.98 0.03
CA ILE A 640 -9.80 19.77 -0.96
C ILE A 640 -9.45 20.68 -2.15
N ALA A 641 -9.17 20.10 -3.31
CA ALA A 641 -8.71 20.86 -4.47
C ALA A 641 -9.59 20.53 -5.63
N PRO A 642 -10.69 21.27 -5.78
CA PRO A 642 -11.51 21.09 -6.99
C PRO A 642 -10.82 21.72 -8.16
N ASP A 643 -10.96 21.10 -9.34
CA ASP A 643 -10.36 21.61 -10.60
C ASP A 643 -10.87 23.03 -10.94
N ARG A 644 -12.01 23.43 -10.38
CA ARG A 644 -12.56 24.78 -10.63
C ARG A 644 -13.30 25.20 -9.40
N ASP A 645 -13.25 26.48 -9.04
CA ASP A 645 -14.11 27.02 -7.96
C ASP A 645 -15.41 27.57 -8.46
N THR A 646 -15.47 27.81 -9.76
CA THR A 646 -16.68 28.32 -10.38
C THR A 646 -16.95 27.49 -11.56
N LEU A 647 -18.25 27.25 -11.76
CA LEU A 647 -18.76 26.42 -12.82
C LEU A 647 -20.05 27.00 -13.28
N PRO A 648 -20.41 26.86 -14.56
CA PRO A 648 -21.81 27.20 -14.88
C PRO A 648 -22.82 26.16 -14.35
N ALA A 649 -24.08 26.56 -14.31
CA ALA A 649 -25.19 25.71 -13.99
C ALA A 649 -25.48 24.70 -15.14
N ASP A 650 -24.78 23.57 -15.13
CA ASP A 650 -24.77 22.63 -16.25
C ASP A 650 -24.60 21.20 -15.71
N GLY A 651 -25.63 20.41 -15.94
CA GLY A 651 -25.75 19.09 -15.41
C GLY A 651 -25.05 18.03 -16.23
N ASP A 652 -24.28 18.44 -17.23
CA ASP A 652 -23.31 17.57 -17.87
C ASP A 652 -21.97 17.49 -17.14
N ILE A 653 -21.69 18.44 -16.28
CA ILE A 653 -20.33 18.58 -15.70
C ILE A 653 -20.02 17.54 -14.63
N ASP A 654 -18.94 16.80 -14.80
CA ASP A 654 -18.36 15.95 -13.72
C ASP A 654 -17.14 16.65 -13.15
N LEU A 655 -17.25 17.23 -11.96
CA LEU A 655 -16.16 18.04 -11.38
C LEU A 655 -15.18 17.19 -10.63
N ARG A 656 -13.93 17.18 -11.04
CA ARG A 656 -12.91 16.40 -10.31
C ARG A 656 -12.46 17.18 -9.09
N VAL A 657 -12.34 16.50 -7.98
CA VAL A 657 -11.86 17.09 -6.76
C VAL A 657 -10.89 16.11 -6.13
N MET A 658 -9.66 16.56 -5.89
CA MET A 658 -8.65 15.79 -5.25
C MET A 658 -8.65 16.11 -3.77
N LEU A 659 -8.36 15.10 -2.97
CA LEU A 659 -8.16 15.20 -1.52
C LEU A 659 -6.73 14.77 -1.27
N ARG A 660 -5.95 15.58 -0.58
CA ARG A 660 -4.56 15.23 -0.32
C ARG A 660 -4.26 15.42 1.14
N ALA A 661 -3.65 14.43 1.77
CA ALA A 661 -3.29 14.52 3.21
C ALA A 661 -1.88 15.08 3.30
N LEU A 662 -1.81 16.32 3.76
CA LEU A 662 -0.59 17.10 3.63
C LEU A 662 0.04 17.44 4.96
N ASP A 663 1.35 17.31 5.02
CA ASP A 663 2.17 17.74 6.16
C ASP A 663 2.41 19.28 6.29
N GLN A 664 3.30 19.68 7.18
CA GLN A 664 3.57 21.06 7.54
C GLN A 664 4.14 21.90 6.40
N VAL A 665 4.83 21.28 5.42
CA VAL A 665 5.27 21.98 4.24
C VAL A 665 4.54 21.51 2.99
N GLY A 666 3.32 21.00 3.12
CA GLY A 666 2.48 20.65 1.94
C GLY A 666 2.85 19.40 1.16
N ASN A 667 3.72 18.51 1.65
CA ASN A 667 3.86 17.20 1.01
C ASN A 667 2.86 16.18 1.50
N ARG A 668 2.56 15.23 0.64
CA ARG A 668 1.57 14.21 0.92
C ARG A 668 2.11 13.21 1.93
N LEU A 669 1.22 12.57 2.66
CA LEU A 669 1.55 11.57 3.68
C LEU A 669 1.43 10.18 3.03
N PRO A 670 2.46 9.70 2.36
CA PRO A 670 2.23 8.58 1.46
C PRO A 670 1.65 7.29 2.03
N PHE A 671 1.97 6.96 3.28
CA PHE A 671 1.52 5.69 3.86
C PHE A 671 0.43 5.84 4.94
N LEU A 672 -0.37 6.89 4.80
CA LEU A 672 -1.48 7.09 5.67
C LEU A 672 -2.69 6.36 5.10
N ASP A 673 -3.00 5.23 5.72
CA ASP A 673 -4.05 4.36 5.26
C ASP A 673 -5.29 4.81 5.94
N ALA A 674 -6.14 5.50 5.21
CA ALA A 674 -7.21 6.22 5.86
C ALA A 674 -8.37 6.57 4.93
N GLY A 675 -9.53 6.68 5.57
CA GLY A 675 -10.74 7.13 4.92
C GLY A 675 -10.94 8.58 5.26
N ILE A 676 -10.99 9.38 4.22
CA ILE A 676 -11.50 10.72 4.29
C ILE A 676 -13.04 10.66 4.10
N ALA A 677 -13.78 11.08 5.12
CA ALA A 677 -15.24 11.10 5.09
C ALA A 677 -15.69 12.39 4.48
N VAL A 678 -16.48 12.25 3.44
CA VAL A 678 -16.85 13.37 2.61
C VAL A 678 -18.35 13.55 2.56
N THR A 679 -18.75 14.83 2.62
CA THR A 679 -20.13 15.19 2.33
C THR A 679 -20.15 16.33 1.31
N VAL A 680 -21.21 16.32 0.50
CA VAL A 680 -21.51 17.28 -0.55
C VAL A 680 -22.96 17.75 -0.43
N ASP A 681 -23.15 19.05 -0.23
CA ASP A 681 -24.46 19.69 -0.39
C ASP A 681 -24.35 20.61 -1.58
N GLY A 682 -25.49 21.17 -1.98
CA GLY A 682 -25.55 21.99 -3.17
C GLY A 682 -25.92 21.16 -4.38
N PRO A 683 -25.93 21.79 -5.57
CA PRO A 683 -26.51 21.20 -6.78
C PRO A 683 -25.49 20.36 -7.55
N ALA A 684 -25.17 19.24 -6.92
CA ALA A 684 -24.25 18.25 -7.43
C ALA A 684 -24.34 16.98 -6.56
N ARG A 685 -24.10 15.81 -7.14
CA ARG A 685 -24.08 14.60 -6.30
C ARG A 685 -22.72 13.93 -6.38
N LEU A 686 -22.28 13.39 -5.27
CA LEU A 686 -21.07 12.61 -5.17
C LEU A 686 -21.21 11.28 -5.87
N ILE A 687 -20.21 10.93 -6.67
CA ILE A 687 -20.16 9.65 -7.31
C ILE A 687 -19.25 8.74 -6.49
N GLY A 688 -19.63 7.47 -6.30
CA GLY A 688 -18.84 6.48 -5.55
C GLY A 688 -19.13 6.60 -4.05
N PRO A 689 -18.29 5.94 -3.21
CA PRO A 689 -18.56 5.87 -1.79
C PRO A 689 -18.44 7.18 -1.07
N ASP A 690 -19.09 7.22 0.07
CA ASP A 690 -18.95 8.36 1.00
C ASP A 690 -17.58 8.46 1.69
N LEU A 691 -16.87 7.36 1.85
CA LEU A 691 -15.59 7.37 2.48
C LEU A 691 -14.52 7.11 1.41
N ARG A 692 -13.51 7.95 1.39
CA ARG A 692 -12.56 7.95 0.32
C ARG A 692 -11.22 7.46 0.80
N MET A 693 -10.66 6.47 0.11
CA MET A 693 -9.44 5.87 0.58
C MET A 693 -8.24 6.54 0.03
N LEU A 694 -7.36 7.01 0.91
CA LEU A 694 -6.09 7.53 0.43
C LEU A 694 -5.24 6.38 -0.04
N GLN A 695 -4.59 6.60 -1.16
CA GLN A 695 -3.56 5.71 -1.73
C GLN A 695 -2.43 6.60 -2.17
N GLY A 696 -1.30 6.42 -1.51
CA GLY A 696 -0.17 7.29 -1.75
C GLY A 696 -0.43 8.68 -1.23
N GLY A 697 -1.25 8.81 -0.18
CA GLY A 697 -1.49 10.08 0.45
C GLY A 697 -2.54 11.00 -0.21
N THR A 698 -3.07 10.61 -1.38
CA THR A 698 -4.14 11.39 -2.07
C THR A 698 -5.20 10.41 -2.52
N THR A 699 -6.34 10.94 -2.93
CA THR A 699 -7.36 10.22 -3.63
C THR A 699 -8.18 11.29 -4.30
N GLY A 700 -9.16 10.89 -5.11
CA GLY A 700 -10.03 11.85 -5.82
C GLY A 700 -11.48 11.38 -5.99
N MET A 701 -12.31 12.28 -6.45
CA MET A 701 -13.75 12.01 -6.58
C MET A 701 -14.33 12.89 -7.71
N LEU A 702 -15.44 12.46 -8.32
CA LEU A 702 -16.12 13.35 -9.27
C LEU A 702 -17.47 13.65 -8.73
N LEU A 703 -17.94 14.88 -8.93
CA LEU A 703 -19.18 15.32 -8.39
C LEU A 703 -20.03 15.62 -9.59
N ARG A 704 -21.06 14.85 -9.83
CA ARG A 704 -21.88 15.18 -11.01
C ARG A 704 -22.86 16.32 -10.68
N LEU A 705 -22.75 17.45 -11.36
CA LEU A 705 -23.68 18.58 -11.15
C LEU A 705 -25.10 18.19 -11.55
N THR A 706 -26.08 18.81 -10.89
CA THR A 706 -27.51 18.59 -11.22
C THR A 706 -27.99 19.50 -12.32
N GLY A 707 -27.25 20.60 -12.51
CA GLY A 707 -27.64 21.59 -13.43
C GLY A 707 -28.35 22.78 -12.83
N ASP A 708 -28.70 22.73 -11.55
CA ASP A 708 -29.15 23.96 -10.87
C ASP A 708 -27.97 24.82 -10.44
N ALA A 709 -28.28 26.10 -10.24
CA ALA A 709 -27.37 27.07 -9.68
C ALA A 709 -27.44 26.92 -8.19
N GLY A 710 -26.43 27.41 -7.50
CA GLY A 710 -26.32 27.25 -6.07
C GLY A 710 -24.83 27.22 -5.72
N THR A 711 -24.54 26.95 -4.45
CA THR A 711 -23.16 26.66 -4.03
C THR A 711 -22.98 25.17 -3.75
N ILE A 712 -22.05 24.49 -4.40
CA ILE A 712 -21.60 23.19 -3.91
C ILE A 712 -20.70 23.38 -2.65
N ARG A 713 -20.92 22.56 -1.61
CA ARG A 713 -20.08 22.62 -0.35
C ARG A 713 -19.55 21.23 -0.10
N ILE A 714 -18.25 21.13 0.05
CA ILE A 714 -17.61 19.87 0.12
C ILE A 714 -16.98 19.91 1.46
N THR A 715 -17.36 18.97 2.33
CA THR A 715 -16.69 18.80 3.63
C THR A 715 -15.94 17.52 3.61
N ALA A 716 -14.70 17.55 4.06
CA ALA A 716 -13.90 16.35 4.24
C ALA A 716 -13.32 16.26 5.64
N ARG A 717 -13.34 15.09 6.24
CA ARG A 717 -12.97 14.98 7.67
C ARG A 717 -12.16 13.78 8.01
N HIS A 718 -11.21 13.91 8.91
CA HIS A 718 -10.48 12.77 9.42
C HIS A 718 -9.92 13.10 10.77
N PRO A 719 -9.98 12.20 11.74
CA PRO A 719 -9.69 12.64 13.12
C PRO A 719 -8.32 13.31 13.39
N GLN A 720 -7.27 12.89 12.67
CA GLN A 720 -5.95 13.56 12.68
C GLN A 720 -5.83 14.90 11.96
N PHE A 721 -6.89 15.39 11.32
CA PHE A 721 -6.83 16.66 10.58
C PHE A 721 -7.86 17.65 11.02
N PRO A 722 -7.57 18.95 10.85
CA PRO A 722 -8.67 19.91 10.93
C PRO A 722 -9.71 19.68 9.85
N GLU A 723 -10.93 19.75 10.28
CA GLU A 723 -12.08 19.75 9.38
C GLU A 723 -11.79 20.64 8.22
N ALA A 724 -12.13 20.21 7.01
CA ALA A 724 -11.82 20.95 5.77
C ALA A 724 -13.07 21.15 4.98
N VAL A 725 -13.27 22.36 4.50
CA VAL A 725 -14.45 22.69 3.72
C VAL A 725 -14.02 23.52 2.50
N ALA A 726 -14.76 23.34 1.43
CA ALA A 726 -14.51 24.00 0.17
C ALA A 726 -15.84 24.22 -0.51
N THR A 727 -15.94 25.29 -1.28
CA THR A 727 -17.15 25.58 -1.99
C THR A 727 -16.81 25.83 -3.42
N VAL A 728 -17.78 25.55 -4.28
CA VAL A 728 -17.70 25.83 -5.68
C VAL A 728 -19.00 26.47 -6.02
N THR A 729 -18.91 27.63 -6.64
CA THR A 729 -20.07 28.38 -7.00
C THR A 729 -20.54 27.89 -8.35
N VAL A 730 -21.83 27.69 -8.48
CA VAL A 730 -22.39 27.14 -9.66
C VAL A 730 -23.44 28.09 -10.17
N GLY A 731 -23.20 28.63 -11.36
CA GLY A 731 -24.20 29.47 -12.01
C GLY A 731 -23.97 30.89 -11.58
N MET B 1 0.80 -13.53 58.36
CA MET B 1 -0.03 -13.80 57.14
C MET B 1 0.09 -12.51 56.35
N ARG B 2 0.55 -12.57 55.10
CA ARG B 2 0.42 -11.38 54.26
C ARG B 2 -0.89 -11.42 53.46
N VAL B 3 -1.37 -10.23 53.13
CA VAL B 3 -2.41 -10.07 52.13
C VAL B 3 -1.80 -9.19 51.02
N THR B 4 -2.15 -9.55 49.78
CA THR B 4 -1.63 -8.95 48.56
C THR B 4 -2.87 -8.84 47.70
N GLN B 5 -3.27 -7.61 47.37
CA GLN B 5 -4.38 -7.43 46.45
C GLN B 5 -3.86 -6.70 45.21
N LYS B 6 -4.42 -7.04 44.06
CA LYS B 6 -4.08 -6.35 42.85
C LYS B 6 -4.90 -5.06 42.90
N LEU B 7 -4.23 -3.89 42.82
CA LEU B 7 -4.89 -2.61 43.06
C LEU B 7 -4.99 -1.69 41.82
N ASN B 8 -5.54 -2.24 40.72
CA ASN B 8 -5.50 -1.57 39.40
C ASN B 8 -6.78 -0.77 39.17
N HIS B 9 -7.78 -1.01 39.99
CA HIS B 9 -9.07 -0.40 39.80
C HIS B 9 -9.12 0.88 40.61
N GLY B 10 -9.99 1.80 40.16
CA GLY B 10 -10.28 3.06 40.87
C GLY B 10 -9.15 4.06 41.09
N TRP B 11 -8.24 4.22 40.11
CA TRP B 11 -7.25 5.35 40.06
C TRP B 11 -7.79 6.60 39.35
N ILE B 12 -7.20 7.76 39.69
CA ILE B 12 -7.52 9.06 39.09
C ILE B 12 -6.31 9.57 38.29
N PHE B 13 -6.51 9.83 36.98
CA PHE B 13 -5.47 10.30 36.06
C PHE B 13 -5.76 11.76 35.61
N ALA B 14 -4.67 12.54 35.52
CA ALA B 14 -4.72 13.91 35.03
C ALA B 14 -3.46 14.32 34.34
N GLU B 15 -3.63 15.15 33.31
CA GLU B 15 -2.52 15.79 32.64
C GLU B 15 -1.88 16.76 33.63
N GLY B 16 -0.55 16.85 33.63
CA GLY B 16 0.20 17.82 34.42
C GLY B 16 0.72 17.36 35.79
N ALA B 17 1.53 18.23 36.41
CA ALA B 17 2.22 17.96 37.66
C ALA B 17 1.43 18.61 38.78
N ALA B 18 0.37 17.97 39.22
CA ALA B 18 -0.47 18.49 40.32
C ALA B 18 0.24 18.45 41.72
N ASP B 19 -0.28 19.26 42.62
CA ASP B 19 0.05 19.21 44.06
C ASP B 19 -0.24 17.76 44.57
N PRO B 20 0.84 17.11 45.15
CA PRO B 20 0.65 15.72 45.57
C PRO B 20 -0.24 15.56 46.79
N ALA B 21 -0.18 16.52 47.69
CA ALA B 21 -0.97 16.47 48.91
C ALA B 21 -2.47 16.60 48.67
N THR B 22 -2.90 17.30 47.60
CA THR B 22 -4.33 17.69 47.49
C THR B 22 -5.12 16.77 46.59
N PRO B 23 -6.44 16.60 46.84
CA PRO B 23 -7.25 15.70 46.05
C PRO B 23 -7.31 16.12 44.58
N LEU B 24 -7.17 15.16 43.68
CA LEU B 24 -6.96 15.38 42.25
C LEU B 24 -8.26 15.22 41.47
N ALA B 25 -8.66 16.30 40.79
CA ALA B 25 -9.65 16.28 39.73
C ALA B 25 -9.01 15.56 38.53
N GLY B 26 -9.78 14.70 37.89
CA GLY B 26 -9.26 13.92 36.79
C GLY B 26 -10.26 12.85 36.44
N GLU B 27 -9.84 11.93 35.58
CA GLU B 27 -10.74 10.86 35.13
C GLU B 27 -10.37 9.59 35.89
N THR B 28 -11.40 8.74 36.13
CA THR B 28 -11.22 7.42 36.75
C THR B 28 -10.69 6.44 35.70
N VAL B 29 -9.56 5.76 35.99
CA VAL B 29 -8.93 4.76 35.06
C VAL B 29 -8.63 3.46 35.78
N THR B 30 -8.70 2.35 35.03
CA THR B 30 -8.27 1.03 35.51
C THR B 30 -6.93 0.64 34.80
N LEU B 31 -5.89 0.54 35.59
CA LEU B 31 -4.55 0.28 35.15
C LEU B 31 -4.48 -1.16 34.61
N PRO B 32 -3.55 -1.53 33.74
CA PRO B 32 -2.55 -0.71 33.01
C PRO B 32 -3.11 0.47 32.28
N HIS B 33 -2.44 1.60 32.32
CA HIS B 33 -3.02 2.78 31.67
C HIS B 33 -1.99 3.53 30.88
N ASN B 34 -2.42 3.96 29.68
CA ASN B 34 -1.54 4.74 28.78
C ASN B 34 -1.96 6.20 28.77
N ALA B 35 -1.01 7.10 29.00
CA ALA B 35 -1.36 8.52 29.25
C ALA B 35 -1.95 9.27 28.06
N VAL B 36 -1.34 9.08 26.91
CA VAL B 36 -1.85 9.65 25.66
C VAL B 36 -1.99 8.53 24.66
N ASP B 37 -3.21 8.20 24.27
CA ASP B 37 -3.41 7.26 23.20
C ASP B 37 -3.03 7.88 21.90
N LEU B 38 -2.38 7.07 21.07
CA LEU B 38 -1.85 7.54 19.82
C LEU B 38 -2.62 7.00 18.62
N PRO B 39 -2.65 7.77 17.53
CA PRO B 39 -3.09 7.14 16.35
C PRO B 39 -2.10 6.12 15.88
N LEU B 40 -2.53 5.31 14.94
CA LEU B 40 -1.67 4.29 14.32
C LEU B 40 -0.35 4.85 13.72
N SER B 41 -0.47 5.86 12.86
CA SER B 41 0.68 6.40 12.10
C SER B 41 0.59 7.94 12.02
N TYR B 42 1.72 8.55 11.66
CA TYR B 42 1.82 10.00 11.46
C TYR B 42 1.27 10.87 12.60
N PHE B 43 1.97 10.82 13.73
CA PHE B 43 1.55 11.49 14.96
C PHE B 43 2.78 12.03 15.64
N ASP B 44 2.53 12.88 16.63
CA ASP B 44 3.57 13.61 17.31
C ASP B 44 3.98 12.86 18.55
N GLU B 45 5.00 12.03 18.39
CA GLU B 45 5.52 11.22 19.47
C GLU B 45 6.03 12.07 20.65
N THR B 46 6.26 13.36 20.46
CA THR B 46 6.42 14.24 21.63
C THR B 46 5.14 14.44 22.48
N SER B 47 3.97 13.95 22.09
CA SER B 47 2.75 14.37 22.78
C SER B 47 2.53 13.77 24.17
N TYR B 48 3.18 12.62 24.43
CA TYR B 48 3.30 12.07 25.80
C TYR B 48 4.54 12.61 26.56
N GLN B 49 5.43 13.36 25.94
CA GLN B 49 6.71 13.76 26.59
C GLN B 49 6.50 14.97 27.56
N ARG B 50 5.72 14.72 28.59
CA ARG B 50 5.31 15.72 29.55
C ARG B 50 4.84 15.04 30.81
N ALA B 51 4.58 15.83 31.84
CA ALA B 51 4.25 15.30 33.13
C ALA B 51 2.77 14.97 33.19
N PHE B 52 2.48 13.91 33.95
CA PHE B 52 1.10 13.45 34.26
C PHE B 52 1.03 13.11 35.74
N THR B 53 -0.17 12.93 36.25
CA THR B 53 -0.35 12.66 37.69
C THR B 53 -1.49 11.66 37.84
N TYR B 54 -1.24 10.77 38.81
CA TYR B 54 -2.15 9.74 39.19
C TYR B 54 -2.42 9.78 40.66
N GLN B 55 -3.63 9.47 41.06
CA GLN B 55 -3.96 9.45 42.46
C GLN B 55 -4.79 8.25 42.77
N ARG B 56 -4.43 7.56 43.84
CA ARG B 56 -5.30 6.56 44.48
C ARG B 56 -5.64 6.99 45.90
N VAL B 57 -6.89 6.85 46.26
CA VAL B 57 -7.33 7.09 47.62
C VAL B 57 -7.37 5.71 48.22
N ILE B 58 -6.81 5.59 49.42
CA ILE B 58 -6.68 4.32 50.17
C ILE B 58 -7.26 4.48 51.59
N ALA B 59 -8.38 3.79 51.90
CA ALA B 59 -8.96 3.81 53.26
C ALA B 59 -8.02 3.10 54.24
N TRP B 60 -7.77 3.75 55.39
CA TRP B 60 -7.05 3.05 56.47
C TRP B 60 -7.93 1.91 56.97
N ASP B 61 -7.31 0.80 57.30
CA ASP B 61 -8.02 -0.33 57.82
C ASP B 61 -7.33 -0.71 59.15
N ASP B 62 -8.15 -0.85 60.20
CA ASP B 62 -7.73 -1.37 61.52
C ASP B 62 -7.02 -2.75 61.46
N ALA B 63 -7.41 -3.60 60.51
CA ALA B 63 -6.69 -4.85 60.24
C ALA B 63 -5.19 -4.69 59.84
N TRP B 64 -4.76 -3.48 59.49
CA TRP B 64 -3.36 -3.23 59.16
C TRP B 64 -2.47 -2.80 60.35
N GLN B 65 -2.93 -2.96 61.61
CA GLN B 65 -2.14 -2.45 62.76
C GLN B 65 -0.94 -3.36 63.03
N GLY B 66 0.22 -2.73 63.20
CA GLY B 66 1.45 -3.43 63.44
C GLY B 66 2.20 -3.70 62.17
N ARG B 67 1.49 -3.76 61.05
CA ARG B 67 2.06 -4.25 59.78
C ARG B 67 2.52 -3.14 58.85
N ARG B 68 3.38 -3.52 57.91
CA ARG B 68 3.80 -2.64 56.81
C ARG B 68 2.70 -2.57 55.76
N VAL B 69 2.45 -1.39 55.21
CA VAL B 69 1.56 -1.34 54.04
C VAL B 69 2.28 -0.70 52.86
N GLN B 70 2.35 -1.46 51.77
CA GLN B 70 3.16 -1.13 50.59
C GLN B 70 2.34 -1.19 49.29
N LEU B 71 2.72 -0.32 48.35
CA LEU B 71 2.36 -0.46 46.95
C LEU B 71 3.57 -0.91 46.14
N ARG B 72 3.42 -2.03 45.43
CA ARG B 72 4.40 -2.44 44.42
C ARG B 72 3.92 -2.01 43.04
N PHE B 73 4.72 -1.13 42.44
CA PHE B 73 4.55 -0.75 41.04
C PHE B 73 5.40 -1.67 40.15
N ASP B 74 4.77 -2.44 39.26
CA ASP B 74 5.54 -3.32 38.36
C ASP B 74 6.24 -2.62 37.21
N GLY B 75 5.82 -1.39 36.93
CA GLY B 75 6.50 -0.57 35.91
C GLY B 75 5.69 0.65 35.60
N ALA B 76 6.35 1.73 35.31
CA ALA B 76 5.66 3.00 35.05
C ALA B 76 6.60 3.95 34.30
N MET B 77 6.12 4.57 33.24
CA MET B 77 7.02 5.39 32.42
C MET B 77 6.65 6.87 32.58
N ALA B 78 7.52 7.73 33.16
CA ALA B 78 8.86 7.42 33.75
C ALA B 78 9.14 8.49 34.82
N ASP B 79 10.32 8.51 35.42
CA ASP B 79 10.65 9.52 36.44
C ASP B 79 9.60 9.54 37.59
N ASN B 80 9.33 8.34 38.10
CA ASN B 80 8.28 8.13 39.08
C ASN B 80 8.71 8.63 40.45
N VAL B 81 7.85 9.47 41.02
CA VAL B 81 7.90 9.86 42.41
C VAL B 81 6.51 9.56 42.99
N VAL B 82 6.49 8.86 44.14
CA VAL B 82 5.28 8.58 44.93
C VAL B 82 5.20 9.33 46.30
N TRP B 83 4.04 9.91 46.56
CA TRP B 83 3.74 10.64 47.77
C TRP B 83 2.61 9.94 48.49
N VAL B 84 2.73 9.81 49.82
CA VAL B 84 1.55 9.52 50.64
C VAL B 84 1.28 10.65 51.66
N ASN B 85 0.02 11.12 51.64
CA ASN B 85 -0.43 12.38 52.24
C ASN B 85 0.57 13.51 52.15
N GLY B 86 1.15 13.67 50.98
CA GLY B 86 2.03 14.77 50.68
C GLY B 86 3.46 14.52 51.05
N VAL B 87 3.82 13.37 51.64
CA VAL B 87 5.26 13.09 51.91
C VAL B 87 5.84 12.05 50.90
N GLN B 88 6.86 12.48 50.16
CA GLN B 88 7.52 11.60 49.22
C GLN B 88 8.10 10.39 49.94
N VAL B 89 7.73 9.21 49.47
CA VAL B 89 8.20 7.94 49.98
C VAL B 89 9.11 7.13 49.06
N VAL B 90 9.14 7.43 47.76
CA VAL B 90 10.08 6.76 46.84
C VAL B 90 10.13 7.46 45.50
N ALA B 91 11.32 7.44 44.91
CA ALA B 91 11.57 7.95 43.59
C ALA B 91 12.24 6.85 42.77
N HIS B 92 11.64 6.56 41.61
CA HIS B 92 12.17 5.50 40.72
C HIS B 92 12.10 5.96 39.25
N PRO B 93 13.25 6.40 38.69
CA PRO B 93 13.26 6.99 37.35
C PRO B 93 13.03 6.05 36.21
N ASP B 94 13.54 4.83 36.32
CA ASP B 94 13.44 3.86 35.25
C ASP B 94 12.00 3.40 35.04
N GLY B 95 11.67 3.21 33.75
CA GLY B 95 10.33 2.99 33.25
C GLY B 95 9.96 1.55 32.96
N TYR B 96 10.87 0.62 33.21
CA TYR B 96 10.70 -0.78 32.91
C TYR B 96 10.88 -1.74 34.12
N THR B 97 11.16 -1.20 35.31
CA THR B 97 11.46 -2.03 36.47
C THR B 97 10.58 -1.68 37.67
N PRO B 98 10.28 -2.66 38.51
CA PRO B 98 9.40 -2.35 39.67
C PRO B 98 10.01 -1.46 40.75
N PHE B 99 9.13 -0.96 41.59
CA PHE B 99 9.49 -0.08 42.66
C PHE B 99 8.39 -0.08 43.71
N VAL B 100 8.80 0.14 44.96
CA VAL B 100 7.94 0.01 46.14
C VAL B 100 7.85 1.33 46.91
N ALA B 101 6.60 1.81 47.05
CA ALA B 101 6.22 2.88 48.02
C ALA B 101 5.75 2.21 49.31
N ASP B 102 6.52 2.39 50.38
CA ASP B 102 6.14 2.04 51.75
C ASP B 102 5.35 3.23 52.37
N LEU B 103 4.08 2.96 52.65
CA LEU B 103 3.17 3.97 53.12
C LEU B 103 2.92 4.00 54.65
N THR B 104 3.34 2.91 55.31
CA THR B 104 3.11 2.57 56.72
C THR B 104 3.07 3.80 57.65
N ASP B 105 4.23 4.46 57.81
CA ASP B 105 4.47 5.52 58.79
C ASP B 105 3.75 6.83 58.51
N HIS B 106 3.31 7.03 57.28
CA HIS B 106 2.65 8.26 56.89
C HIS B 106 1.14 8.03 56.66
N LEU B 107 0.60 6.91 57.13
CA LEU B 107 -0.85 6.73 57.08
C LEU B 107 -1.52 7.43 58.28
N ARG B 108 -2.85 7.48 58.22
CA ARG B 108 -3.72 8.23 59.14
C ARG B 108 -5.08 7.54 59.01
N PRO B 109 -6.00 7.73 59.97
CA PRO B 109 -7.31 7.06 59.77
C PRO B 109 -8.17 7.79 58.74
N GLY B 110 -9.03 7.04 58.06
CA GLY B 110 -9.83 7.57 56.96
C GLY B 110 -9.08 7.44 55.66
N ASP B 111 -9.39 8.33 54.73
CA ASP B 111 -8.83 8.29 53.39
C ASP B 111 -7.41 8.82 53.42
N ASN B 112 -6.50 8.07 52.82
CA ASN B 112 -5.13 8.52 52.55
C ASN B 112 -4.98 8.73 51.04
N LEU B 113 -4.14 9.69 50.68
CA LEU B 113 -3.98 10.10 49.28
C LEU B 113 -2.54 9.67 48.85
N VAL B 114 -2.51 8.68 47.94
CA VAL B 114 -1.27 8.25 47.28
C VAL B 114 -1.25 8.89 45.91
N THR B 115 -0.21 9.67 45.69
CA THR B 115 -0.08 10.37 44.46
C THR B 115 1.20 9.91 43.78
N VAL B 116 1.05 9.55 42.50
CA VAL B 116 2.21 9.21 41.65
C VAL B 116 2.32 10.27 40.56
N ARG B 117 3.50 10.90 40.49
CA ARG B 117 3.83 11.76 39.36
C ARG B 117 4.79 11.06 38.39
N ILE B 118 4.48 11.16 37.10
CA ILE B 118 5.34 10.61 36.04
C ILE B 118 5.59 11.69 35.00
N ASP B 119 6.59 11.47 34.19
CA ASP B 119 6.90 12.39 33.13
C ASP B 119 7.39 11.54 31.99
N GLY B 120 6.69 11.64 30.88
CA GLY B 120 7.13 10.96 29.66
C GLY B 120 8.30 11.57 28.92
N SER B 121 8.90 12.63 29.47
CA SER B 121 9.95 13.35 28.78
C SER B 121 11.16 12.48 28.58
N GLU B 122 11.82 12.59 27.44
CA GLU B 122 13.05 11.87 27.24
C GLU B 122 14.17 12.54 27.98
N ASN B 123 14.11 12.42 29.28
CA ASN B 123 15.05 13.06 30.21
C ASN B 123 16.40 12.45 29.96
N PRO B 124 17.37 13.25 29.56
CA PRO B 124 18.69 12.68 29.24
C PRO B 124 19.45 12.00 30.39
N ALA B 125 19.04 12.22 31.63
CA ALA B 125 19.60 11.56 32.79
C ALA B 125 19.07 10.15 33.04
N ILE B 126 18.00 9.78 32.34
CA ILE B 126 17.35 8.52 32.56
C ILE B 126 17.47 7.58 31.31
N PRO B 127 18.26 6.51 31.42
CA PRO B 127 18.33 5.57 30.34
C PRO B 127 16.91 5.07 29.92
N PRO B 128 16.65 4.80 28.63
CA PRO B 128 17.65 4.85 27.51
C PRO B 128 17.79 6.23 26.82
N PHE B 129 17.14 7.26 27.38
CA PHE B 129 17.06 8.56 26.74
C PHE B 129 18.45 9.19 26.64
N GLY B 130 18.53 10.22 25.81
CA GLY B 130 19.76 10.98 25.60
C GLY B 130 19.98 11.43 24.16
N ALA B 131 19.57 10.59 23.22
CA ALA B 131 19.73 10.82 21.78
C ALA B 131 18.54 10.15 21.00
N GLN B 132 18.83 9.38 19.94
CA GLN B 132 17.82 8.78 19.09
C GLN B 132 17.45 7.43 19.69
N ILE B 133 16.23 6.99 19.43
CA ILE B 133 15.72 5.73 19.91
C ILE B 133 14.77 5.22 18.83
N ASP B 134 15.06 4.03 18.28
CA ASP B 134 14.17 3.42 17.32
C ASP B 134 13.05 2.65 18.07
N TYR B 135 12.35 3.33 18.97
CA TYR B 135 11.11 2.82 19.57
C TYR B 135 10.54 3.95 20.39
N LEU B 136 9.27 3.84 20.75
CA LEU B 136 8.67 4.83 21.58
C LEU B 136 8.61 4.22 22.99
N THR B 137 8.66 5.12 23.97
CA THR B 137 8.53 4.77 25.41
C THR B 137 7.14 5.13 25.99
N TYR B 138 6.39 6.01 25.30
CA TYR B 138 5.02 6.42 25.71
C TYR B 138 5.08 6.95 27.16
N ALA B 139 4.04 6.73 27.92
CA ALA B 139 3.97 7.25 29.28
C ALA B 139 2.75 6.66 29.95
N GLY B 140 2.83 6.55 31.26
CA GLY B 140 1.75 6.00 32.06
C GLY B 140 2.20 4.92 33.05
N ILE B 141 1.27 4.65 33.99
CA ILE B 141 1.43 3.46 34.86
C ILE B 141 0.84 2.28 34.04
N TYR B 142 1.72 1.72 33.24
CA TYR B 142 1.33 0.80 32.17
C TYR B 142 1.40 -0.69 32.62
N ARG B 143 1.76 -0.94 33.89
CA ARG B 143 1.81 -2.29 34.47
C ARG B 143 1.09 -2.36 35.80
N ASP B 144 0.90 -3.56 36.34
CA ASP B 144 0.12 -3.70 37.58
C ASP B 144 0.71 -2.92 38.76
N VAL B 145 -0.23 -2.63 39.68
CA VAL B 145 0.10 -2.12 40.96
C VAL B 145 -0.53 -3.08 41.96
N TRP B 146 0.20 -3.33 43.05
CA TRP B 146 -0.18 -4.25 44.12
C TRP B 146 -0.16 -3.54 45.49
N LEU B 147 -1.27 -3.68 46.21
CA LEU B 147 -1.34 -3.29 47.63
C LEU B 147 -0.91 -4.49 48.43
N MET B 148 0.12 -4.30 49.26
CA MET B 148 0.65 -5.36 50.08
C MET B 148 0.63 -5.04 51.58
N VAL B 149 -0.01 -5.90 52.38
CA VAL B 149 0.02 -5.78 53.87
C VAL B 149 0.87 -6.94 54.45
N LEU B 150 1.92 -6.54 55.16
CA LEU B 150 3.06 -7.42 55.43
C LEU B 150 3.54 -7.35 56.88
N PRO B 151 3.76 -8.51 57.51
CA PRO B 151 4.40 -8.46 58.87
C PRO B 151 5.74 -7.69 58.86
N GLU B 152 6.14 -7.10 59.99
CA GLU B 152 7.37 -6.26 60.02
C GLU B 152 8.57 -7.04 59.52
N ARG B 153 8.61 -8.30 59.97
CA ARG B 153 9.47 -9.29 59.36
C ARG B 153 8.76 -9.97 58.21
N HIS B 154 9.27 -9.69 57.01
CA HIS B 154 8.72 -10.17 55.77
C HIS B 154 9.76 -10.42 54.72
N LEU B 155 9.52 -11.47 53.92
CA LEU B 155 10.31 -11.79 52.70
C LEU B 155 10.23 -10.69 51.69
N THR B 156 11.36 -10.34 51.06
CA THR B 156 11.39 -9.41 49.92
C THR B 156 11.83 -10.05 48.61
N ASN B 157 12.41 -11.26 48.64
CA ASN B 157 12.90 -11.90 47.38
C ASN B 157 13.50 -13.25 47.77
N ALA B 158 13.78 -14.09 46.78
CA ALA B 158 14.35 -15.39 47.02
C ALA B 158 15.00 -15.91 45.72
N ARG B 159 16.15 -16.55 45.83
CA ARG B 159 16.79 -17.12 44.65
C ARG B 159 16.72 -18.62 44.76
N ILE B 160 16.10 -19.23 43.76
CA ILE B 160 16.14 -20.67 43.57
C ILE B 160 17.29 -21.07 42.64
N LEU B 161 18.14 -21.91 43.17
CA LEU B 161 19.20 -22.52 42.44
C LEU B 161 19.00 -23.99 42.41
N THR B 162 19.40 -24.56 41.30
CA THR B 162 19.29 -25.95 40.97
C THR B 162 20.65 -26.48 40.61
N PRO B 163 21.50 -26.73 41.57
CA PRO B 163 22.79 -27.32 41.22
C PRO B 163 22.62 -28.77 40.89
N ASP B 164 23.41 -29.24 39.91
CA ASP B 164 23.41 -30.63 39.45
C ASP B 164 22.04 -31.10 38.93
N ALA B 165 21.41 -30.25 38.12
CA ALA B 165 20.01 -30.40 37.69
C ALA B 165 19.71 -31.55 36.76
N LEU B 166 20.71 -32.09 36.10
CA LEU B 166 20.49 -33.18 35.18
C LEU B 166 20.52 -34.54 35.89
N SER B 167 21.01 -34.58 37.13
CA SER B 167 21.01 -35.79 37.90
C SER B 167 19.64 -36.36 38.24
N ASP B 168 19.62 -37.66 38.50
CA ASP B 168 18.38 -38.39 38.84
C ASP B 168 17.91 -38.07 40.23
N ALA B 169 18.88 -37.73 41.09
CA ALA B 169 18.66 -37.20 42.43
C ALA B 169 19.03 -35.72 42.41
N LYS B 170 18.00 -34.87 42.27
CA LYS B 170 18.18 -33.45 42.02
C LYS B 170 18.30 -32.70 43.34
N THR B 171 18.63 -31.41 43.26
CA THR B 171 18.92 -30.57 44.39
C THR B 171 18.29 -29.24 44.13
N VAL B 172 17.55 -28.73 45.11
CA VAL B 172 17.05 -27.36 45.12
C VAL B 172 17.73 -26.59 46.27
N VAL B 173 18.34 -25.45 45.98
CA VAL B 173 18.95 -24.58 46.99
C VAL B 173 18.20 -23.24 47.04
N ILE B 174 17.68 -22.83 48.19
CA ILE B 174 17.01 -21.53 48.33
C ILE B 174 17.80 -20.52 49.19
N ARG B 175 17.82 -19.29 48.74
CA ARG B 175 18.43 -18.20 49.43
C ARG B 175 17.38 -17.15 49.63
N PRO B 176 16.68 -17.22 50.76
CA PRO B 176 15.68 -16.19 51.04
C PRO B 176 16.29 -14.84 51.27
N GLU B 177 15.50 -13.81 51.04
CA GLU B 177 15.84 -12.43 51.32
C GLU B 177 14.77 -11.83 52.21
N VAL B 178 15.14 -11.51 53.46
CA VAL B 178 14.17 -11.15 54.52
C VAL B 178 14.58 -9.88 55.18
N THR B 179 13.60 -9.14 55.69
CA THR B 179 13.83 -7.90 56.45
C THR B 179 14.74 -7.98 57.67
N ALA B 180 14.74 -9.11 58.34
CA ALA B 180 15.60 -9.36 59.48
C ALA B 180 15.95 -10.86 59.59
N PRO B 181 17.07 -11.20 60.26
CA PRO B 181 17.43 -12.64 60.34
C PRO B 181 16.40 -13.44 61.13
N GLY B 182 16.41 -14.75 60.96
CA GLY B 182 15.43 -15.59 61.63
C GLY B 182 15.13 -16.87 60.87
N PRO B 183 14.27 -17.74 61.43
CA PRO B 183 13.92 -18.94 60.70
C PRO B 183 13.14 -18.62 59.43
N VAL B 184 13.34 -19.49 58.44
CA VAL B 184 12.51 -19.52 57.23
C VAL B 184 12.24 -20.97 56.91
N ARG B 185 10.97 -21.30 56.67
CA ARG B 185 10.52 -22.63 56.20
C ARG B 185 10.19 -22.65 54.72
N ALA B 186 10.45 -23.80 54.10
CA ALA B 186 10.30 -24.04 52.65
C ALA B 186 9.63 -25.37 52.41
N ARG B 187 8.63 -25.37 51.54
CA ARG B 187 8.01 -26.57 51.00
C ARG B 187 8.28 -26.47 49.51
N LEU B 188 8.71 -27.58 48.91
CA LEU B 188 8.83 -27.69 47.48
C LEU B 188 7.57 -28.34 46.99
N LEU B 189 6.83 -27.67 46.11
CA LEU B 189 5.58 -28.19 45.52
C LEU B 189 5.63 -28.38 44.01
N ASP B 190 5.00 -29.45 43.57
CA ASP B 190 4.56 -29.66 42.22
C ASP B 190 3.08 -29.33 42.23
N GLY B 191 2.78 -28.08 41.90
CA GLY B 191 1.42 -27.57 41.83
C GLY B 191 0.83 -27.58 43.22
N ASP B 192 -0.06 -28.53 43.49
CA ASP B 192 -0.62 -28.75 44.84
C ASP B 192 -0.01 -29.94 45.66
N ARG B 193 0.86 -30.75 45.05
CA ARG B 193 1.47 -31.88 45.72
C ARG B 193 2.81 -31.49 46.32
N GLU B 194 2.97 -31.70 47.64
CA GLU B 194 4.23 -31.45 48.33
C GLU B 194 5.20 -32.53 47.97
N ILE B 195 6.40 -32.11 47.55
CA ILE B 195 7.54 -33.02 47.33
C ILE B 195 8.45 -33.18 48.58
N ALA B 196 8.72 -32.08 49.25
CA ALA B 196 9.68 -32.00 50.34
C ALA B 196 9.56 -30.68 51.09
N ALA B 197 10.23 -30.62 52.24
CA ALA B 197 10.21 -29.42 53.08
C ALA B 197 11.54 -29.26 53.83
N THR B 198 11.81 -28.07 54.36
CA THR B 198 13.03 -27.88 55.16
C THR B 198 12.98 -26.50 55.84
N GLU B 199 13.93 -26.23 56.74
CA GLU B 199 13.90 -24.98 57.49
C GLU B 199 15.25 -24.58 57.92
N GLY B 200 15.50 -23.28 57.96
CA GLY B 200 16.78 -22.81 58.47
C GLY B 200 16.94 -21.31 58.54
N GLU B 201 18.05 -20.92 59.15
CA GLU B 201 18.42 -19.54 59.40
C GLU B 201 19.04 -18.90 58.21
N GLY B 202 19.52 -19.72 57.26
CA GLY B 202 20.31 -19.25 56.12
C GLY B 202 19.82 -19.85 54.79
N GLU B 203 20.78 -20.19 53.93
CA GLU B 203 20.55 -21.01 52.74
C GLU B 203 19.86 -22.32 53.06
N LEU B 204 18.76 -22.60 52.37
CA LEU B 204 17.97 -23.82 52.56
C LEU B 204 18.27 -24.85 51.44
N THR B 205 18.38 -26.14 51.78
CA THR B 205 18.78 -27.16 50.81
C THR B 205 17.75 -28.30 50.83
N LEU B 206 17.33 -28.71 49.63
CA LEU B 206 16.41 -29.82 49.42
C LEU B 206 17.11 -30.69 48.42
N ALA B 207 17.46 -31.90 48.86
CA ALA B 207 18.44 -32.75 48.17
C ALA B 207 17.83 -34.15 47.99
N GLY B 208 18.50 -34.97 47.15
CA GLY B 208 18.07 -36.33 46.86
C GLY B 208 16.67 -36.41 46.23
N LEU B 209 16.30 -35.46 45.37
CA LEU B 209 14.93 -35.37 44.84
C LEU B 209 14.82 -36.23 43.59
N THR B 210 14.02 -37.27 43.68
CA THR B 210 13.89 -38.25 42.62
C THR B 210 12.47 -38.14 42.03
N GLY B 211 12.32 -38.69 40.84
CA GLY B 211 11.05 -38.67 40.12
C GLY B 211 10.69 -37.34 39.48
N LEU B 212 11.59 -36.36 39.43
CA LEU B 212 11.20 -35.06 38.89
C LEU B 212 11.66 -34.94 37.44
N SER B 213 11.12 -33.93 36.75
CA SER B 213 11.40 -33.72 35.31
C SER B 213 12.06 -32.40 35.04
N LEU B 214 12.99 -32.42 34.08
CA LEU B 214 13.64 -31.22 33.56
C LEU B 214 12.62 -30.29 32.86
N TRP B 215 12.87 -28.99 32.92
CA TRP B 215 12.22 -27.99 32.07
C TRP B 215 12.97 -28.01 30.75
N SER B 216 12.26 -28.24 29.65
CA SER B 216 12.81 -27.92 28.32
C SER B 216 11.80 -27.09 27.45
N THR B 217 12.22 -26.78 26.22
CA THR B 217 11.29 -26.21 25.25
C THR B 217 10.18 -27.18 24.80
N ASP B 218 10.49 -28.47 24.88
CA ASP B 218 9.53 -29.52 24.59
C ASP B 218 8.74 -29.94 25.81
N ASN B 219 9.33 -29.91 27.02
CA ASN B 219 8.55 -30.18 28.26
C ASN B 219 8.76 -29.15 29.41
N PRO B 220 7.99 -28.01 29.38
CA PRO B 220 8.19 -26.88 30.32
C PRO B 220 7.67 -27.16 31.76
N GLN B 221 8.28 -28.18 32.36
CA GLN B 221 7.93 -28.64 33.69
C GLN B 221 8.45 -27.63 34.66
N LEU B 222 7.55 -27.11 35.48
CA LEU B 222 7.82 -26.18 36.53
C LEU B 222 7.51 -26.73 37.91
N TYR B 223 8.24 -26.18 38.87
CA TYR B 223 8.02 -26.44 40.27
C TYR B 223 7.91 -25.14 41.05
N THR B 224 7.37 -25.24 42.28
CA THR B 224 7.18 -24.07 43.16
C THR B 224 7.81 -24.24 44.53
N VAL B 225 8.38 -23.18 45.03
CA VAL B 225 8.95 -23.17 46.31
C VAL B 225 8.12 -22.16 47.04
N GLU B 226 7.38 -22.64 48.03
CA GLU B 226 6.67 -21.82 48.98
C GLU B 226 7.50 -21.51 50.23
N LEU B 227 7.75 -20.23 50.52
CA LEU B 227 8.49 -19.86 51.75
C LEU B 227 7.56 -19.29 52.80
N THR B 228 7.76 -19.73 54.07
CA THR B 228 7.00 -19.25 55.23
C THR B 228 7.91 -18.79 56.34
N LEU B 229 7.71 -17.58 56.86
CA LEU B 229 8.37 -17.19 58.10
C LEU B 229 7.49 -17.59 59.27
N PRO B 230 7.91 -18.57 60.09
CA PRO B 230 6.95 -19.14 61.06
C PRO B 230 6.58 -18.21 62.24
N ASP B 231 7.56 -17.41 62.73
CA ASP B 231 7.32 -16.36 63.74
C ASP B 231 6.33 -15.26 63.29
N SER B 232 6.59 -14.58 62.18
CA SER B 232 5.69 -13.52 61.62
C SER B 232 4.44 -13.97 60.80
N GLY B 233 4.38 -15.21 60.31
CA GLY B 233 3.27 -15.70 59.43
C GLY B 233 3.39 -15.44 57.92
N ASP B 234 4.50 -14.81 57.47
CA ASP B 234 4.65 -14.37 56.08
C ASP B 234 4.80 -15.57 55.14
N VAL B 235 4.23 -15.42 53.93
CA VAL B 235 4.25 -16.52 52.97
C VAL B 235 4.55 -15.88 51.62
N THR B 236 5.46 -16.50 50.85
CA THR B 236 5.65 -16.16 49.45
C THR B 236 5.94 -17.42 48.64
N THR B 237 5.61 -17.39 47.35
CA THR B 237 5.86 -18.51 46.45
C THR B 237 6.77 -18.07 45.30
N HIS B 238 7.51 -19.03 44.76
CA HIS B 238 8.52 -18.78 43.75
C HIS B 238 8.57 -19.95 42.85
N ARG B 239 8.51 -19.69 41.57
CA ARG B 239 8.32 -20.75 40.63
C ARG B 239 9.62 -20.92 39.91
N PHE B 240 9.95 -22.15 39.53
CA PHE B 240 11.23 -22.40 38.88
C PHE B 240 11.19 -23.69 38.05
N GLY B 241 12.33 -24.05 37.46
CA GLY B 241 12.44 -25.32 36.75
C GLY B 241 13.86 -25.81 36.74
N PHE B 242 14.03 -27.12 36.59
CA PHE B 242 15.38 -27.74 36.46
C PHE B 242 15.81 -27.78 35.02
N ARG B 243 16.81 -26.99 34.68
CA ARG B 243 17.40 -27.06 33.33
C ARG B 243 18.76 -26.50 33.39
N THR B 244 19.63 -27.01 32.51
CA THR B 244 20.95 -26.42 32.29
C THR B 244 20.96 -25.79 30.90
N ALA B 245 21.63 -24.64 30.77
CA ALA B 245 21.78 -23.89 29.50
C ALA B 245 23.22 -23.38 29.39
N GLU B 246 24.06 -24.09 28.63
CA GLU B 246 25.49 -23.78 28.57
C GLU B 246 25.82 -23.19 27.20
N TRP B 247 26.63 -22.13 27.16
CA TRP B 247 26.98 -21.48 25.91
C TRP B 247 28.43 -21.83 25.65
N THR B 248 28.70 -22.66 24.65
CA THR B 248 30.07 -23.12 24.42
C THR B 248 30.45 -22.64 23.02
N PRO B 249 31.76 -22.63 22.71
CA PRO B 249 32.17 -22.29 21.32
C PRO B 249 31.60 -23.25 20.26
N GLN B 250 31.30 -24.50 20.67
CA GLN B 250 30.59 -25.47 19.81
C GLN B 250 29.10 -25.16 19.62
N GLY B 251 28.54 -24.33 20.46
CA GLY B 251 27.16 -23.98 20.38
C GLY B 251 26.47 -24.03 21.72
N PHE B 252 25.17 -23.72 21.66
CA PHE B 252 24.28 -23.74 22.81
C PHE B 252 23.78 -25.16 23.17
N LEU B 253 24.02 -25.58 24.39
CA LEU B 253 23.44 -26.81 24.94
C LEU B 253 22.33 -26.47 26.01
N LEU B 254 21.11 -26.92 25.70
CA LEU B 254 20.04 -27.04 26.71
C LEU B 254 19.97 -28.48 27.21
N ASN B 255 20.24 -28.70 28.49
CA ASN B 255 20.09 -30.02 29.16
C ASN B 255 21.06 -31.04 28.64
N GLY B 256 22.25 -30.55 28.30
CA GLY B 256 23.31 -31.34 27.67
C GLY B 256 23.21 -31.56 26.16
N GLN B 257 22.08 -31.19 25.55
CA GLN B 257 21.79 -31.51 24.14
C GLN B 257 22.00 -30.22 23.29
N PRO B 258 22.60 -30.36 22.09
CA PRO B 258 22.70 -29.23 21.19
C PRO B 258 21.38 -28.62 20.83
N MET B 259 21.34 -27.32 20.73
CA MET B 259 20.18 -26.68 20.18
C MET B 259 20.62 -25.43 19.42
N LYS B 260 20.46 -25.49 18.10
CA LYS B 260 20.59 -24.33 17.30
C LYS B 260 19.41 -23.46 17.62
N LEU B 261 19.69 -22.20 17.83
CA LEU B 261 18.72 -21.26 18.31
C LEU B 261 18.11 -20.55 17.13
N ARG B 262 16.81 -20.36 17.24
CA ARG B 262 16.03 -19.73 16.17
C ARG B 262 15.01 -18.83 16.86
N GLY B 263 15.15 -17.52 16.70
CA GLY B 263 14.33 -16.62 17.47
C GLY B 263 13.89 -15.41 16.76
N LEU B 264 13.17 -14.54 17.46
CA LEU B 264 12.84 -13.22 16.98
C LEU B 264 12.94 -12.24 18.08
N ASN B 265 13.21 -11.00 17.75
CA ASN B 265 13.11 -9.87 18.69
C ASN B 265 11.65 -9.46 18.75
N ARG B 266 11.25 -9.09 19.97
CA ARG B 266 9.89 -8.76 20.31
C ARG B 266 9.86 -7.56 21.24
N HIS B 267 9.10 -6.54 20.86
CA HIS B 267 8.82 -5.34 21.68
C HIS B 267 7.56 -5.53 22.53
N GLN B 268 7.23 -4.60 23.40
CA GLN B 268 6.08 -4.75 24.24
C GLN B 268 5.05 -3.69 23.92
N SER B 269 5.07 -3.19 22.71
CA SER B 269 4.14 -2.14 22.33
C SER B 269 3.03 -2.70 21.45
N TRP B 270 1.87 -2.04 21.52
CA TRP B 270 0.75 -2.25 20.63
C TRP B 270 0.41 -0.91 20.01
N ALA B 271 -0.32 -0.92 18.93
CA ALA B 271 -0.86 0.30 18.37
C ALA B 271 -1.81 0.99 19.33
N HIS B 272 -1.74 2.32 19.40
CA HIS B 272 -2.61 3.16 20.17
C HIS B 272 -2.27 3.19 21.62
N GLN B 273 -2.27 2.03 22.23
CA GLN B 273 -2.20 1.94 23.65
C GLN B 273 -0.79 1.91 24.20
N GLY B 274 0.21 1.83 23.32
CA GLY B 274 1.61 1.85 23.77
C GLY B 274 1.96 0.56 24.47
N TYR B 275 2.51 0.67 25.66
CA TYR B 275 2.92 -0.52 26.42
C TYR B 275 1.84 -1.06 27.38
N ALA B 276 0.70 -0.40 27.44
CA ALA B 276 -0.29 -0.57 28.50
C ALA B 276 -1.24 -1.67 28.08
N ALA B 277 -0.69 -2.86 28.20
CA ALA B 277 -1.43 -4.03 27.85
C ALA B 277 -1.14 -5.08 28.89
N GLY B 278 -2.22 -5.77 29.25
CA GLY B 278 -2.25 -6.59 30.43
C GLY B 278 -1.66 -7.96 30.22
N ARG B 279 -1.97 -8.82 31.16
CA ARG B 279 -1.46 -10.15 31.26
C ARG B 279 -1.83 -10.98 30.05
N HIS B 280 -3.13 -11.09 29.75
CA HIS B 280 -3.58 -11.90 28.64
C HIS B 280 -2.74 -11.58 27.38
N ALA B 281 -2.58 -10.30 27.09
CA ALA B 281 -1.88 -9.89 25.88
C ALA B 281 -0.38 -10.20 25.97
N GLN B 282 0.21 -9.97 27.13
CA GLN B 282 1.61 -10.34 27.29
C GLN B 282 1.76 -11.84 26.96
N GLU B 283 0.91 -12.66 27.52
CA GLU B 283 0.98 -14.07 27.29
C GLU B 283 0.79 -14.38 25.77
N ARG B 284 -0.17 -13.69 25.14
CA ARG B 284 -0.46 -13.97 23.75
C ARG B 284 0.78 -13.75 22.89
N ASP B 285 1.56 -12.72 23.22
CA ASP B 285 2.83 -12.52 22.56
C ASP B 285 3.73 -13.75 22.69
N ALA B 286 3.86 -14.29 23.88
CA ALA B 286 4.81 -15.41 24.02
C ALA B 286 4.35 -16.64 23.26
N GLU B 287 3.06 -16.88 23.38
CA GLU B 287 2.41 -17.95 22.62
C GLU B 287 2.64 -17.85 21.11
N ILE B 288 2.55 -16.65 20.53
CA ILE B 288 2.65 -16.48 19.07
C ILE B 288 4.09 -16.71 18.64
N VAL B 289 5.04 -16.28 19.45
CA VAL B 289 6.42 -16.50 19.14
C VAL B 289 6.75 -18.00 19.17
N ARG B 290 6.27 -18.69 20.20
CA ARG B 290 6.62 -20.08 20.43
C ARG B 290 5.84 -21.06 19.54
N HIS B 291 4.56 -20.76 19.26
CA HIS B 291 3.67 -21.72 18.53
C HIS B 291 3.50 -21.29 17.08
N ASP B 292 2.89 -20.14 16.86
CA ASP B 292 2.73 -19.68 15.49
C ASP B 292 4.04 -19.60 14.70
N LEU B 293 5.10 -19.01 15.28
CA LEU B 293 6.39 -18.79 14.58
C LEU B 293 7.45 -19.88 14.85
N CYS B 294 7.08 -20.81 15.71
CA CYS B 294 7.92 -21.83 16.18
C CYS B 294 9.33 -21.38 16.47
N CYS B 295 9.48 -20.25 17.16
CA CYS B 295 10.80 -19.90 17.71
C CYS B 295 11.12 -20.62 19.04
N ASN B 296 12.39 -20.97 19.23
CA ASN B 296 12.81 -21.43 20.52
C ASN B 296 13.40 -20.31 21.45
N MET B 297 13.68 -19.14 20.92
CA MET B 297 14.21 -18.00 21.70
C MET B 297 13.53 -16.68 21.33
N VAL B 298 13.33 -15.85 22.32
CA VAL B 298 12.85 -14.51 22.13
C VAL B 298 13.79 -13.56 22.83
N ARG B 299 14.05 -12.42 22.20
CA ARG B 299 14.87 -11.40 22.83
C ARG B 299 13.96 -10.26 23.11
N THR B 300 14.12 -9.70 24.30
CA THR B 300 13.29 -8.62 24.80
C THR B 300 13.86 -7.31 24.32
N SER B 301 13.57 -6.96 23.08
CA SER B 301 14.11 -5.74 22.50
C SER B 301 13.32 -4.57 23.08
N HIS B 302 13.94 -3.59 23.75
CA HIS B 302 15.35 -3.51 24.26
C HIS B 302 15.34 -3.11 25.74
N TYR B 303 14.66 -3.92 26.55
CA TYR B 303 14.38 -3.56 27.90
C TYR B 303 13.74 -4.73 28.62
N PRO B 304 13.76 -4.71 29.97
CA PRO B 304 13.08 -5.74 30.69
C PRO B 304 11.61 -5.59 30.47
N GLN B 305 11.01 -6.73 30.19
CA GLN B 305 9.63 -6.82 29.81
C GLN B 305 8.80 -7.35 30.99
N SER B 306 7.50 -7.61 30.75
CA SER B 306 6.52 -7.93 31.76
C SER B 306 6.78 -9.26 32.40
N THR B 307 6.64 -9.39 33.72
CA THR B 307 6.68 -10.71 34.36
C THR B 307 5.65 -11.65 33.76
N TRP B 308 4.51 -11.11 33.33
CA TRP B 308 3.50 -11.95 32.72
C TRP B 308 4.02 -12.55 31.47
N PHE B 309 4.78 -11.77 30.68
CA PHE B 309 5.41 -12.33 29.48
C PHE B 309 6.43 -13.45 29.79
N LEU B 310 7.29 -13.23 30.79
CA LEU B 310 8.34 -14.18 31.19
C LEU B 310 7.75 -15.44 31.80
N ASP B 311 6.81 -15.25 32.70
CA ASP B 311 5.99 -16.34 33.24
C ASP B 311 5.38 -17.20 32.14
N ARG B 312 4.93 -16.57 31.05
CA ARG B 312 4.32 -17.32 30.03
C ARG B 312 5.32 -18.17 29.27
N CYS B 313 6.51 -17.61 29.04
CA CYS B 313 7.64 -18.31 28.45
C CYS B 313 8.08 -19.49 29.29
N ASP B 314 8.07 -19.34 30.61
CA ASP B 314 8.38 -20.47 31.48
C ASP B 314 7.39 -21.60 31.27
N GLU B 315 6.11 -21.25 31.13
CA GLU B 315 5.03 -22.22 30.90
C GLU B 315 5.04 -22.87 29.50
N ILE B 316 5.53 -22.21 28.44
CA ILE B 316 5.38 -22.78 27.08
C ILE B 316 6.66 -23.26 26.44
N GLY B 317 7.76 -23.17 27.18
CA GLY B 317 9.05 -23.69 26.66
C GLY B 317 9.72 -22.74 25.66
N LEU B 318 9.66 -21.41 25.93
CA LEU B 318 10.29 -20.40 25.09
C LEU B 318 11.52 -19.74 25.78
N LEU B 319 12.72 -19.92 25.22
CA LEU B 319 13.93 -19.34 25.84
C LEU B 319 13.93 -17.83 25.69
N VAL B 320 14.56 -17.15 26.63
CA VAL B 320 14.56 -15.72 26.73
C VAL B 320 16.00 -15.21 26.85
N PHE B 321 16.19 -14.10 26.11
CA PHE B 321 17.37 -13.27 26.07
C PHE B 321 16.76 -11.98 26.55
N GLU B 322 17.21 -11.49 27.72
CA GLU B 322 16.66 -10.21 28.29
C GLU B 322 17.78 -9.27 28.61
N GLU B 323 17.60 -7.99 28.28
CA GLU B 323 18.59 -6.97 28.49
C GLU B 323 17.99 -5.72 29.18
N ILE B 324 18.92 -4.93 29.75
CA ILE B 324 18.60 -3.61 30.32
C ILE B 324 18.14 -2.63 29.27
N PRO B 325 17.43 -1.56 29.68
CA PRO B 325 16.97 -0.54 28.71
C PRO B 325 18.07 0.16 27.94
N GLY B 326 17.81 0.36 26.64
CA GLY B 326 18.85 0.86 25.79
C GLY B 326 18.49 1.01 24.35
N TRP B 327 19.17 1.98 23.74
CA TRP B 327 19.26 2.08 22.32
C TRP B 327 20.50 2.94 21.96
N GLN B 328 21.67 2.33 21.82
CA GLN B 328 22.87 2.92 21.23
C GLN B 328 23.58 3.90 22.11
N HIS B 329 22.83 4.91 22.58
CA HIS B 329 23.29 5.97 23.43
C HIS B 329 23.80 5.53 24.83
N ILE B 330 25.03 5.95 25.17
CA ILE B 330 25.59 5.84 26.54
C ILE B 330 25.75 7.27 27.06
N GLY B 331 25.16 7.53 28.19
CA GLY B 331 25.17 8.84 28.77
C GLY B 331 26.36 8.94 29.69
N ASP B 332 26.32 9.95 30.57
CA ASP B 332 27.46 10.23 31.51
C ASP B 332 27.51 9.35 32.74
N GLN B 333 28.42 9.62 33.69
CA GLN B 333 28.64 8.74 34.85
C GLN B 333 27.36 8.48 35.67
N ALA B 334 26.52 9.50 35.80
CA ALA B 334 25.30 9.34 36.57
C ALA B 334 24.23 8.49 35.81
N TRP B 335 24.16 8.68 34.50
CA TRP B 335 23.39 7.86 33.62
C TRP B 335 23.84 6.40 33.65
N GLN B 336 25.16 6.18 33.66
CA GLN B 336 25.73 4.81 33.76
C GLN B 336 25.42 4.26 35.14
N ASP B 337 25.46 5.10 36.15
CA ASP B 337 25.07 4.62 37.48
C ASP B 337 23.68 4.03 37.46
N ARG B 338 22.77 4.76 36.88
CA ARG B 338 21.44 4.21 36.75
C ARG B 338 21.36 2.90 35.93
N SER B 339 22.24 2.72 34.93
CA SER B 339 22.12 1.54 34.06
C SER B 339 22.62 0.32 34.83
N VAL B 340 23.70 0.46 35.59
CA VAL B 340 24.10 -0.53 36.62
C VAL B 340 22.92 -0.90 37.60
N ASP B 341 22.27 0.09 38.24
CA ASP B 341 21.01 -0.16 39.01
C ASP B 341 19.99 -0.95 38.19
N ASN B 342 19.77 -0.55 36.95
CA ASN B 342 18.92 -1.28 36.01
C ASN B 342 19.30 -2.80 35.84
N VAL B 343 20.61 -3.09 35.79
CA VAL B 343 21.14 -4.48 35.77
C VAL B 343 20.67 -5.22 37.02
N ARG B 344 20.79 -4.57 38.17
CA ARG B 344 20.37 -5.18 39.40
C ARG B 344 18.89 -5.39 39.45
N ALA B 345 18.13 -4.36 39.20
CA ALA B 345 16.65 -4.50 39.18
C ALA B 345 16.12 -5.64 38.28
N MET B 346 16.69 -5.78 37.08
CA MET B 346 16.32 -6.84 36.14
C MET B 346 16.70 -8.19 36.71
N ILE B 347 17.97 -8.36 37.09
CA ILE B 347 18.38 -9.72 37.43
C ILE B 347 17.73 -10.19 38.73
N THR B 348 17.63 -9.32 39.75
CA THR B 348 17.01 -9.70 41.02
C THR B 348 15.50 -9.91 40.91
N ARG B 349 14.87 -9.28 39.91
CA ARG B 349 13.51 -9.62 39.60
C ARG B 349 13.38 -10.97 38.92
N ASP B 350 14.31 -11.28 38.03
CA ASP B 350 14.05 -12.35 37.02
C ASP B 350 14.85 -13.61 37.19
N TRP B 351 15.68 -13.69 38.21
CA TRP B 351 16.64 -14.78 38.35
C TRP B 351 16.12 -16.18 38.59
N ASN B 352 14.80 -16.35 38.74
CA ASN B 352 14.19 -17.70 38.92
C ASN B 352 13.50 -18.28 37.66
N HIS B 353 13.37 -17.44 36.64
CA HIS B 353 12.81 -17.87 35.37
C HIS B 353 13.68 -18.90 34.65
N PRO B 354 13.24 -20.15 34.54
CA PRO B 354 14.02 -21.11 33.72
C PRO B 354 14.11 -20.73 32.21
N SER B 355 13.13 -19.94 31.72
CA SER B 355 13.10 -19.46 30.37
C SER B 355 14.26 -18.58 30.01
N ILE B 356 14.78 -17.81 30.95
CA ILE B 356 15.84 -16.80 30.64
C ILE B 356 17.11 -17.56 30.67
N VAL B 357 17.85 -17.55 29.56
CA VAL B 357 19.16 -18.25 29.49
C VAL B 357 20.36 -17.37 29.19
N ILE B 358 20.16 -16.08 29.09
CA ILE B 358 21.26 -15.17 28.83
C ILE B 358 20.81 -13.75 29.17
N TRP B 359 21.70 -12.99 29.83
CA TRP B 359 21.48 -11.56 30.14
C TRP B 359 22.24 -10.60 29.20
N GLY B 360 21.58 -9.59 28.69
CA GLY B 360 22.22 -8.56 27.92
C GLY B 360 22.55 -7.40 28.82
N VAL B 361 23.84 -7.14 28.96
CA VAL B 361 24.34 -6.13 29.90
C VAL B 361 25.01 -4.91 29.26
N ARG B 362 24.92 -4.85 27.92
CA ARG B 362 25.27 -3.69 27.18
C ARG B 362 24.02 -3.00 26.66
N ILE B 363 24.16 -1.68 26.46
CA ILE B 363 23.16 -0.89 25.82
C ILE B 363 23.14 -1.34 24.38
N ASN B 364 21.94 -1.70 23.89
CA ASN B 364 21.83 -2.23 22.55
C ASN B 364 22.58 -1.37 21.58
N GLU B 365 23.49 -2.01 20.85
CA GLU B 365 24.24 -1.38 19.75
C GLU B 365 24.98 -0.14 20.12
N SER B 366 25.61 -0.13 21.30
CA SER B 366 26.40 1.00 21.72
C SER B 366 27.81 0.81 21.25
N PRO B 367 28.61 1.89 21.26
CA PRO B 367 30.07 1.65 21.22
C PRO B 367 30.49 0.93 22.47
N ASP B 368 31.69 0.38 22.41
CA ASP B 368 32.40 -0.12 23.55
C ASP B 368 32.53 1.00 24.58
N ASN B 369 32.72 0.58 25.81
CA ASN B 369 32.97 1.47 26.89
C ASN B 369 33.42 0.56 28.06
N HIS B 370 34.73 0.53 28.24
CA HIS B 370 35.36 -0.37 29.16
C HIS B 370 34.87 -0.20 30.58
N ASP B 371 34.97 1.01 31.09
CA ASP B 371 34.56 1.28 32.48
C ASP B 371 33.14 1.01 32.78
N PHE B 372 32.26 1.40 31.88
CA PHE B 372 30.84 1.15 32.06
C PHE B 372 30.59 -0.36 32.02
N TYR B 373 31.20 -1.06 31.07
CA TYR B 373 30.82 -2.46 30.84
C TYR B 373 31.53 -3.45 31.74
N VAL B 374 32.73 -3.12 32.19
CA VAL B 374 33.32 -3.85 33.31
C VAL B 374 32.28 -3.90 34.46
N ARG B 375 31.62 -2.78 34.73
CA ARG B 375 30.77 -2.73 35.90
C ARG B 375 29.52 -3.59 35.75
N THR B 376 28.88 -3.52 34.57
CA THR B 376 27.62 -4.26 34.30
C THR B 376 27.96 -5.77 34.19
N ASN B 377 29.05 -6.10 33.50
CA ASN B 377 29.57 -7.48 33.50
C ASN B 377 29.78 -8.07 34.88
N ALA B 378 30.49 -7.37 35.76
CA ALA B 378 30.80 -7.83 37.10
C ALA B 378 29.58 -7.91 37.96
N LEU B 379 28.68 -6.94 37.91
CA LEU B 379 27.53 -6.96 38.82
C LEU B 379 26.62 -8.15 38.48
N ALA B 380 26.39 -8.36 37.19
CA ALA B 380 25.53 -9.41 36.73
C ALA B 380 26.04 -10.79 37.07
N ARG B 381 27.32 -11.04 36.93
CA ARG B 381 27.88 -12.36 37.25
C ARG B 381 27.84 -12.56 38.76
N GLU B 382 27.79 -11.48 39.49
CA GLU B 382 27.76 -11.51 40.95
C GLU B 382 26.35 -11.76 41.50
N LEU B 383 25.36 -11.17 40.86
CA LEU B 383 23.97 -11.45 41.17
C LEU B 383 23.56 -12.82 40.68
N ASP B 384 24.07 -13.21 39.52
CA ASP B 384 23.68 -14.48 38.93
C ASP B 384 24.79 -15.28 38.20
N PRO B 385 25.53 -16.09 38.97
CA PRO B 385 26.54 -16.99 38.40
C PRO B 385 25.98 -18.03 37.45
N THR B 386 24.67 -18.21 37.40
CA THR B 386 24.16 -19.35 36.72
C THR B 386 23.93 -19.14 35.24
N ARG B 387 23.98 -17.91 34.73
CA ARG B 387 23.58 -17.65 33.34
C ARG B 387 24.63 -16.86 32.63
N ALA B 388 24.70 -17.04 31.32
CA ALA B 388 25.77 -16.46 30.54
C ALA B 388 25.41 -15.05 30.27
N ILE B 389 26.44 -14.23 30.14
CA ILE B 389 26.33 -12.77 29.94
C ILE B 389 26.54 -12.50 28.48
N GLY B 390 25.58 -11.78 27.93
CA GLY B 390 25.66 -11.24 26.58
C GLY B 390 25.45 -9.73 26.54
N GLY B 391 25.62 -9.13 25.38
CA GLY B 391 25.54 -7.64 25.31
C GLY B 391 25.49 -7.18 23.87
N VAL B 392 24.31 -6.91 23.39
CA VAL B 392 24.14 -6.80 21.96
C VAL B 392 24.90 -5.60 21.29
N ARG B 393 25.77 -5.93 20.34
CA ARG B 393 26.41 -4.90 19.52
C ARG B 393 26.19 -5.11 18.04
N CYS B 394 26.57 -4.12 17.27
CA CYS B 394 26.59 -4.23 15.82
C CYS B 394 27.94 -3.85 15.21
N ILE B 395 29.02 -3.84 16.01
CA ILE B 395 30.38 -3.63 15.50
C ILE B 395 31.27 -4.89 15.56
N THR B 396 32.25 -4.94 14.66
CA THR B 396 33.25 -5.99 14.67
C THR B 396 34.32 -5.58 15.72
N ASP B 397 35.07 -6.54 16.23
CA ASP B 397 36.27 -6.30 17.09
C ASP B 397 35.91 -5.60 18.37
N SER B 398 34.67 -5.82 18.81
CA SER B 398 34.19 -5.22 20.04
C SER B 398 34.88 -5.93 21.20
N GLU B 399 35.21 -5.16 22.25
CA GLU B 399 35.80 -5.73 23.49
C GLU B 399 34.86 -6.71 24.21
N MET B 400 35.26 -7.96 24.28
CA MET B 400 34.30 -8.98 24.72
C MET B 400 34.53 -9.24 26.20
N LEU B 401 33.74 -8.57 27.02
CA LEU B 401 33.76 -8.76 28.44
C LEU B 401 32.74 -9.83 28.82
N GLU B 402 31.89 -10.17 27.87
CA GLU B 402 30.70 -10.94 28.05
C GLU B 402 31.04 -12.41 27.73
N ASP B 403 30.21 -13.39 28.12
CA ASP B 403 30.49 -14.82 27.74
C ASP B 403 30.18 -15.11 26.29
N VAL B 404 29.25 -14.36 25.70
CA VAL B 404 28.80 -14.61 24.33
C VAL B 404 28.90 -13.32 23.53
N TYR B 405 29.53 -13.42 22.37
CA TYR B 405 29.57 -12.33 21.42
C TYR B 405 28.22 -12.30 20.65
N THR B 406 27.35 -11.43 21.14
CA THR B 406 26.06 -11.20 20.61
C THR B 406 26.07 -10.10 19.57
N MET B 407 25.90 -10.50 18.30
CA MET B 407 26.10 -9.65 17.13
C MET B 407 24.84 -9.41 16.29
N ASN B 408 24.55 -8.15 16.04
CA ASN B 408 23.56 -7.76 15.10
C ASN B 408 24.37 -7.67 13.79
N ASP B 409 24.15 -8.59 12.83
CA ASP B 409 24.91 -8.65 11.57
C ASP B 409 23.98 -8.25 10.43
N PHE B 410 24.16 -7.03 9.94
CA PHE B 410 23.30 -6.54 8.87
C PHE B 410 24.02 -6.58 7.54
N ILE B 411 24.97 -7.52 7.38
CA ILE B 411 25.60 -7.64 6.08
C ILE B 411 24.64 -7.89 4.88
N LEU B 412 23.50 -8.52 5.09
CA LEU B 412 22.55 -8.76 4.01
C LEU B 412 21.57 -7.57 3.86
N ASP B 413 21.61 -6.77 2.80
CA ASP B 413 22.42 -6.92 1.61
C ASP B 413 23.07 -5.60 1.23
N GLU B 414 24.27 -5.44 1.72
CA GLU B 414 25.13 -4.35 1.40
C GLU B 414 25.66 -4.27 0.00
N SER B 415 25.75 -5.40 -0.71
CA SER B 415 26.21 -5.32 -2.13
C SER B 415 25.38 -4.30 -2.94
N GLU B 416 24.17 -3.97 -2.44
CA GLU B 416 23.30 -2.86 -2.91
C GLU B 416 23.96 -1.51 -2.96
N LEU B 417 24.80 -1.23 -1.98
CA LEU B 417 25.48 0.03 -1.90
C LEU B 417 26.50 0.11 -3.07
N PRO B 418 26.61 1.31 -3.68
CA PRO B 418 27.44 1.49 -4.89
C PRO B 418 28.93 1.20 -4.71
N LEU B 419 29.50 1.57 -3.55
CA LEU B 419 30.95 1.39 -3.31
C LEU B 419 31.39 0.07 -2.66
N ILE B 420 30.53 -0.96 -2.68
CA ILE B 420 30.78 -2.26 -2.07
C ILE B 420 31.11 -3.35 -3.08
N ASN B 421 32.33 -3.87 -3.00
CA ASN B 421 32.84 -4.96 -3.88
C ASN B 421 32.20 -6.28 -3.59
N ARG B 422 31.88 -6.49 -2.31
CA ARG B 422 31.67 -7.82 -1.79
C ARG B 422 30.30 -8.36 -2.16
N PRO B 423 30.28 -9.62 -2.63
CA PRO B 423 29.07 -10.27 -3.08
C PRO B 423 28.09 -10.45 -1.94
N ARG B 424 26.81 -10.49 -2.33
CA ARG B 424 25.69 -10.65 -1.45
C ARG B 424 25.99 -11.76 -0.43
N THR B 425 25.95 -11.47 0.86
CA THR B 425 26.31 -12.44 1.89
C THR B 425 25.23 -12.41 3.00
N ALA B 426 24.78 -13.57 3.48
CA ALA B 426 23.72 -13.62 4.50
C ALA B 426 24.26 -13.31 5.93
N LEU B 427 25.37 -13.96 6.26
CA LEU B 427 26.12 -13.73 7.52
C LEU B 427 27.62 -13.67 7.32
N ARG B 428 28.25 -12.78 8.09
CA ARG B 428 29.69 -12.82 8.16
C ARG B 428 30.18 -14.03 8.95
N PRO B 429 31.38 -14.51 8.57
CA PRO B 429 31.99 -15.54 9.41
C PRO B 429 32.36 -14.90 10.75
N THR B 430 32.31 -15.71 11.81
CA THR B 430 32.55 -15.30 13.18
C THR B 430 33.89 -14.69 13.45
N GLU B 431 34.97 -15.26 12.90
CA GLU B 431 36.32 -14.75 13.20
C GLU B 431 36.52 -13.34 12.62
N GLU B 432 35.90 -13.06 11.48
CA GLU B 432 35.88 -11.70 10.92
C GLU B 432 35.13 -10.70 11.82
N VAL B 433 34.06 -11.17 12.45
CA VAL B 433 33.27 -10.34 13.36
C VAL B 433 33.91 -10.11 14.77
N THR B 434 34.40 -11.16 15.41
CA THR B 434 34.97 -11.02 16.77
C THR B 434 36.35 -10.43 16.74
N GLY B 435 37.09 -10.71 15.68
CA GLY B 435 38.53 -10.39 15.66
C GLY B 435 39.33 -11.17 16.66
N ILE B 436 38.77 -12.30 17.12
CA ILE B 436 39.39 -13.13 18.12
C ILE B 436 39.83 -14.45 17.42
N LYS B 437 41.09 -14.84 17.62
CA LYS B 437 41.69 -15.98 16.94
C LYS B 437 40.94 -17.22 17.33
N LYS B 438 40.90 -17.44 18.64
CA LYS B 438 40.22 -18.59 19.20
C LYS B 438 38.70 -18.49 19.06
N PRO B 439 37.99 -19.62 19.18
CA PRO B 439 36.55 -19.60 19.12
C PRO B 439 35.90 -19.21 20.44
N VAL B 440 34.83 -18.42 20.31
CA VAL B 440 33.99 -17.94 21.39
C VAL B 440 32.50 -18.20 21.09
N PRO B 441 31.68 -18.41 22.12
CA PRO B 441 30.24 -18.46 21.86
C PRO B 441 29.81 -17.22 21.09
N TYR B 442 28.95 -17.39 20.11
CA TYR B 442 28.59 -16.34 19.21
C TYR B 442 27.12 -16.51 18.84
N LEU B 443 26.33 -15.43 18.91
CA LEU B 443 24.89 -15.50 18.58
C LEU B 443 24.53 -14.29 17.69
N VAL B 444 23.75 -14.50 16.63
CA VAL B 444 23.30 -13.36 15.85
C VAL B 444 21.97 -12.92 16.50
N THR B 445 21.92 -11.68 16.96
CA THR B 445 20.83 -11.15 17.79
C THR B 445 19.91 -10.26 17.06
N GLU B 446 20.33 -9.83 15.86
CA GLU B 446 19.52 -9.14 14.87
C GLU B 446 20.09 -9.40 13.45
N TYR B 447 19.18 -9.43 12.46
CA TYR B 447 19.47 -9.35 11.05
C TYR B 447 18.24 -8.85 10.29
N ASN B 448 18.43 -8.57 8.98
CA ASN B 448 17.38 -7.94 8.14
C ASN B 448 16.86 -6.59 8.64
N GLY B 449 15.63 -6.53 9.19
CA GLY B 449 15.04 -5.30 9.64
C GLY B 449 15.15 -4.16 8.64
N HIS B 450 15.83 -3.09 9.05
CA HIS B 450 15.97 -1.87 8.24
C HIS B 450 16.72 -2.11 6.91
N MET B 451 17.46 -3.22 6.80
CA MET B 451 18.10 -3.54 5.52
C MET B 451 17.06 -3.86 4.39
N PHE B 452 15.83 -4.23 4.76
CA PHE B 452 14.81 -4.58 3.82
C PHE B 452 13.41 -4.41 4.39
N PRO B 453 12.98 -3.16 4.54
CA PRO B 453 11.67 -2.94 5.06
C PRO B 453 10.64 -3.47 4.09
N THR B 454 9.56 -4.00 4.61
CA THR B 454 8.47 -4.55 3.76
C THR B 454 7.14 -4.35 4.45
N LYS B 455 6.25 -3.55 3.88
CA LYS B 455 4.98 -3.26 4.50
C LYS B 455 4.01 -4.40 4.16
N ALA B 456 2.84 -4.40 4.79
CA ALA B 456 1.92 -5.58 4.75
C ALA B 456 1.40 -5.76 3.37
N GLN B 457 1.12 -4.62 2.75
CA GLN B 457 0.53 -4.48 1.46
C GLN B 457 1.54 -4.27 0.33
N ASP B 458 2.83 -4.40 0.60
CA ASP B 458 3.84 -4.21 -0.42
C ASP B 458 3.74 -5.28 -1.55
N PRO B 459 4.33 -4.98 -2.72
CA PRO B 459 4.14 -5.91 -3.85
C PRO B 459 4.59 -7.36 -3.59
N GLU B 460 3.90 -8.27 -4.28
CA GLU B 460 4.26 -9.68 -4.22
C GLU B 460 5.75 -9.99 -4.46
N LEU B 461 6.37 -9.43 -5.48
CA LEU B 461 7.79 -9.60 -5.68
C LEU B 461 8.65 -9.15 -4.48
N ARG B 462 8.20 -8.09 -3.80
CA ARG B 462 8.91 -7.60 -2.61
C ARG B 462 8.76 -8.55 -1.37
N GLN B 463 7.57 -9.10 -1.16
CA GLN B 463 7.38 -10.10 -0.06
C GLN B 463 8.19 -11.38 -0.32
N MET B 464 8.27 -11.76 -1.58
CA MET B 464 9.10 -12.90 -1.94
C MET B 464 10.51 -12.69 -1.46
N GLU B 465 11.11 -11.56 -1.78
CA GLU B 465 12.44 -11.28 -1.39
C GLU B 465 12.56 -11.22 0.13
N HIS B 466 11.59 -10.59 0.76
CA HIS B 466 11.49 -10.57 2.23
C HIS B 466 11.53 -11.98 2.84
N VAL B 467 10.64 -12.83 2.35
CA VAL B 467 10.74 -14.25 2.68
C VAL B 467 12.15 -14.83 2.47
N ILE B 468 12.69 -14.63 1.29
CA ILE B 468 14.00 -15.20 0.95
C ILE B 468 15.08 -14.75 1.93
N ARG B 469 15.08 -13.48 2.28
CA ARG B 469 16.16 -13.01 3.10
C ARG B 469 16.06 -13.56 4.50
N HIS B 470 14.84 -13.70 5.01
CA HIS B 470 14.69 -14.38 6.28
C HIS B 470 15.17 -15.83 6.18
N LEU B 471 14.89 -16.47 5.07
CA LEU B 471 15.34 -17.84 4.87
C LEU B 471 16.86 -17.96 4.79
N GLU B 472 17.53 -17.01 4.09
CA GLU B 472 18.97 -17.15 3.81
C GLU B 472 19.73 -17.04 5.07
N VAL B 473 19.32 -16.12 5.92
CA VAL B 473 19.97 -15.93 7.21
C VAL B 473 19.70 -17.14 8.13
N LEU B 474 18.47 -17.65 8.15
CA LEU B 474 18.20 -18.83 8.95
C LEU B 474 19.05 -19.96 8.46
N ASN B 475 19.02 -20.14 7.16
CA ASN B 475 19.80 -21.19 6.56
C ASN B 475 21.27 -21.04 6.94
N ALA B 476 21.79 -19.82 6.92
CA ALA B 476 23.21 -19.60 7.11
C ALA B 476 23.62 -19.87 8.49
N ALA B 477 22.81 -19.42 9.45
CA ALA B 477 23.02 -19.69 10.90
C ALA B 477 23.01 -21.18 11.22
N HIS B 478 21.97 -21.88 10.74
CA HIS B 478 21.90 -23.31 10.88
C HIS B 478 23.14 -24.02 10.29
N GLY B 479 23.63 -23.51 9.17
CA GLY B 479 24.75 -24.14 8.52
C GLY B 479 26.12 -23.94 9.13
N ASP B 480 26.32 -22.86 9.87
CA ASP B 480 27.64 -22.54 10.45
C ASP B 480 27.78 -23.08 11.89
N PRO B 481 28.65 -24.09 12.10
CA PRO B 481 28.77 -24.58 13.52
C PRO B 481 29.35 -23.55 14.52
N ALA B 482 30.06 -22.52 14.05
CA ALA B 482 30.55 -21.49 14.98
C ALA B 482 29.43 -20.50 15.42
N ILE B 483 28.24 -20.59 14.82
CA ILE B 483 27.09 -19.72 15.18
C ILE B 483 26.05 -20.47 16.02
N SER B 484 25.88 -20.10 17.29
CA SER B 484 24.90 -20.77 18.13
C SER B 484 23.44 -20.61 17.72
N GLY B 485 23.14 -19.65 16.87
CA GLY B 485 21.80 -19.56 16.32
C GLY B 485 21.57 -18.16 15.85
N CYS B 486 20.33 -17.82 15.51
CA CYS B 486 20.07 -16.42 15.19
C CYS B 486 18.72 -15.90 15.59
N ILE B 487 18.62 -14.61 15.93
CA ILE B 487 17.33 -14.00 16.31
C ILE B 487 17.01 -12.90 15.30
N GLY B 488 15.84 -12.93 14.68
CA GLY B 488 15.52 -11.98 13.59
C GLY B 488 14.92 -10.66 14.06
N TRP B 489 15.19 -9.59 13.29
CA TRP B 489 14.57 -8.30 13.49
C TRP B 489 13.49 -8.24 12.43
N CYS B 490 12.20 -8.36 12.75
CA CYS B 490 11.70 -8.59 14.09
C CYS B 490 10.31 -9.19 14.04
N MET B 491 9.71 -9.47 15.20
CA MET B 491 8.41 -10.08 15.23
C MET B 491 7.33 -9.21 14.61
N PHE B 492 7.19 -7.96 15.04
CA PHE B 492 6.15 -7.14 14.49
C PHE B 492 6.56 -5.71 14.21
N ASP B 493 5.84 -5.14 13.25
CA ASP B 493 5.89 -3.72 12.97
C ASP B 493 5.60 -2.91 14.19
N TYR B 494 6.51 -1.98 14.49
CA TYR B 494 6.44 -1.20 15.74
C TYR B 494 6.46 0.31 15.48
N ASN B 495 5.79 1.09 16.33
CA ASN B 495 5.87 2.50 16.24
C ASN B 495 7.27 3.04 16.66
N THR B 496 7.65 4.19 16.09
CA THR B 496 8.97 4.71 16.33
C THR B 496 9.03 6.21 16.25
N HIS B 497 10.21 6.73 16.54
CA HIS B 497 10.45 8.14 16.40
C HIS B 497 10.53 8.58 14.92
N LYS B 498 10.34 9.89 14.69
CA LYS B 498 10.55 10.59 13.40
C LYS B 498 11.84 10.20 12.68
N ASP B 499 12.88 9.92 13.45
CA ASP B 499 14.19 9.52 12.95
C ASP B 499 14.28 8.20 12.22
N PHE B 500 13.24 7.36 12.34
CA PHE B 500 13.29 5.99 11.86
C PHE B 500 12.04 5.69 11.09
N GLY B 501 12.11 4.59 10.38
CA GLY B 501 10.95 4.11 9.68
C GLY B 501 10.59 4.85 8.40
N ALA B 502 9.40 4.58 7.93
CA ALA B 502 8.97 5.06 6.64
C ALA B 502 8.39 6.47 6.65
N GLY B 503 8.64 7.27 7.71
CA GLY B 503 8.04 8.63 7.80
C GLY B 503 6.70 8.67 8.55
N ASP B 504 6.14 7.47 8.77
CA ASP B 504 4.79 7.24 9.26
C ASP B 504 4.82 6.85 10.71
N ARG B 505 5.97 6.98 11.32
CA ARG B 505 6.19 6.51 12.68
C ARG B 505 6.09 4.99 12.80
N ILE B 506 6.38 4.25 11.73
CA ILE B 506 6.46 2.79 11.82
C ILE B 506 7.78 2.27 11.22
N CYS B 507 8.44 1.36 11.89
CA CYS B 507 9.42 0.58 11.19
C CYS B 507 8.72 -0.66 10.69
N HIS B 508 8.59 -0.79 9.36
CA HIS B 508 8.01 -1.98 8.74
C HIS B 508 9.00 -3.13 8.65
N HIS B 509 9.47 -3.56 9.81
CA HIS B 509 10.48 -4.62 9.95
C HIS B 509 9.88 -6.00 10.37
N GLY B 510 8.61 -6.03 10.76
CA GLY B 510 8.05 -7.25 11.35
C GLY B 510 7.94 -8.30 10.27
N VAL B 511 8.05 -9.56 10.67
CA VAL B 511 7.54 -10.64 9.86
C VAL B 511 6.06 -10.81 10.10
N MET B 512 5.49 -10.02 11.03
CA MET B 512 4.05 -9.89 11.27
C MET B 512 3.78 -8.43 11.35
N ASP B 513 2.53 -8.07 11.13
CA ASP B 513 2.10 -6.68 11.31
C ASP B 513 2.01 -6.35 12.80
N ILE B 514 1.74 -5.07 13.09
CA ILE B 514 1.59 -4.54 14.43
C ILE B 514 0.53 -5.24 15.32
N TRP B 515 -0.47 -5.82 14.67
CA TRP B 515 -1.41 -6.73 15.30
C TRP B 515 -0.92 -8.18 15.51
N ARG B 516 0.30 -8.49 15.12
CA ARG B 516 0.83 -9.86 15.17
C ARG B 516 0.09 -10.88 14.27
N GLU B 517 -0.64 -10.36 13.25
CA GLU B 517 -1.09 -11.11 12.08
C GLU B 517 0.15 -11.30 11.14
N PRO B 518 0.37 -12.53 10.65
CA PRO B 518 1.57 -12.80 9.83
C PRO B 518 1.55 -12.20 8.41
N LYS B 519 2.67 -11.66 8.02
CA LYS B 519 2.98 -11.49 6.62
C LYS B 519 3.54 -12.80 6.09
N PHE B 520 3.87 -12.81 4.81
CA PHE B 520 4.35 -14.02 4.19
C PHE B 520 5.58 -14.52 4.98
N ALA B 521 6.48 -13.60 5.34
CA ALA B 521 7.72 -13.95 6.00
C ALA B 521 7.57 -14.69 7.31
N ALA B 522 6.47 -14.43 8.03
CA ALA B 522 6.20 -15.15 9.28
C ALA B 522 6.28 -16.64 9.07
N HIS B 523 5.81 -17.12 7.89
CA HIS B 523 5.83 -18.54 7.56
C HIS B 523 7.21 -19.17 7.30
N ALA B 524 8.24 -18.33 7.11
CA ALA B 524 9.64 -18.82 7.10
C ALA B 524 9.97 -19.40 8.42
N TYR B 525 9.48 -18.75 9.47
CA TYR B 525 9.78 -19.17 10.86
C TYR B 525 8.85 -20.35 11.23
N GLY B 526 7.55 -20.14 10.97
CA GLY B 526 6.48 -21.11 11.29
C GLY B 526 6.60 -22.48 10.65
N SER B 527 7.06 -22.51 9.42
CA SER B 527 7.34 -23.73 8.70
C SER B 527 8.47 -24.53 9.28
N GLN B 528 9.34 -23.96 10.11
CA GLN B 528 10.44 -24.76 10.71
C GLN B 528 10.01 -25.81 11.79
N LYS B 529 8.73 -25.90 12.11
CA LYS B 529 8.31 -26.88 13.09
C LYS B 529 8.16 -28.29 12.51
N PRO B 530 8.37 -29.32 13.35
CA PRO B 530 8.13 -30.67 12.86
C PRO B 530 6.63 -30.86 12.57
N PRO B 531 6.26 -31.59 11.49
CA PRO B 531 4.85 -31.57 11.14
C PRO B 531 3.95 -32.27 12.16
N SER B 532 4.52 -33.06 13.05
CA SER B 532 3.77 -33.58 14.20
C SER B 532 3.20 -32.44 15.05
N GLU B 533 3.77 -31.24 14.99
CA GLU B 533 3.21 -30.09 15.71
C GLU B 533 2.18 -29.26 14.92
N GLY B 534 1.91 -29.64 13.68
CA GLY B 534 0.94 -28.90 12.83
C GLY B 534 1.50 -28.77 11.43
N ILE B 535 0.62 -28.87 10.42
CA ILE B 535 1.05 -28.76 9.04
C ILE B 535 1.03 -27.29 8.74
N VAL B 536 2.10 -26.85 8.08
CA VAL B 536 2.20 -25.54 7.51
C VAL B 536 2.44 -25.70 6.04
N MET B 537 1.65 -24.98 5.28
CA MET B 537 1.97 -24.81 3.89
C MET B 537 1.39 -23.49 3.42
N GLU B 538 2.30 -22.53 3.22
CA GLU B 538 1.91 -21.19 2.85
C GLU B 538 2.66 -20.79 1.58
N PRO B 539 1.92 -20.77 0.47
CA PRO B 539 2.49 -20.25 -0.77
C PRO B 539 2.62 -18.75 -0.71
N VAL B 540 3.73 -18.26 -1.23
CA VAL B 540 4.02 -16.82 -1.26
C VAL B 540 3.46 -16.21 -2.55
N THR B 541 2.14 -15.99 -2.52
CA THR B 541 1.41 -15.45 -3.66
C THR B 541 -0.01 -14.92 -3.29
N PHE B 542 -0.46 -13.94 -4.06
CA PHE B 542 -1.84 -13.59 -4.09
C PHE B 542 -2.58 -14.17 -5.31
N TRP B 543 -1.90 -14.93 -6.15
CA TRP B 543 -2.52 -15.60 -7.31
C TRP B 543 -3.36 -14.63 -8.19
N ALA B 544 -2.67 -13.59 -8.69
CA ALA B 544 -3.24 -12.65 -9.64
C ALA B 544 -2.36 -12.64 -10.79
N ARG B 545 -3.02 -12.55 -11.95
CA ARG B 545 -2.32 -12.63 -13.23
C ARG B 545 -1.21 -11.63 -13.41
N GLY B 546 -1.48 -10.37 -13.04
CA GLY B 546 -0.66 -9.23 -13.40
C GLY B 546 -0.15 -8.43 -12.21
N GLU B 547 -0.11 -9.07 -11.03
CA GLU B 547 0.54 -8.49 -9.85
C GLU B 547 2.06 -8.36 -10.06
N ARG B 548 2.72 -9.46 -10.42
CA ARG B 548 4.16 -9.44 -10.72
C ARG B 548 4.50 -8.86 -12.07
N ASN B 549 5.71 -8.31 -12.16
CA ASN B 549 6.33 -7.97 -13.45
C ASN B 549 6.02 -9.12 -14.43
N ILE B 550 5.65 -8.74 -15.65
CA ILE B 550 5.41 -9.64 -16.78
C ILE B 550 4.10 -10.46 -16.60
N GLY B 551 3.99 -11.22 -15.49
CA GLY B 551 2.73 -11.84 -15.06
C GLY B 551 2.94 -13.24 -14.52
N GLY B 552 1.95 -13.75 -13.87
CA GLY B 552 1.99 -15.13 -13.37
C GLY B 552 2.59 -15.23 -11.99
N VAL B 553 2.84 -16.47 -11.55
CA VAL B 553 3.24 -16.71 -10.17
C VAL B 553 4.42 -17.65 -10.04
N LEU B 554 5.23 -17.77 -11.07
CA LEU B 554 6.46 -18.52 -10.98
C LEU B 554 7.62 -17.51 -11.01
N PRO B 555 8.67 -17.68 -10.20
CA PRO B 555 8.81 -18.77 -9.26
C PRO B 555 7.84 -18.63 -8.09
N LEU B 556 7.31 -19.76 -7.62
CA LEU B 556 6.43 -19.84 -6.47
C LEU B 556 7.18 -20.37 -5.27
N ILE B 557 7.14 -19.61 -4.17
CA ILE B 557 7.80 -20.06 -2.95
C ILE B 557 6.67 -20.56 -2.12
N VAL B 558 6.81 -21.80 -1.63
CA VAL B 558 5.88 -22.37 -0.72
C VAL B 558 6.60 -22.77 0.56
N LEU B 559 6.17 -22.14 1.63
CA LEU B 559 6.77 -22.28 2.92
C LEU B 559 6.07 -23.42 3.60
N THR B 560 6.78 -24.52 3.82
CA THR B 560 6.13 -25.68 4.31
C THR B 560 7.04 -26.60 5.10
N ASN B 561 6.39 -27.41 5.94
CA ASN B 561 7.08 -28.55 6.61
C ASN B 561 6.69 -29.89 6.00
N CYS B 562 5.88 -29.83 4.93
CA CYS B 562 5.59 -30.99 4.12
C CYS B 562 6.82 -31.47 3.40
N ASP B 563 6.87 -32.75 3.04
CA ASP B 563 8.03 -33.22 2.25
C ASP B 563 7.97 -33.07 0.74
N GLU B 564 6.83 -32.57 0.24
CA GLU B 564 6.52 -32.34 -1.17
C GLU B 564 5.33 -31.37 -1.29
N VAL B 565 5.33 -30.54 -2.31
CA VAL B 565 4.15 -29.74 -2.62
C VAL B 565 3.73 -30.00 -4.06
N GLU B 566 2.42 -30.07 -4.29
CA GLU B 566 1.89 -30.17 -5.64
C GLU B 566 1.28 -28.88 -6.09
N PHE B 567 1.56 -28.51 -7.33
CA PHE B 567 1.04 -27.32 -7.98
C PHE B 567 0.13 -27.83 -9.06
N GLU B 568 -1.03 -27.20 -9.17
CA GLU B 568 -2.00 -27.54 -10.19
C GLU B 568 -2.73 -26.30 -10.74
N CYS B 569 -2.59 -26.09 -12.05
CA CYS B 569 -3.27 -25.02 -12.76
C CYS B 569 -3.36 -25.31 -14.25
N ALA B 570 -4.54 -25.27 -14.80
CA ALA B 570 -4.78 -25.39 -16.24
C ALA B 570 -4.07 -26.50 -17.03
N GLY B 571 -4.17 -27.71 -16.51
CA GLY B 571 -3.48 -28.84 -17.13
C GLY B 571 -1.99 -28.97 -16.84
N VAL B 572 -1.44 -28.13 -15.97
CA VAL B 572 -0.08 -28.33 -15.50
C VAL B 572 -0.22 -28.85 -14.10
N THR B 573 0.30 -30.05 -13.85
CA THR B 573 0.31 -30.67 -12.54
C THR B 573 1.74 -31.14 -12.31
N ARG B 574 2.34 -30.68 -11.20
CA ARG B 574 3.73 -31.00 -10.83
C ARG B 574 3.91 -31.17 -9.34
N ARG B 575 4.52 -32.27 -8.95
CA ARG B 575 4.86 -32.43 -7.58
C ARG B 575 6.33 -32.03 -7.41
N VAL B 576 6.65 -31.27 -6.38
CA VAL B 576 8.03 -30.75 -6.23
C VAL B 576 8.46 -30.87 -4.78
N GLY B 577 9.71 -31.30 -4.61
CA GLY B 577 10.30 -31.43 -3.31
C GLY B 577 10.90 -30.13 -2.84
N PRO B 578 11.45 -30.14 -1.60
CA PRO B 578 11.97 -28.91 -1.02
C PRO B 578 13.28 -28.56 -1.70
N ASP B 579 13.55 -27.27 -1.87
CA ASP B 579 14.79 -26.84 -2.43
C ASP B 579 15.90 -26.96 -1.38
N ARG B 580 16.41 -28.16 -1.23
CA ARG B 580 17.54 -28.42 -0.37
C ARG B 580 18.86 -27.89 -0.93
N GLU B 581 18.91 -27.63 -2.21
CA GLU B 581 20.14 -27.19 -2.84
C GLU B 581 20.32 -25.75 -2.48
N ARG B 582 19.29 -24.96 -2.65
CA ARG B 582 19.37 -23.55 -2.24
C ARG B 582 19.47 -23.32 -0.73
N PHE B 583 18.78 -24.14 0.05
CA PHE B 583 18.74 -24.03 1.51
C PHE B 583 19.18 -25.30 2.22
N PRO B 584 20.42 -25.74 1.98
CA PRO B 584 20.74 -27.06 2.53
C PRO B 584 20.56 -27.21 4.05
N HIS B 585 20.66 -26.13 4.83
CA HIS B 585 20.70 -26.25 6.31
C HIS B 585 19.38 -26.05 7.08
N LEU B 586 18.31 -25.58 6.42
CA LEU B 586 17.04 -25.38 7.12
C LEU B 586 16.42 -26.72 7.54
N PRO B 587 15.81 -26.78 8.74
CA PRO B 587 15.04 -27.97 9.09
C PRO B 587 13.90 -28.25 8.09
N ARG B 588 13.18 -27.21 7.65
CA ARG B 588 12.09 -27.34 6.67
C ARG B 588 12.30 -26.32 5.55
N PRO B 589 13.10 -26.71 4.55
CA PRO B 589 13.32 -25.85 3.42
C PRO B 589 12.03 -25.72 2.68
N PRO B 590 11.76 -24.53 2.14
CA PRO B 590 10.53 -24.39 1.39
C PRO B 590 10.61 -25.10 0.07
N VAL B 591 9.45 -25.35 -0.48
CA VAL B 591 9.35 -25.74 -1.87
C VAL B 591 9.39 -24.51 -2.78
N ILE B 592 10.25 -24.57 -3.79
CA ILE B 592 10.24 -23.54 -4.83
C ILE B 592 9.93 -24.13 -6.16
N ILE B 593 8.86 -23.66 -6.75
CA ILE B 593 8.40 -24.14 -8.04
C ILE B 593 8.80 -23.12 -9.09
N ASP B 594 9.81 -23.44 -9.89
CA ASP B 594 10.32 -22.49 -10.87
C ASP B 594 10.50 -23.14 -12.24
N HIS B 595 11.28 -22.53 -13.11
CA HIS B 595 11.52 -22.99 -14.48
C HIS B 595 12.07 -24.42 -14.67
N ARG B 596 12.70 -24.97 -13.63
CA ARG B 596 13.10 -26.38 -13.60
C ARG B 596 11.95 -27.33 -13.61
N HIS B 597 10.81 -26.90 -13.12
CA HIS B 597 9.64 -27.74 -12.98
C HIS B 597 8.56 -27.42 -13.94
N ILE B 598 8.51 -26.17 -14.36
CA ILE B 598 7.52 -25.72 -15.33
C ILE B 598 8.18 -24.68 -16.20
N SER B 599 7.95 -24.81 -17.49
CA SER B 599 8.60 -24.03 -18.46
C SER B 599 7.70 -22.91 -18.93
N ALA B 600 8.38 -21.92 -19.49
CA ALA B 600 7.81 -20.69 -20.04
C ALA B 600 6.90 -21.02 -21.22
N GLU B 601 7.47 -21.85 -22.12
CA GLU B 601 6.75 -22.26 -23.32
CA GLU B 601 6.78 -22.32 -23.31
C GLU B 601 5.49 -23.01 -22.89
N GLU B 602 5.59 -23.91 -21.91
CA GLU B 602 4.39 -24.61 -21.31
C GLU B 602 3.28 -23.69 -20.86
N LEU B 603 3.63 -22.50 -20.37
CA LEU B 603 2.65 -21.57 -19.77
C LEU B 603 1.77 -20.91 -20.84
N GLY B 604 2.25 -20.88 -22.09
CA GLY B 604 1.48 -20.29 -23.16
C GLY B 604 0.18 -21.00 -23.46
N GLN B 605 0.06 -22.27 -23.06
CA GLN B 605 -1.19 -23.08 -23.23
C GLN B 605 -2.37 -22.54 -22.42
N TRP B 606 -2.02 -21.88 -21.32
CA TRP B 606 -3.01 -21.20 -20.46
C TRP B 606 -3.88 -20.25 -21.33
N GLY B 607 -3.21 -19.55 -22.24
CA GLY B 607 -3.87 -18.72 -23.23
C GLY B 607 -3.93 -17.40 -22.51
N MET B 608 -4.98 -16.65 -22.75
CA MET B 608 -5.04 -15.32 -22.18
C MET B 608 -5.93 -15.18 -20.95
N SER B 609 -6.73 -16.18 -20.62
CA SER B 609 -7.56 -16.18 -19.42
C SER B 609 -6.65 -16.49 -18.23
N TRP B 610 -7.02 -15.92 -17.08
CA TRP B 610 -6.38 -16.30 -15.81
C TRP B 610 -7.17 -17.45 -15.16
N HIS B 611 -6.45 -18.38 -14.54
CA HIS B 611 -6.97 -19.67 -14.14
C HIS B 611 -6.80 -19.86 -12.68
N PRO B 612 -7.84 -20.43 -12.04
CA PRO B 612 -7.67 -20.87 -10.65
C PRO B 612 -6.57 -21.90 -10.49
N GLY B 613 -6.18 -22.09 -9.25
CA GLY B 613 -5.07 -22.95 -8.91
C GLY B 613 -5.35 -23.68 -7.62
N ARG B 614 -4.51 -24.66 -7.34
CA ARG B 614 -4.65 -25.54 -6.22
C ARG B 614 -3.24 -26.02 -5.81
N ILE B 615 -2.80 -25.62 -4.62
CA ILE B 615 -1.59 -26.09 -4.00
C ILE B 615 -1.89 -27.11 -2.86
N THR B 616 -1.29 -28.28 -2.98
CA THR B 616 -1.51 -29.35 -2.02
C THR B 616 -0.21 -29.74 -1.33
N GLY B 617 -0.24 -30.00 0.00
CA GLY B 617 0.94 -30.36 0.78
C GLY B 617 0.95 -31.86 0.98
N TRP B 618 2.06 -32.51 0.74
CA TRP B 618 2.08 -33.97 0.85
C TRP B 618 3.04 -34.44 1.95
N LEU B 619 2.57 -35.36 2.79
CA LEU B 619 3.42 -35.96 3.84
C LEU B 619 3.38 -37.50 3.86
N ASN B 620 4.55 -38.14 3.70
CA ASN B 620 4.70 -39.62 3.54
C ASN B 620 3.51 -40.13 2.68
N GLY B 621 3.38 -39.60 1.45
CA GLY B 621 2.40 -40.04 0.46
C GLY B 621 0.95 -39.58 0.61
N GLU B 622 0.63 -38.88 1.70
CA GLU B 622 -0.73 -38.40 1.98
C GLU B 622 -0.90 -36.91 1.87
N GLN B 623 -2.08 -36.51 1.42
CA GLN B 623 -2.39 -35.14 1.27
C GLN B 623 -2.74 -34.61 2.64
N VAL B 624 -2.03 -33.60 3.09
CA VAL B 624 -2.25 -33.06 4.41
C VAL B 624 -2.49 -31.54 4.42
N ALA B 625 -2.72 -30.94 3.26
CA ALA B 625 -2.94 -29.51 3.21
C ALA B 625 -3.37 -29.15 1.84
N LEU B 626 -4.35 -28.27 1.79
CA LEU B 626 -4.86 -27.73 0.58
C LEU B 626 -4.98 -26.24 0.65
N ARG B 627 -4.51 -25.53 -0.37
CA ARG B 627 -4.84 -24.12 -0.51
C ARG B 627 -5.30 -23.88 -1.93
N GLU B 628 -6.52 -23.40 -2.04
CA GLU B 628 -7.07 -23.01 -3.35
C GLU B 628 -6.94 -21.55 -3.56
N TYR B 629 -6.88 -21.17 -4.82
CA TYR B 629 -6.90 -19.79 -5.22
C TYR B 629 -7.85 -19.67 -6.42
N VAL B 630 -8.78 -18.73 -6.34
CA VAL B 630 -9.67 -18.48 -7.44
C VAL B 630 -9.03 -17.45 -8.35
N ALA B 631 -9.57 -17.40 -9.56
CA ALA B 631 -9.08 -16.43 -10.56
C ALA B 631 -9.75 -15.04 -10.44
N ASP B 632 -10.94 -15.07 -9.85
CA ASP B 632 -11.79 -13.91 -9.75
C ASP B 632 -12.19 -13.54 -8.31
N PRO B 633 -11.24 -13.17 -7.42
CA PRO B 633 -11.60 -13.07 -6.04
C PRO B 633 -12.60 -11.97 -5.84
N LEU B 634 -13.60 -12.24 -5.00
CA LEU B 634 -14.66 -11.31 -4.72
C LEU B 634 -14.90 -11.24 -3.22
N PRO B 635 -15.37 -10.09 -2.74
CA PRO B 635 -15.81 -9.93 -1.34
C PRO B 635 -16.91 -10.91 -0.95
N THR B 636 -16.56 -11.79 -0.03
CA THR B 636 -17.41 -12.89 0.36
C THR B 636 -17.69 -12.90 1.86
N THR B 637 -16.61 -12.83 2.69
CA THR B 637 -16.63 -12.97 4.15
C THR B 637 -15.74 -11.93 4.82
N LEU B 638 -16.38 -11.13 5.66
CA LEU B 638 -15.72 -10.16 6.46
C LEU B 638 -15.54 -10.86 7.81
N GLN B 639 -14.43 -11.54 7.99
CA GLN B 639 -14.23 -12.46 9.11
C GLN B 639 -13.78 -11.71 10.38
N ILE B 640 -14.40 -12.00 11.51
CA ILE B 640 -14.07 -11.42 12.77
C ILE B 640 -13.55 -12.60 13.59
N ALA B 641 -12.26 -12.62 13.89
CA ALA B 641 -11.59 -13.75 14.54
C ALA B 641 -11.04 -13.31 15.86
N PRO B 642 -11.81 -13.40 16.94
CA PRO B 642 -11.21 -13.20 18.26
C PRO B 642 -10.30 -14.38 18.64
N ASP B 643 -9.31 -14.09 19.47
CA ASP B 643 -8.40 -15.11 19.97
C ASP B 643 -9.03 -16.18 20.86
N ARG B 644 -10.02 -15.78 21.64
CA ARG B 644 -10.71 -16.69 22.53
C ARG B 644 -12.22 -16.49 22.37
N ASP B 645 -12.99 -17.57 22.51
CA ASP B 645 -14.48 -17.47 22.52
C ASP B 645 -15.05 -17.19 23.89
N THR B 646 -14.34 -17.60 24.90
CA THR B 646 -14.73 -17.31 26.25
C THR B 646 -13.58 -16.73 27.10
N LEU B 647 -14.02 -16.01 28.13
CA LEU B 647 -13.17 -15.22 28.98
C LEU B 647 -13.82 -15.02 30.32
N PRO B 648 -12.99 -14.90 31.40
CA PRO B 648 -13.48 -14.51 32.68
C PRO B 648 -13.77 -12.98 32.80
N ALA B 649 -14.68 -12.56 33.69
CA ALA B 649 -14.94 -11.11 33.90
C ALA B 649 -13.73 -10.48 34.65
N ASP B 650 -12.74 -10.08 33.83
CA ASP B 650 -11.43 -9.70 34.29
C ASP B 650 -11.10 -8.45 33.57
N GLY B 651 -11.09 -7.37 34.31
CA GLY B 651 -10.84 -6.06 33.75
C GLY B 651 -9.43 -5.83 33.22
N ASP B 652 -8.52 -6.82 33.36
CA ASP B 652 -7.13 -6.67 32.92
C ASP B 652 -6.94 -7.14 31.48
N ILE B 653 -7.93 -7.86 30.97
CA ILE B 653 -7.85 -8.49 29.62
C ILE B 653 -8.02 -7.51 28.44
N ASP B 654 -7.00 -7.49 27.56
CA ASP B 654 -7.04 -6.87 26.26
C ASP B 654 -7.21 -7.97 25.24
N LEU B 655 -8.42 -8.12 24.72
CA LEU B 655 -8.70 -9.14 23.74
C LEU B 655 -8.34 -8.69 22.33
N ARG B 656 -7.41 -9.43 21.68
CA ARG B 656 -7.19 -9.30 20.24
C ARG B 656 -8.24 -9.98 19.37
N VAL B 657 -8.76 -9.20 18.44
CA VAL B 657 -9.71 -9.63 17.44
C VAL B 657 -9.15 -9.21 16.08
N MET B 658 -9.00 -10.16 15.18
CA MET B 658 -8.56 -9.84 13.81
C MET B 658 -9.74 -9.62 12.85
N LEU B 659 -9.55 -8.83 11.80
CA LEU B 659 -10.58 -8.62 10.78
C LEU B 659 -9.95 -9.04 9.47
N ARG B 660 -10.55 -9.95 8.72
CA ARG B 660 -9.96 -10.33 7.44
C ARG B 660 -10.93 -10.16 6.27
N ALA B 661 -10.50 -9.48 5.22
CA ALA B 661 -11.31 -9.40 4.05
C ALA B 661 -11.08 -10.61 3.14
N LEU B 662 -12.06 -11.53 3.07
CA LEU B 662 -11.89 -12.83 2.43
C LEU B 662 -12.71 -13.04 1.17
N ASP B 663 -12.06 -13.74 0.22
CA ASP B 663 -12.61 -14.12 -1.01
C ASP B 663 -13.37 -15.47 -0.86
N GLN B 664 -13.86 -16.01 -1.96
CA GLN B 664 -14.70 -17.19 -1.97
C GLN B 664 -14.03 -18.39 -1.41
N VAL B 665 -12.72 -18.47 -1.52
CA VAL B 665 -12.01 -19.65 -0.99
C VAL B 665 -11.28 -19.30 0.30
N GLY B 666 -11.75 -18.24 0.95
CA GLY B 666 -11.17 -17.73 2.18
C GLY B 666 -9.77 -17.11 2.10
N ASN B 667 -9.37 -16.56 0.95
CA ASN B 667 -8.09 -15.83 0.85
C ASN B 667 -8.31 -14.35 0.98
N ARG B 668 -7.33 -13.68 1.62
CA ARG B 668 -7.41 -12.19 1.78
C ARG B 668 -7.41 -11.50 0.45
N LEU B 669 -8.10 -10.38 0.42
CA LEU B 669 -8.02 -9.41 -0.65
C LEU B 669 -6.86 -8.45 -0.35
N PRO B 670 -5.63 -8.72 -0.82
CA PRO B 670 -4.46 -7.97 -0.27
C PRO B 670 -4.48 -6.46 -0.55
N PHE B 671 -5.04 -6.05 -1.69
CA PHE B 671 -5.09 -4.63 -2.10
C PHE B 671 -6.45 -3.93 -1.98
N LEU B 672 -7.32 -4.45 -1.11
CA LEU B 672 -8.60 -3.78 -0.82
C LEU B 672 -8.36 -2.70 0.23
N ASP B 673 -8.41 -1.43 -0.20
CA ASP B 673 -8.17 -0.33 0.73
C ASP B 673 -9.57 -0.04 1.21
N ALA B 674 -9.82 -0.44 2.44
CA ALA B 674 -11.11 -0.20 2.97
C ALA B 674 -11.04 0.04 4.43
N GLY B 675 -12.03 0.81 4.89
CA GLY B 675 -12.29 0.96 6.32
C GLY B 675 -13.48 0.11 6.76
N ILE B 676 -13.20 -0.76 7.75
CA ILE B 676 -14.20 -1.62 8.35
C ILE B 676 -14.85 -0.88 9.55
N ALA B 677 -16.15 -0.58 9.44
CA ALA B 677 -16.86 0.09 10.51
C ALA B 677 -17.14 -0.94 11.61
N VAL B 678 -16.55 -0.72 12.79
CA VAL B 678 -16.71 -1.63 13.93
C VAL B 678 -17.65 -1.07 15.04
N THR B 679 -18.46 -1.97 15.62
CA THR B 679 -19.27 -1.69 16.79
C THR B 679 -18.96 -2.79 17.80
N VAL B 680 -18.49 -2.40 18.99
CA VAL B 680 -18.35 -3.30 20.13
C VAL B 680 -19.45 -3.02 21.18
N ASP B 681 -20.31 -4.00 21.39
CA ASP B 681 -21.40 -3.94 22.39
C ASP B 681 -21.07 -4.85 23.58
N GLY B 682 -21.49 -4.47 24.78
CA GLY B 682 -21.23 -5.29 25.95
C GLY B 682 -20.00 -4.91 26.76
N PRO B 683 -19.48 -5.86 27.57
CA PRO B 683 -18.61 -5.51 28.70
C PRO B 683 -17.11 -5.37 28.35
N ALA B 684 -16.83 -4.38 27.50
CA ALA B 684 -15.51 -4.19 26.86
C ALA B 684 -15.51 -2.94 26.00
N ARG B 685 -14.52 -2.07 26.12
CA ARG B 685 -14.39 -0.93 25.22
C ARG B 685 -13.34 -1.23 24.13
N LEU B 686 -13.63 -0.73 22.92
CA LEU B 686 -12.70 -0.80 21.76
C LEU B 686 -11.56 0.15 21.95
N ILE B 687 -10.34 -0.32 21.75
CA ILE B 687 -9.22 0.57 21.80
C ILE B 687 -8.92 1.04 20.38
N GLY B 688 -8.76 2.34 20.25
CA GLY B 688 -8.41 3.00 19.00
C GLY B 688 -9.69 3.32 18.25
N PRO B 689 -9.57 3.81 17.01
CA PRO B 689 -10.73 4.23 16.26
C PRO B 689 -11.71 3.12 15.93
N ASP B 690 -12.92 3.53 15.59
CA ASP B 690 -14.01 2.60 15.36
C ASP B 690 -14.17 2.30 13.91
N LEU B 691 -13.18 2.72 13.10
CA LEU B 691 -13.10 2.52 11.67
C LEU B 691 -11.68 1.94 11.41
N ARG B 692 -11.60 0.64 11.16
CA ARG B 692 -10.34 -0.13 11.16
C ARG B 692 -9.92 -0.33 9.74
N MET B 693 -8.72 0.12 9.39
CA MET B 693 -8.28 0.20 7.98
C MET B 693 -7.47 -1.01 7.63
N LEU B 694 -7.90 -1.71 6.61
CA LEU B 694 -7.21 -2.91 6.14
C LEU B 694 -5.87 -2.60 5.53
N GLN B 695 -4.91 -3.45 5.83
CA GLN B 695 -3.58 -3.36 5.28
C GLN B 695 -3.09 -4.81 5.00
N GLY B 696 -2.87 -5.07 3.73
CA GLY B 696 -2.71 -6.46 3.24
C GLY B 696 -3.98 -7.26 3.34
N GLY B 697 -5.15 -6.58 3.33
CA GLY B 697 -6.47 -7.24 3.40
C GLY B 697 -6.89 -7.71 4.79
N THR B 698 -6.06 -7.45 5.80
CA THR B 698 -6.40 -7.68 7.20
C THR B 698 -6.16 -6.43 8.06
N THR B 699 -6.82 -6.39 9.19
CA THR B 699 -6.37 -5.56 10.29
C THR B 699 -6.82 -6.13 11.65
N GLY B 700 -6.43 -5.43 12.71
CA GLY B 700 -6.56 -5.93 14.07
C GLY B 700 -7.05 -4.87 15.02
N MET B 701 -7.51 -5.32 16.18
CA MET B 701 -7.99 -4.44 17.26
C MET B 701 -7.97 -5.16 18.61
N LEU B 702 -7.85 -4.38 19.67
CA LEU B 702 -7.82 -4.87 21.01
C LEU B 702 -9.02 -4.26 21.74
N LEU B 703 -9.71 -5.13 22.49
CA LEU B 703 -10.84 -4.78 23.29
C LEU B 703 -10.46 -4.93 24.73
N ARG B 704 -10.67 -3.89 25.51
CA ARG B 704 -10.36 -3.90 26.94
C ARG B 704 -11.61 -4.28 27.67
N LEU B 705 -11.60 -5.44 28.32
CA LEU B 705 -12.75 -5.83 29.15
C LEU B 705 -12.97 -4.83 30.31
N THR B 706 -14.25 -4.57 30.60
CA THR B 706 -14.64 -3.77 31.75
C THR B 706 -14.42 -4.58 32.97
N GLY B 707 -14.78 -5.85 32.92
CA GLY B 707 -14.70 -6.68 34.09
C GLY B 707 -16.07 -7.05 34.62
N ASP B 708 -17.14 -6.49 34.04
CA ASP B 708 -18.54 -7.01 34.25
C ASP B 708 -18.70 -8.32 33.46
N ALA B 709 -19.62 -9.20 33.85
CA ALA B 709 -19.85 -10.45 33.07
C ALA B 709 -20.85 -10.17 31.96
N GLY B 710 -20.90 -11.04 30.93
CA GLY B 710 -21.84 -10.84 29.81
C GLY B 710 -21.34 -11.28 28.44
N THR B 711 -21.81 -10.60 27.39
CA THR B 711 -21.43 -10.98 26.03
C THR B 711 -20.84 -9.81 25.25
N ILE B 712 -19.64 -10.01 24.74
CA ILE B 712 -19.05 -9.04 23.87
C ILE B 712 -19.61 -9.37 22.50
N ARG B 713 -20.14 -8.35 21.88
CA ARG B 713 -20.74 -8.46 20.59
C ARG B 713 -20.03 -7.49 19.68
N ILE B 714 -19.38 -8.05 18.67
CA ILE B 714 -18.60 -7.30 17.69
C ILE B 714 -19.32 -7.34 16.33
N THR B 715 -19.65 -6.18 15.77
CA THR B 715 -20.23 -6.04 14.43
C THR B 715 -19.17 -5.36 13.58
N ALA B 716 -18.97 -5.88 12.38
CA ALA B 716 -18.00 -5.33 11.43
C ALA B 716 -18.86 -5.17 10.16
N ARG B 717 -18.77 -3.98 9.57
CA ARG B 717 -19.56 -3.60 8.44
C ARG B 717 -18.70 -2.98 7.35
N HIS B 718 -19.00 -3.35 6.11
CA HIS B 718 -18.43 -2.69 4.92
C HIS B 718 -19.39 -2.90 3.72
N PRO B 719 -19.63 -1.86 2.90
CA PRO B 719 -20.66 -1.92 1.80
C PRO B 719 -20.50 -3.07 0.79
N GLN B 720 -19.28 -3.55 0.59
CA GLN B 720 -19.03 -4.70 -0.28
C GLN B 720 -19.19 -6.05 0.36
N PHE B 721 -19.34 -6.14 1.68
CA PHE B 721 -19.37 -7.42 2.39
C PHE B 721 -20.70 -7.57 3.07
N PRO B 722 -21.13 -8.81 3.37
CA PRO B 722 -22.31 -8.93 4.29
C PRO B 722 -21.87 -8.58 5.70
N GLU B 723 -22.79 -8.02 6.46
CA GLU B 723 -22.54 -7.65 7.83
C GLU B 723 -22.11 -8.86 8.59
N ALA B 724 -21.12 -8.69 9.46
CA ALA B 724 -20.57 -9.77 10.23
C ALA B 724 -20.62 -9.46 11.70
N VAL B 725 -20.79 -10.54 12.48
CA VAL B 725 -21.00 -10.49 13.92
C VAL B 725 -20.26 -11.63 14.62
N ALA B 726 -19.38 -11.34 15.57
CA ALA B 726 -18.77 -12.35 16.40
C ALA B 726 -19.20 -12.11 17.82
N THR B 727 -19.34 -13.18 18.60
CA THR B 727 -19.64 -13.02 20.06
C THR B 727 -18.53 -13.64 20.92
N VAL B 728 -18.29 -13.06 22.08
CA VAL B 728 -17.36 -13.65 23.06
C VAL B 728 -18.06 -13.60 24.40
N THR B 729 -18.29 -14.77 25.02
CA THR B 729 -18.90 -14.83 26.37
C THR B 729 -17.89 -14.65 27.57
N VAL B 730 -18.17 -13.62 28.36
CA VAL B 730 -17.33 -13.08 29.39
C VAL B 730 -17.94 -13.53 30.72
N GLY B 731 -17.37 -14.60 31.29
CA GLY B 731 -17.70 -15.11 32.63
C GLY B 731 -16.96 -16.42 32.90
C ACT C . 19.11 1.54 12.27
O ACT C . 18.98 2.49 11.46
OXT ACT C . 18.10 0.96 12.78
CH3 ACT C . 20.50 1.07 12.64
C ACT D . 19.43 -11.22 -29.98
O ACT D . 20.01 -10.11 -30.02
OXT ACT D . 19.36 -11.86 -28.90
CH3 ACT D . 18.80 -11.79 -31.23
C ACT E . -1.59 25.86 -25.93
O ACT E . -2.59 25.48 -25.28
OXT ACT E . -0.70 25.06 -26.27
CH3 ACT E . -1.44 27.32 -26.30
C1 BTB F . -18.39 -12.06 -48.19
O1 BTB F . -18.97 -13.26 -47.63
C2 BTB F . -18.90 -10.73 -47.65
C3 BTB F . -18.32 -9.65 -48.55
O3 BTB F . -18.59 -8.34 -48.02
C4 BTB F . -18.24 -10.36 -46.31
O4 BTB F . -18.26 -11.48 -45.43
N BTB F . -20.42 -10.64 -47.62
C5 BTB F . -21.10 -10.73 -48.97
C6 BTB F . -21.53 -9.41 -49.64
O6 BTB F . -22.74 -8.81 -49.14
C7 BTB F . -21.12 -11.59 -46.66
C8 BTB F . -21.24 -11.12 -45.22
O8 BTB F . -20.60 -12.04 -44.31
C1 PEG G . 16.26 23.51 5.50
O1 PEG G . 17.33 22.82 6.16
C2 PEG G . 15.04 22.62 5.34
O2 PEG G . 14.15 22.88 6.43
C3 PEG G . 12.77 22.66 6.11
C4 PEG G . 11.96 22.32 7.37
O4 PEG G . 11.58 23.49 8.11
C1 PEG H . 21.36 12.93 6.12
O1 PEG H . 21.72 11.94 5.13
C2 PEG H . 21.18 12.29 7.48
O2 PEG H . 21.43 10.87 7.47
C3 PEG H . 20.63 10.20 8.45
C4 PEG H . 21.05 8.77 8.67
O4 PEG H . 20.92 7.95 7.48
C ACT I . 4.52 -26.79 24.70
O ACT I . 4.32 -25.63 24.30
OXT ACT I . 5.24 -27.59 24.05
CH3 ACT I . 3.90 -27.24 26.00
C ACT J . 36.60 -11.47 2.29
O ACT J . 37.28 -11.13 3.28
OXT ACT J . 35.75 -10.69 1.81
CH3 ACT J . 36.80 -12.83 1.69
C ACT K . 17.37 -2.03 15.92
O ACT K . 18.28 -2.38 16.74
OXT ACT K . 17.39 -2.28 14.69
CH3 ACT K . 16.16 -1.30 16.40
C ACT L . 37.28 -14.20 25.59
O ACT L . 36.17 -14.59 26.02
OXT ACT L . 38.18 -14.99 25.32
CH3 ACT L . 37.56 -12.74 25.36
C ACT M . 35.37 -13.87 29.09
O ACT M . 34.44 -13.77 29.89
OXT ACT M . 36.01 -14.93 28.96
CH3 ACT M . 35.72 -12.66 28.27
#